data_3J0F
#
_entry.id   3J0F
#
_cell.length_a   1.000
_cell.length_b   1.000
_cell.length_c   1.000
_cell.angle_alpha   90.00
_cell.angle_beta   90.00
_cell.angle_gamma   90.00
#
_symmetry.space_group_name_H-M   'P 1'
#
loop_
_entity.id
_entity.type
_entity.pdbx_description
1 polymer 'Capsid protein'
2 polymer 'E1 envelope glycoprotein'
3 polymer 'E2 envelope glycoprotein'
#
loop_
_entity_poly.entity_id
_entity_poly.type
_entity_poly.pdbx_seq_one_letter_code
_entity_poly.pdbx_strand_id
1 'polypeptide(L)'
;MNRGFFNMLGRRPFPAPTAMWRPRRRRQAAPMPARNGLASQIQQLTTAVSALVIGQATRPQPPRPRPPPRQKKQAPKQPP
KPKKPKTQEKKKKQPAKPKPGKRQRMALKLEADRLFDVKNEDGDVIGHALAMEGKVMKPLHVKGTIDHPVLSKLKFTKSS
AYDMEFAQLPVNMRSEAFTYTSEHPEGFYNWHHGAVQYSGGRFTIPRGVGGRGDSGRPIMDNSGRVVAIVLGGADEGTRT
ALSVVTWNSKGKTIKTTPEGTEEW
;
A,B,C,D
2 'polypeptide(L)'
;YEHATTVPNVPQIPYKALVERAGYAPLNLEITVMSSEVLPSTNQEYITCKFTTVVPSPKIKCCGSLECQPAAHADYTCKV
FGGVYPFMWGGAQCFCDSENSQMSEAYVELSADCASDHAQAIKVHTAAMKVGLRIVYGNTTSFLDVYVNGVTPGTSKDLK
VIAGPISASFTPFDHKVVIHRGLVYNYDFPEYGAMKPGAFGDIQATSLTSKDLIASTDIRLLKPSAKNVHVPYTQASSGF
EMWKNNSGRPLQETAPFGCKIAVNPLRAVDCSYGNIPISIDIPNAAFIRTSDAPLVSTVKCEVSECTYSADFGGMATLQY
VSDREGQCPVHSHSSTATLQESTVHVLEKGAVTVHFSTASPQANFIVSLCGKKTTCNAECKPPADHIVSTPHKNDQEFQA
AISKTSWSWLFALFGGASSLLIIGLMIFACSMMLTSTRR
;
E,F,G,H
3 'polypeptide(L)'
;SVIDDFTLTSPYLGTCSYCHHTVPCFSPVKIEQVWDEADDNTIRIQTSAQFGYDQSGAASANKYRYMSLKQDHTVKEGTM
DDIKISTSGPCRRLSYKGYFLLAKCPPGDSVTVSIVSSNSATSCTLARKIKPKFVGREKYDLPPVHGKKIPCTVYDRLKE
TTAGYITMHRPRPHAYTSYLEESSGKVYAKPPSGKNITYECKCGDYKTGTVSTRTEITGCTAIKQCVAYKSDQTKWVFNS
PDLIRHDDHTAQGKLHLPFKLIPSTCMVPVAHAPNVIHGFKHISLQLDTDHLTLLTTRRLGANPEPTTEWIVGKTVRNFT
VDRDGLEYIWGNHEPVRVYAQESAPGDPHGWPHEIVQHYYHRHPVYTILAVASATVAMMIGVTVAVLCACKARRECLTPY
ALAPNAVIPTSLALLCCVRSANA
;
I,J,K,L
#
# COMPACT_ATOMS: atom_id res chain seq x y z
CA MET A 106 20.79 -101.32 30.95
CA ALA A 107 22.72 -98.12 30.05
CA LEU A 108 23.93 -97.11 28.12
CA LYS A 109 26.17 -94.02 28.18
CA LEU A 110 25.10 -92.53 24.83
CA GLU A 111 26.01 -88.84 24.77
CA ALA A 112 26.56 -86.05 22.30
CA ASP A 113 28.59 -84.01 21.20
CA ARG A 114 25.30 -85.14 19.58
CA LEU A 115 22.52 -84.65 22.09
CA PHE A 116 21.77 -81.09 23.21
CA ASP A 117 19.44 -79.38 25.68
CA VAL A 118 16.58 -77.08 24.77
CA LYS A 119 17.00 -74.03 26.63
CA ASN A 120 14.03 -71.81 27.43
CA GLU A 121 14.07 -68.07 28.16
CA ASP A 122 15.36 -68.47 31.72
CA GLY A 123 17.65 -71.34 30.73
CA ASP A 124 15.88 -74.61 31.60
CA VAL A 125 15.40 -78.21 30.29
CA ILE A 126 12.14 -78.90 28.48
CA GLY A 127 13.44 -81.21 25.77
CA HIS A 128 16.32 -82.26 23.54
CA ALA A 129 17.78 -81.68 20.10
CA LEU A 130 19.99 -84.02 18.12
CA ALA A 131 22.72 -84.25 15.48
CA MET A 132 21.79 -86.98 13.05
CA GLU A 133 22.13 -87.66 9.34
CA GLY A 134 23.58 -84.20 8.75
CA LYS A 135 20.88 -82.24 10.56
CA VAL A 136 20.15 -80.80 13.99
CA MET A 137 16.56 -81.75 14.78
CA LYS A 138 14.17 -81.11 17.63
CA PRO A 139 10.43 -81.50 18.26
CA LEU A 140 8.55 -78.45 17.03
CA HIS A 141 6.17 -78.42 20.05
CA VAL A 142 9.20 -77.72 22.30
CA LYS A 143 9.45 -73.93 22.53
CA GLY A 144 12.79 -72.98 23.95
CA THR A 145 16.32 -72.36 22.74
CA ILE A 146 19.00 -74.87 21.87
CA ASP A 147 21.71 -74.60 24.57
CA HIS A 148 24.55 -74.31 22.06
CA PRO A 149 26.45 -71.17 20.86
CA VAL A 150 26.51 -72.34 17.27
CA LEU A 151 23.33 -74.41 16.90
CA SER A 152 21.07 -71.75 18.41
CA LYS A 153 21.98 -69.33 15.63
CA LEU A 154 21.08 -71.58 12.72
CA LYS A 155 18.04 -71.05 10.53
CA PHE A 156 15.48 -73.81 11.37
CA THR A 157 12.95 -75.29 8.93
CA LYS A 158 9.67 -76.47 10.33
CA SER A 159 7.61 -79.56 9.63
CA SER A 160 4.26 -79.37 11.36
CA ALA A 161 2.95 -82.58 9.83
CA TYR A 162 5.64 -84.44 11.82
CA ASP A 163 6.31 -82.20 14.86
CA MET A 164 9.87 -81.73 13.69
CA GLU A 165 12.08 -78.70 13.28
CA PHE A 166 15.51 -79.00 11.65
CA ALA A 167 18.59 -77.26 10.23
CA GLN A 168 21.69 -78.40 8.34
CA LEU A 169 24.72 -79.33 10.50
CA PRO A 170 27.76 -77.08 10.28
CA VAL A 171 30.34 -78.72 7.95
CA ASN A 172 32.43 -79.47 11.04
CA MET A 173 29.82 -81.00 13.30
CA ARG A 174 28.57 -83.27 10.50
CA SER A 175 30.94 -85.98 11.71
CA GLU A 176 29.79 -85.71 15.37
CA ALA A 177 26.34 -87.23 14.67
CA PHE A 178 24.09 -90.32 15.04
CA THR A 179 23.28 -92.72 12.23
CA TYR A 180 19.70 -93.76 11.72
CA THR A 181 18.32 -97.18 10.85
CA SER A 182 14.87 -98.11 9.61
CA GLU A 183 15.10 -101.74 10.63
CA HIS A 184 13.62 -102.42 14.06
CA PRO A 185 12.83 -106.07 14.71
CA GLU A 186 10.70 -106.64 17.77
CA GLY A 187 12.62 -106.93 21.04
CA PHE A 188 14.29 -104.52 23.45
CA TYR A 189 16.00 -101.21 22.76
CA ASN A 190 17.86 -98.63 24.76
CA TRP A 191 17.20 -95.06 25.89
CA HIS A 192 18.24 -92.72 28.64
CA HIS A 193 15.98 -94.31 31.23
CA GLY A 194 16.67 -97.92 30.40
CA ALA A 195 14.89 -100.47 28.24
CA VAL A 196 12.36 -99.67 25.57
CA GLN A 197 10.25 -102.55 24.31
CA TYR A 198 9.15 -102.69 20.71
CA SER A 199 6.21 -104.98 19.99
CA GLY A 200 2.94 -104.65 18.14
CA GLY A 201 4.07 -101.72 16.07
CA ARG A 202 4.53 -99.84 19.37
CA PHE A 203 7.43 -98.69 21.55
CA THR A 204 6.52 -98.85 25.25
CA ILE A 205 8.18 -98.15 28.55
CA PRO A 206 6.97 -98.64 32.12
CA ARG A 207 4.31 -96.19 33.33
CA GLY A 208 5.52 -93.28 35.42
CA VAL A 209 8.91 -92.99 33.65
CA GLY A 210 8.58 -90.56 30.72
CA GLY A 211 7.47 -86.94 31.02
CA ARG A 212 8.74 -83.41 30.50
CA GLY A 213 12.37 -83.27 29.37
CA ASP A 214 12.15 -86.55 27.40
CA SER A 215 11.01 -85.05 24.08
CA GLY A 216 13.70 -85.32 21.45
CA ARG A 217 15.50 -88.19 23.18
CA PRO A 218 16.47 -90.97 20.74
CA ILE A 219 15.71 -94.69 21.15
CA MET A 220 18.71 -96.83 20.13
CA ASP A 221 19.77 -100.35 19.25
CA ASN A 222 22.82 -102.20 20.55
CA SER A 223 24.96 -101.15 17.60
CA GLY A 224 24.33 -97.56 18.59
CA ARG A 225 22.04 -96.47 15.78
CA VAL A 226 18.93 -94.36 16.23
CA VAL A 227 15.65 -96.15 15.61
CA ALA A 228 13.18 -93.45 16.70
CA ILE A 229 12.83 -90.05 18.40
CA VAL A 230 10.46 -89.63 21.37
CA LEU A 231 7.72 -86.98 21.21
CA GLY A 232 5.33 -87.90 24.00
CA GLY A 233 3.39 -90.79 25.51
CA ALA A 234 0.02 -92.41 26.22
CA ASP A 235 -0.37 -94.57 29.34
CA GLU A 236 -2.21 -97.78 28.69
CA GLY A 237 -2.45 -100.02 31.73
CA THR A 238 0.93 -100.89 33.23
CA ARG A 239 2.79 -99.23 30.34
CA THR A 240 3.20 -96.02 28.30
CA ALA A 241 3.03 -96.14 24.49
CA LEU A 242 5.29 -93.60 22.84
CA SER A 243 4.51 -91.09 20.14
CA VAL A 244 6.20 -92.02 18.68
CA VAL A 245 7.69 -91.27 15.29
CA THR A 246 9.00 -94.17 13.20
CA TRP A 247 9.89 -94.71 9.56
CA ASN A 248 8.85 -97.68 7.39
CA SER A 249 10.90 -99.90 5.11
CA LYS A 250 10.54 -97.42 2.24
CA GLY A 251 11.71 -94.58 4.49
CA LYS A 252 8.32 -92.92 4.94
CA THR A 253 7.81 -91.16 8.28
CA ILE A 254 4.90 -92.35 10.32
CA LYS A 255 3.34 -90.96 13.47
CA THR A 256 1.27 -92.89 16.00
CA THR A 257 0.80 -91.12 17.93
CA PRO A 258 -1.21 -93.26 20.31
CA GLU A 259 -4.73 -92.30 21.47
CA GLY A 260 -4.62 -89.74 24.23
CA THR A 261 -0.90 -89.03 23.78
CA GLU A 262 0.46 -86.17 25.86
CA GLU A 263 3.39 -84.28 24.41
CA TRP A 264 6.53 -84.28 26.56
CA MET B 106 30.65 -69.04 66.11
CA ALA B 107 29.04 -70.05 62.77
CA LEU B 108 26.81 -70.64 61.83
CA LYS B 109 26.08 -72.14 58.41
CA LEU B 110 22.89 -70.19 57.64
CA GLU B 111 22.26 -70.26 53.90
CA ALA B 112 19.45 -69.75 51.44
CA ASP B 113 17.75 -71.07 49.24
CA ARG B 114 16.98 -67.86 51.18
CA LEU B 115 19.95 -65.54 50.86
CA PHE B 116 20.82 -64.26 47.39
CA ASP B 117 23.54 -62.13 45.80
CA VAL B 118 23.01 -58.72 44.24
CA LYS B 119 24.41 -58.81 40.93
CA ASN B 120 25.57 -55.64 39.22
CA GLU B 121 25.89 -55.02 35.46
CA ASP B 122 29.13 -57.00 35.10
CA GLY B 123 27.98 -59.62 37.60
CA ASP B 124 29.54 -58.77 40.98
CA VAL B 125 28.74 -58.84 44.76
CA ILE B 126 27.72 -55.51 46.29
CA GLY B 127 25.06 -56.77 48.70
CA HIS B 128 22.40 -59.35 49.50
CA ALA B 129 18.70 -59.98 49.16
CA LEU B 130 16.55 -62.25 51.30
CA ALA B 131 13.45 -64.43 51.39
CA MET B 132 11.55 -63.67 54.58
CA GLU B 133 7.94 -63.47 55.69
CA GLY B 134 6.70 -64.02 52.15
CA LYS B 135 8.83 -61.33 50.49
CA VAL B 136 12.16 -60.96 48.73
CA MET B 137 13.78 -57.87 50.22
CA LYS B 138 16.98 -55.95 49.63
CA PRO B 139 18.41 -52.57 50.63
CA LEU B 140 17.31 -49.89 48.18
CA HIS B 141 20.72 -48.14 48.16
CA VAL B 142 22.21 -51.32 46.60
CA LYS B 143 22.00 -50.79 42.84
CA GLY B 144 22.58 -54.06 41.09
CA THR B 145 20.60 -57.09 39.99
CA ILE B 146 19.46 -60.05 42.06
CA ASP B 147 21.48 -63.08 40.89
CA HIS B 148 18.43 -65.29 40.44
CA PRO B 149 16.52 -66.23 37.20
CA VAL B 150 13.14 -65.86 38.85
CA LEU B 151 13.68 -63.20 41.51
CA SER B 152 15.33 -60.74 39.14
CA LYS B 153 12.18 -60.58 37.02
CA LEU B 154 9.78 -59.66 39.79
CA LYS B 155 8.24 -56.23 40.16
CA PHE B 156 9.86 -54.51 43.19
CA THR B 157 8.17 -51.95 45.45
CA LYS B 158 10.35 -49.31 47.02
CA SER B 159 10.42 -47.87 50.51
CA SER B 160 12.78 -44.93 50.70
CA ALA B 161 11.91 -44.06 54.29
CA TYR B 162 13.47 -47.41 55.30
CA ASP B 163 16.05 -48.13 52.57
CA MET B 164 14.12 -51.24 51.61
CA GLU B 165 12.94 -52.64 48.31
CA PHE B 166 10.67 -55.69 48.20
CA ALA B 167 8.46 -58.01 46.13
CA GLN B 168 6.10 -60.89 46.93
CA LEU B 169 7.66 -64.40 46.94
CA PRO B 170 6.57 -66.79 44.24
CA VAL B 171 3.95 -69.19 45.68
CA ASN B 172 6.59 -71.91 45.57
CA MET B 173 9.49 -70.15 47.22
CA ARG B 174 7.27 -68.92 50.06
CA SER B 175 8.23 -72.00 52.08
CA GLU B 176 12.00 -71.50 51.51
CA ALA B 177 12.20 -68.40 53.74
CA PHE B 178 13.35 -66.96 57.09
CA THR B 179 11.04 -66.17 59.98
CA TYR B 180 11.40 -62.86 61.73
CA THR B 181 11.20 -62.11 65.45
CA SER B 182 10.80 -58.76 67.17
CA GLU B 183 12.13 -59.94 70.51
CA HIS B 184 15.84 -59.29 70.95
CA PRO B 185 17.02 -59.44 74.55
CA GLU B 186 20.50 -58.07 75.07
CA GLY B 187 23.30 -60.58 74.54
CA PHE B 188 25.06 -62.11 71.51
CA TYR B 189 23.68 -62.92 68.08
CA ASN B 190 24.97 -64.53 64.93
CA TRP B 191 25.83 -63.34 61.44
CA HIS B 192 28.05 -64.35 58.56
CA HIS B 193 31.21 -62.99 60.17
CA GLY B 194 30.63 -64.25 63.66
CA ALA B 195 29.17 -62.70 66.78
CA VAL B 196 27.02 -59.62 66.86
CA GLN B 197 26.53 -57.97 70.25
CA TYR B 198 23.27 -56.28 71.10
CA SER B 199 23.42 -53.82 73.97
CA GLY B 200 22.28 -50.26 74.54
CA GLY B 201 19.71 -50.35 71.76
CA ARG B 202 22.64 -50.99 69.38
CA PHE B 203 24.03 -53.94 67.42
CA THR B 204 27.84 -53.78 67.20
CA ILE B 205 30.63 -55.83 65.74
CA PRO B 206 34.40 -55.43 65.93
CA ARG B 207 35.88 -52.57 63.87
CA GLY B 208 37.35 -53.50 60.51
CA VAL B 209 34.90 -56.37 59.85
CA GLY B 210 31.86 -54.98 57.97
CA GLY B 211 32.02 -53.21 54.63
CA ARG B 212 30.87 -53.59 51.04
CA GLY B 213 29.00 -56.83 50.38
CA ASP B 214 27.47 -56.96 53.89
CA SER B 215 24.34 -54.93 53.12
CA GLY B 216 21.23 -57.11 53.26
CA ARG B 217 22.84 -59.75 55.46
CA PRO B 218 20.56 -60.83 58.34
CA ILE B 219 21.51 -60.96 62.02
CA MET B 220 20.10 -64.11 63.69
CA ASP B 221 19.39 -65.71 67.05
CA ASN B 222 20.22 -69.28 68.07
CA SER B 223 16.78 -70.56 67.08
CA GLY B 224 17.51 -69.38 63.57
CA ARG B 225 15.14 -66.43 63.35
CA VAL B 226 16.01 -63.09 61.82
CA VAL B 227 16.28 -60.20 64.26
CA ALA B 228 17.57 -57.46 61.94
CA ILE B 229 18.94 -56.71 58.47
CA VAL B 230 22.28 -54.88 58.07
CA LEU B 231 22.43 -51.67 56.03
CA GLY B 232 25.73 -50.07 56.97
CA GLY B 233 27.90 -49.11 59.93
CA ALA B 234 29.47 -46.35 62.03
CA ASP B 235 32.81 -47.01 63.74
CA GLU B 236 32.89 -45.81 67.31
CA GLY B 237 36.13 -46.61 69.10
CA THR B 238 36.98 -50.31 69.09
CA ARG B 239 33.60 -51.21 67.55
CA THR B 240 31.21 -50.55 64.64
CA ALA B 241 27.54 -49.71 65.33
CA LEU B 242 25.19 -51.04 62.68
CA SER B 243 22.47 -49.26 60.78
CA VAL B 244 20.80 -50.82 61.58
CA VAL B 245 17.12 -51.46 61.06
CA THR B 246 15.13 -52.95 63.94
CA TRP B 247 11.44 -53.26 64.81
CA ASN B 248 9.86 -52.49 68.21
CA SER B 249 7.45 -54.51 70.31
CA LYS B 250 4.47 -53.12 68.38
CA GLY B 251 6.13 -54.04 65.08
CA LYS B 252 7.09 -50.52 64.04
CA THR B 253 10.26 -50.26 61.94
CA ILE B 254 12.98 -48.11 63.35
CA LYS B 255 16.22 -46.88 61.84
CA THR B 256 19.32 -45.78 63.74
CA THR B 257 21.11 -45.30 61.82
CA PRO B 258 24.06 -44.27 63.95
CA GLU B 259 25.83 -40.89 63.50
CA GLY B 260 28.23 -40.97 60.59
CA THR B 261 26.93 -44.30 59.28
CA GLU B 262 28.38 -45.38 55.94
CA GLU B 263 26.15 -47.52 53.74
CA TRP B 264 27.59 -50.94 52.86
CA MET C 106 64.14 -76.71 26.00
CA ALA C 107 61.13 -75.03 27.68
CA LEU C 108 60.56 -72.94 28.92
CA LYS C 109 57.36 -72.20 30.84
CA LEU C 110 56.98 -68.53 29.88
CA GLU C 111 53.38 -67.46 30.42
CA ALA C 112 51.34 -64.32 30.89
CA ASP C 113 49.48 -62.77 32.77
CA ARG C 114 51.37 -61.42 29.73
CA LEU C 115 50.50 -63.57 26.75
CA PHE C 116 46.89 -63.60 25.59
CA ASP C 117 44.83 -65.39 22.95
CA VAL C 118 43.20 -63.76 19.94
CA LYS C 119 40.26 -65.79 18.66
CA ASN C 120 38.25 -65.81 15.45
CA GLU C 121 34.46 -65.46 15.09
CA ASP C 122 33.72 -69.03 16.16
CA GLY C 123 36.47 -68.98 18.77
CA ASP C 124 39.55 -70.67 17.25
CA VAL C 125 42.87 -69.32 18.50
CA ILE C 126 44.39 -67.64 15.44
CA GLY C 127 47.21 -65.77 17.15
CA HIS C 128 48.51 -64.03 20.27
CA ALA C 129 48.75 -60.64 21.88
CA LEU C 130 51.29 -59.49 24.45
CA ALA C 131 51.94 -57.13 27.35
CA MET C 132 55.33 -55.55 26.86
CA GLU C 133 56.96 -52.19 27.52
CA GLY C 134 53.68 -50.69 28.68
CA LYS C 135 51.59 -51.78 25.68
CA VAL C 136 49.35 -54.62 24.58
CA MET C 137 50.43 -55.51 21.06
CA LYS C 138 49.29 -57.96 18.42
CA PRO C 139 49.91 -58.53 14.71
CA LEU C 140 47.53 -56.42 12.63
CA HIS C 141 46.93 -59.20 10.06
CA VAL C 142 45.30 -61.28 12.85
CA LYS C 143 41.61 -60.44 12.72
CA GLY C 144 39.94 -61.66 15.85
CA THR C 145 39.28 -60.47 19.38
CA ILE C 146 41.63 -60.45 22.35
CA ASP C 147 40.32 -63.06 24.81
CA HIS C 148 40.42 -60.69 27.79
CA PRO C 149 37.56 -58.71 29.46
CA VAL C 150 39.66 -55.61 29.87
CA LEU C 151 42.09 -55.73 26.94
CA SER C 152 39.38 -56.33 24.35
CA LYS C 153 37.75 -53.01 25.19
CA LEU C 154 40.81 -50.82 24.72
CA LYS C 155 41.25 -48.46 21.80
CA PHE C 156 43.92 -49.94 19.46
CA THR C 157 46.29 -47.93 17.26
CA LYS C 158 47.39 -49.48 14.01
CA SER C 159 50.77 -49.60 12.32
CA SER C 160 50.47 -51.09 8.85
CA ALA C 161 54.10 -50.48 7.96
CA TYR C 162 55.02 -53.01 10.66
CA ASP C 163 51.97 -55.32 10.91
CA MET C 164 51.45 -54.20 14.49
CA GLU C 165 48.43 -53.03 16.43
CA PHE C 166 48.79 -51.68 19.95
CA ALA C 167 47.19 -49.96 22.95
CA GLN C 168 48.46 -48.59 26.28
CA LEU C 169 48.41 -51.04 29.23
CA PRO C 170 45.99 -50.30 32.04
CA VAL C 171 47.92 -48.65 34.92
CA ASN C 172 47.54 -51.90 36.85
CA MET C 173 48.66 -54.39 34.26
CA ARG C 174 51.75 -52.31 33.41
CA SER C 175 53.73 -54.33 35.95
CA GLU C 176 52.59 -57.72 34.53
CA ALA C 177 54.63 -57.34 31.30
CA PHE C 178 57.70 -58.48 29.33
CA THR C 179 60.86 -56.43 28.94
CA TYR C 180 62.39 -56.10 25.52
CA THR C 181 66.05 -56.20 24.54
CA SER C 182 67.66 -55.13 21.29
CA GLU C 183 70.82 -57.15 21.79
CA HIS C 184 70.69 -60.57 20.14
CA PRO C 185 74.06 -62.20 19.66
CA GLU C 186 74.00 -65.21 17.40
CA GLY C 187 73.16 -68.50 19.10
CA PHE C 188 69.99 -70.19 20.37
CA TYR C 189 66.85 -68.65 21.80
CA ASN C 190 63.61 -69.92 23.27
CA TRP C 191 59.97 -69.96 22.20
CA HIS C 192 56.86 -71.97 22.82
CA HIS C 193 57.91 -74.81 20.54
CA GLY C 194 61.51 -75.07 21.62
CA ALA C 195 64.73 -73.65 20.25
CA VAL C 196 65.00 -70.77 17.85
CA GLN C 197 68.34 -70.29 16.11
CA TYR C 198 69.59 -66.85 15.27
CA SER C 199 72.29 -66.69 12.62
CA GLY C 200 72.85 -64.70 9.46
CA GLY C 201 70.50 -61.92 10.45
CA ARG C 202 67.74 -64.57 10.51
CA PHE C 203 65.73 -66.45 13.14
CA THR C 204 64.95 -70.00 11.99
CA ILE C 205 63.18 -73.03 13.34
CA PRO C 206 62.78 -76.53 11.94
CA ARG C 207 60.40 -76.90 8.99
CA GLY C 208 56.91 -78.12 9.78
CA VAL C 209 56.75 -76.48 13.23
CA GLY C 210 55.29 -72.97 12.87
CA GLY C 211 51.87 -72.19 11.40
CA ARG C 212 48.51 -70.74 12.37
CA GLY C 213 48.28 -69.76 16.04
CA ASP C 214 51.99 -68.78 16.25
CA SER C 215 51.61 -65.14 15.21
CA GLY C 216 52.30 -62.80 18.10
CA ARG C 217 54.36 -65.34 20.05
CA PRO C 218 57.59 -63.84 21.43
CA ILE C 219 61.10 -65.26 21.01
CA MET C 220 63.09 -65.00 24.25
CA ASP C 221 66.59 -65.19 25.70
CA ASN C 222 67.65 -67.09 28.82
CA SER C 223 67.23 -64.04 31.04
CA GLY C 224 63.60 -63.95 30.01
CA ARG C 225 63.60 -60.85 27.83
CA VAL C 226 61.80 -60.57 24.51
CA VAL C 227 64.05 -60.36 21.46
CA ALA C 228 61.44 -60.54 18.68
CA ILE C 229 57.76 -61.19 17.89
CA VAL C 230 56.79 -63.82 15.29
CA LEU C 231 54.61 -62.81 12.34
CA GLY C 232 54.97 -65.65 9.85
CA GLY C 233 57.53 -67.84 8.10
CA ALA C 234 59.25 -68.86 4.86
CA ASP C 235 60.48 -72.43 4.47
CA GLU C 236 63.94 -72.65 2.99
CA GLY C 237 65.25 -76.20 2.75
CA THR C 238 65.29 -78.01 6.09
CA ARG C 239 64.31 -74.84 7.98
CA THR C 240 61.76 -71.99 8.22
CA ALA C 241 62.96 -68.36 8.33
CA LEU C 242 60.74 -66.15 10.44
CA SER C 243 59.19 -62.82 9.60
CA VAL C 244 60.30 -61.76 11.47
CA VAL C 245 60.36 -58.35 13.11
CA THR C 246 63.56 -57.24 14.83
CA TRP C 247 64.99 -53.93 16.02
CA ASN C 248 68.54 -52.65 15.42
CA SER C 249 71.07 -51.18 17.82
CA LYS C 250 69.53 -47.71 17.43
CA GLY C 251 66.08 -49.10 18.16
CA LYS C 252 64.75 -48.93 14.61
CA THR C 253 62.18 -51.60 13.70
CA ILE C 254 63.08 -53.79 10.79
CA LYS C 255 61.05 -56.35 8.88
CA THR C 256 62.41 -59.25 6.85
CA THR C 257 60.23 -60.56 6.07
CA PRO C 258 61.84 -63.38 4.12
CA GLU C 259 60.99 -64.08 0.45
CA GLY C 260 57.77 -66.01 0.14
CA THR C 261 56.80 -65.51 3.79
CA GLU C 262 53.35 -66.75 4.73
CA GLU C 263 51.62 -64.94 7.55
CA TRP C 264 50.67 -67.12 10.52
CA MET D 106 67.80 -56.02 53.35
CA ALA D 107 68.42 -53.10 55.79
CA LEU D 108 69.96 -51.17 56.08
CA LYS D 109 70.33 -48.97 59.19
CA LEU D 110 70.78 -45.63 57.43
CA GLU D 111 69.99 -42.82 59.86
CA ALA D 112 70.63 -39.14 60.32
CA ASP D 113 71.89 -36.99 62.12
CA ARG D 114 70.82 -36.62 58.47
CA LEU D 115 67.20 -37.69 58.20
CA PHE D 116 64.61 -35.65 60.07
CA ASP D 117 60.87 -35.80 60.69
CA VAL D 118 58.33 -33.28 59.42
CA LYS D 119 56.40 -32.17 62.25
CA ASN D 120 52.89 -30.81 61.79
CA GLU D 121 51.01 -28.43 64.10
CA ASP D 122 50.17 -31.10 66.68
CA GLY D 123 53.56 -32.79 66.25
CA ASP D 124 53.09 -35.74 63.86
CA VAL D 125 54.91 -37.62 61.02
CA ILE D 126 53.77 -36.77 57.49
CA GLY D 127 57.15 -36.89 55.76
CA HIS D 128 60.90 -36.43 55.97
CA ALA D 129 63.62 -33.86 55.41
CA LEU D 130 67.27 -34.51 54.66
CA ALA D 131 70.80 -33.15 54.97
CA MET D 132 72.55 -33.62 51.66
CA GLU D 133 75.10 -31.77 49.56
CA GLY D 134 75.10 -28.83 51.97
CA LYS D 135 71.33 -28.35 52.11
CA VAL D 136 68.35 -29.39 54.18
CA MET D 137 65.66 -30.42 51.69
CA LYS D 138 62.09 -31.61 51.92
CA PRO D 139 59.17 -32.11 49.54
CA LEU D 140 57.22 -28.87 49.16
CA HIS D 141 53.81 -30.64 49.17
CA VAL D 142 54.53 -31.74 52.79
CA LYS D 143 53.05 -29.01 54.99
CA GLY D 144 54.35 -29.40 58.49
CA THR D 145 57.35 -28.36 60.55
CA ILE D 146 60.81 -29.87 60.62
CA ASP D 147 61.21 -31.56 64.04
CA HIS D 148 64.54 -29.90 64.77
CA PRO D 149 65.35 -26.83 66.98
CA VAL D 150 67.81 -25.43 64.51
CA LEU D 151 66.51 -26.59 61.12
CA SER D 152 62.96 -25.39 61.74
CA LYS D 153 64.17 -21.81 62.08
CA LEU D 154 66.01 -21.60 58.78
CA LYS D 155 64.76 -19.61 55.81
CA PHE D 156 63.53 -22.10 53.15
CA THR D 157 63.61 -21.51 49.38
CA LYS D 158 60.90 -23.12 47.31
CA SER D 159 61.03 -24.91 43.99
CA SER D 160 57.54 -25.67 42.75
CA ALA D 161 58.70 -27.06 39.42
CA TYR D 162 60.34 -29.92 41.36
CA ASP D 163 58.28 -30.21 44.58
CA MET D 164 61.34 -29.31 46.60
CA GLU D 165 61.97 -26.86 49.40
CA PHE D 166 65.50 -26.24 50.69
CA ALA D 167 67.82 -24.19 52.89
CA GLN D 168 71.60 -24.03 53.41
CA LEU D 169 73.02 -26.30 56.15
CA PRO D 170 74.47 -24.62 59.21
CA VAL D 171 78.29 -24.55 58.88
CA ASN D 172 78.43 -27.22 61.58
CA MET D 173 75.91 -29.69 60.25
CA ARG D 174 77.42 -29.55 56.75
CA SER D 175 79.60 -32.54 57.64
CA GLU D 176 76.64 -34.62 58.96
CA ALA D 177 75.11 -35.13 55.48
CA PHE D 178 74.49 -37.58 52.61
CA THR D 179 76.40 -37.55 49.34
CA TYR D 180 74.47 -37.81 46.12
CA THR D 181 75.31 -39.78 42.99
CA SER D 182 73.84 -39.48 39.53
CA GLU D 183 74.91 -42.93 38.40
CA HIS D 184 72.22 -45.56 38.89
CA PRO D 185 72.76 -48.72 36.86
CA GLU D 186 69.75 -51.00 36.78
CA GLY D 187 69.49 -53.44 39.68
CA PHE D 188 68.41 -53.25 43.33
CA TYR D 189 68.72 -50.38 45.78
CA ASN D 190 67.96 -49.80 49.43
CA TRP D 191 65.42 -47.77 51.37
CA HIS D 192 63.74 -47.81 54.73
CA HIS D 193 61.30 -50.56 53.79
CA GLY D 194 63.71 -52.82 51.99
CA ALA D 195 64.61 -53.27 48.35
CA VAL D 196 63.89 -50.79 45.60
CA GLN D 197 64.20 -52.06 42.04
CA TYR D 198 65.41 -49.79 39.30
CA SER D 199 64.57 -50.90 35.77
CA GLY D 200 63.04 -49.26 32.72
CA GLY D 201 63.83 -45.74 33.86
CA ARG D 202 61.61 -46.46 36.90
CA PHE D 203 62.08 -47.18 40.61
CA THR D 204 59.45 -49.62 41.90
CA ILE D 205 58.59 -51.31 45.14
CA PRO D 206 55.95 -53.88 45.99
CA ARG D 207 52.34 -52.64 46.08
CA GLY D 208 50.92 -51.83 49.49
CA VAL D 209 54.26 -50.67 50.98
CA GLY D 210 54.63 -46.91 50.40
CA GLY D 211 52.19 -44.28 51.64
CA ARG D 212 52.00 -41.33 54.00
CA GLY D 213 55.22 -40.71 55.93
CA ASP D 214 57.45 -41.93 53.06
CA SER D 215 57.82 -38.59 51.27
CA GLY D 216 61.36 -37.26 51.54
CA ARG D 217 62.89 -40.68 52.24
CA PRO D 218 66.05 -41.30 50.18
CA ILE D 219 66.76 -44.35 48.02
CA MET D 220 70.38 -45.50 48.42
CA ASP D 221 73.07 -47.69 46.88
CA ASN D 222 75.33 -50.13 48.72
CA SER D 223 78.10 -47.54 49.10
CA GLY D 224 75.65 -45.41 51.02
CA ARG D 225 75.07 -42.64 48.51
CA VAL D 226 71.68 -41.13 47.73
CA VAL D 227 70.34 -41.90 44.26
CA ALA D 228 66.84 -40.39 44.54
CA ILE D 229 64.28 -38.87 46.92
CA VAL D 230 60.75 -40.31 47.13
CA LEU D 231 57.76 -38.02 46.54
CA GLY D 232 54.85 -40.37 45.94
CA GLY D 233 53.77 -43.43 43.99
CA ALA D 234 51.56 -44.93 41.27
CA ASP D 235 50.43 -48.55 41.60
CA GLU D 236 50.74 -50.49 38.38
CA GLY D 237 49.79 -54.13 38.71
CA THR D 238 51.81 -55.96 41.37
CA ARG D 239 54.09 -52.95 41.91
CA THR D 240 54.21 -49.22 42.72
CA ALA D 241 56.22 -46.84 40.49
CA LEU D 242 57.76 -43.97 42.42
CA SER D 243 57.65 -40.28 41.70
CA VAL D 244 60.06 -40.16 41.60
CA VAL D 245 62.71 -37.49 41.15
CA THR D 246 65.97 -38.44 39.46
CA TRP D 247 68.85 -36.56 37.84
CA ASN D 248 70.45 -37.38 34.48
CA SER D 249 74.10 -37.73 33.53
CA LYS D 250 74.40 -33.97 32.99
CA GLY D 251 72.89 -33.32 36.42
CA LYS D 252 69.50 -32.14 35.20
CA THR D 253 66.58 -32.89 37.54
CA ILE D 254 63.80 -34.96 36.07
CA LYS D 255 60.38 -35.82 37.39
CA THR D 256 58.25 -38.80 36.39
CA THR D 257 56.14 -38.65 38.00
CA PRO D 258 54.24 -41.70 36.83
CA GLU D 259 50.62 -41.50 35.56
CA GLY D 260 48.17 -41.34 38.41
CA THR D 261 50.86 -40.73 41.04
CA GLU D 262 49.57 -39.96 44.52
CA GLU D 263 51.74 -37.75 46.68
CA TRP D 264 52.88 -39.32 49.96
CA TYR E 1 -59.01 -56.48 -26.58
CA GLU E 2 -57.50 -54.48 -23.73
CA HIS E 3 -53.77 -53.84 -24.20
CA ALA E 4 -51.31 -52.39 -21.69
CA THR E 5 -48.19 -50.56 -22.91
CA THR E 6 -46.05 -47.66 -21.68
CA VAL E 7 -45.33 -44.91 -24.18
CA PRO E 8 -42.47 -42.46 -23.56
CA ASN E 9 -43.75 -38.88 -23.38
CA VAL E 10 -42.05 -37.21 -26.34
CA PRO E 11 -43.91 -35.24 -29.03
CA GLN E 12 -44.00 -36.50 -32.64
CA ILE E 13 -42.02 -39.67 -32.01
CA PRO E 14 -44.11 -42.77 -32.93
CA TYR E 15 -44.06 -45.90 -30.78
CA LYS E 16 -44.24 -49.22 -32.61
CA ALA E 17 -45.53 -52.25 -30.71
CA LEU E 18 -47.08 -55.65 -31.44
CA VAL E 19 -50.42 -56.91 -30.22
CA GLU E 20 -50.02 -60.59 -29.36
CA ARG E 21 -53.25 -62.59 -29.06
CA ALA E 22 -53.69 -66.37 -28.98
CA GLY E 23 -54.58 -67.69 -32.43
CA TYR E 24 -55.05 -64.13 -33.68
CA ALA E 25 -52.55 -62.48 -36.03
CA PRO E 26 -50.30 -59.67 -34.70
CA LEU E 27 -51.61 -56.11 -34.95
CA ASN E 28 -50.32 -52.91 -36.46
CA LEU E 29 -49.90 -50.58 -33.47
CA GLU E 30 -48.25 -47.16 -33.59
CA ILE E 31 -48.95 -44.40 -31.06
CA THR E 32 -47.81 -40.82 -31.61
CA VAL E 33 -48.16 -38.31 -28.77
CA MET E 34 -48.83 -35.39 -31.06
CA SER E 35 -49.15 -32.82 -28.30
CA SER E 36 -48.81 -32.74 -24.53
CA GLU E 37 -50.17 -29.95 -22.33
CA VAL E 38 -49.54 -29.54 -18.63
CA LEU E 39 -52.35 -27.45 -17.18
CA PRO E 40 -52.01 -26.38 -13.54
CA SER E 41 -54.59 -24.51 -11.46
CA THR E 42 -54.32 -20.74 -11.41
CA ASN E 43 -55.56 -18.69 -8.45
CA GLN E 44 -54.97 -15.15 -9.73
CA GLU E 45 -54.12 -13.13 -6.64
CA TYR E 46 -53.73 -9.49 -7.68
CA ILE E 47 -52.89 -7.08 -10.44
CA THR E 48 -50.08 -4.56 -10.15
CA CYS E 49 -48.62 -1.75 -12.21
CA LYS E 50 -47.16 1.74 -12.34
CA PHE E 51 -49.09 3.69 -9.70
CA THR E 52 -49.79 7.39 -9.85
CA THR E 53 -49.67 9.61 -6.78
CA VAL E 54 -52.40 12.17 -6.35
CA VAL E 55 -51.79 15.22 -4.21
CA PRO E 56 -54.87 17.33 -3.36
CA SER E 57 -54.29 21.00 -2.53
CA PRO E 58 -53.38 21.14 1.17
CA LYS E 59 -56.10 22.23 3.55
CA ILE E 60 -54.77 25.08 5.70
CA LYS E 61 -56.91 26.85 8.31
CA CYS E 62 -55.22 30.39 9.35
CA CYS E 63 -55.25 30.33 13.16
CA GLY E 64 -56.57 26.79 13.59
CA SER E 65 -55.51 23.29 14.60
CA LEU E 66 -55.60 20.79 11.74
CA GLU E 67 -55.27 17.27 13.20
CA CYS E 68 -55.73 14.23 10.96
CA GLN E 69 -58.58 11.74 10.76
CA PRO E 70 -58.19 8.05 9.91
CA ALA E 71 -58.96 8.62 6.23
CA ALA E 72 -58.50 5.18 4.67
CA HIS E 73 -58.51 5.20 0.87
CA ALA E 74 -55.65 3.54 -1.03
CA ASP E 75 -52.15 4.75 -0.25
CA TYR E 76 -53.38 7.67 1.85
CA THR E 77 -50.91 9.54 4.05
CA CYS E 78 -51.47 12.74 6.05
CA LYS E 79 -49.10 14.74 8.21
CA VAL E 80 -49.87 17.68 10.43
CA PHE E 81 -47.31 20.43 10.03
CA GLY E 82 -47.42 23.22 12.59
CA GLY E 83 -46.22 26.81 12.53
CA VAL E 84 -46.13 27.28 8.79
CA TYR E 85 -46.86 30.52 6.93
CA PRO E 86 -47.00 33.93 8.67
CA PHE E 87 -49.20 36.95 7.87
CA MET E 88 -50.00 38.71 4.61
CA TRP E 89 -48.23 36.75 1.86
CA GLY E 90 -45.24 34.51 2.58
CA GLY E 91 -47.23 31.47 3.13
CA ALA E 92 -50.92 32.20 2.46
CA GLN E 93 -53.31 34.99 3.34
CA CYS E 94 -53.30 34.63 7.12
CA PHE E 95 -52.51 36.99 10.00
CA CYS E 96 -50.85 34.84 12.66
CA ASP E 97 -47.28 33.51 12.74
CA SER E 98 -46.67 30.54 15.03
CA GLU E 99 -50.29 29.51 15.30
CA ASN E 100 -50.54 28.02 11.80
CA SER E 101 -51.02 24.47 10.56
CA GLN E 102 -51.04 22.63 7.24
CA MET E 103 -52.23 19.09 6.55
CA SER E 104 -50.32 17.34 3.81
CA GLU E 105 -52.21 14.39 2.40
CA ALA E 106 -51.51 12.15 -0.59
CA TYR E 107 -52.49 8.74 -1.94
CA VAL E 108 -51.79 6.51 -4.95
CA GLU E 109 -53.97 5.39 -7.87
CA LEU E 110 -53.44 3.28 -10.98
CA SER E 111 -51.79 4.77 -14.03
CA ALA E 112 -53.89 6.17 -16.86
CA ASP E 113 -52.35 3.18 -18.56
CA CYS E 114 -52.22 0.58 -15.75
CA ALA E 115 -54.49 -1.50 -17.95
CA SER E 116 -52.32 -1.60 -21.05
CA ASP E 117 -49.19 -2.64 -19.06
CA HIS E 118 -49.47 -4.60 -15.83
CA ALA E 119 -48.59 -7.93 -14.36
CA GLN E 120 -50.48 -10.70 -12.64
CA ALA E 121 -49.52 -12.30 -9.36
CA ILE E 122 -50.68 -15.89 -9.63
CA LYS E 123 -50.60 -18.91 -7.35
CA VAL E 124 -50.08 -22.25 -9.06
CA HIS E 125 -51.20 -25.55 -7.60
CA THR E 126 -51.29 -29.18 -8.70
CA ALA E 127 -51.90 -29.76 -12.41
CA ALA E 128 -53.48 -32.06 -14.91
CA MET E 129 -52.13 -32.96 -18.35
CA LYS E 130 -53.97 -33.67 -21.59
CA VAL E 131 -52.29 -35.55 -24.46
CA GLY E 132 -53.10 -35.43 -28.17
CA LEU E 133 -52.65 -39.07 -29.09
CA ARG E 134 -52.77 -40.63 -32.53
CA ILE E 135 -53.11 -44.40 -32.58
CA VAL E 136 -53.15 -46.54 -35.70
CA TYR E 137 -54.35 -50.14 -35.76
CA GLY E 138 -54.43 -52.22 -38.91
CA ASN E 139 -56.02 -50.36 -41.82
CA THR E 140 -57.50 -47.62 -39.61
CA THR E 141 -55.97 -44.65 -37.76
CA SER E 142 -57.71 -42.84 -34.92
CA PHE E 143 -56.92 -40.14 -32.37
CA LEU E 144 -58.21 -39.03 -28.99
CA ASP E 145 -57.28 -36.39 -26.43
CA VAL E 146 -56.83 -37.95 -23.04
CA TYR E 147 -56.16 -36.65 -19.53
CA VAL E 148 -53.41 -38.45 -17.72
CA ASN E 149 -54.86 -40.22 -14.71
CA GLY E 150 -55.82 -43.84 -14.19
CA VAL E 151 -59.44 -42.80 -14.65
CA THR E 152 -60.79 -40.54 -17.40
CA PRO E 153 -61.21 -42.29 -20.77
CA GLY E 154 -61.07 -40.13 -23.90
CA THR E 155 -64.48 -41.05 -25.34
CA SER E 156 -63.07 -41.54 -28.84
CA LYS E 157 -66.31 -42.88 -30.32
CA ASP E 158 -64.89 -46.37 -30.86
CA LEU E 159 -61.81 -47.16 -28.78
CA LYS E 160 -61.47 -46.67 -25.02
CA VAL E 161 -58.06 -45.20 -24.20
CA ILE E 162 -57.39 -44.40 -20.55
CA ALA E 163 -53.94 -42.94 -19.98
CA GLY E 164 -52.54 -44.06 -16.64
CA PRO E 165 -50.90 -41.67 -14.18
CA ILE E 166 -47.71 -40.11 -15.52
CA SER E 167 -44.47 -41.70 -14.21
CA ALA E 168 -43.01 -38.56 -12.58
CA SER E 169 -44.94 -35.53 -11.41
CA PHE E 170 -43.00 -32.64 -12.91
CA THR E 171 -43.87 -28.96 -13.32
CA PRO E 172 -41.98 -26.02 -14.85
CA PHE E 173 -43.66 -23.72 -12.35
CA ASP E 174 -43.34 -22.69 -8.69
CA HIS E 175 -46.25 -22.18 -6.31
CA LYS E 176 -46.00 -18.47 -7.13
CA VAL E 177 -45.61 -17.12 -10.66
CA VAL E 178 -45.83 -13.73 -12.30
CA ILE E 179 -47.26 -13.19 -15.74
CA HIS E 180 -46.29 -9.97 -17.42
CA ARG E 181 -47.07 -9.59 -21.09
CA GLY E 182 -47.12 -13.01 -22.68
CA LEU E 183 -44.37 -13.91 -20.34
CA VAL E 184 -44.30 -15.85 -17.14
CA TYR E 185 -41.59 -15.78 -14.46
CA ASN E 186 -41.20 -17.86 -11.32
CA TYR E 187 -41.30 -15.04 -8.73
CA ASP E 188 -42.21 -15.22 -5.03
CA PHE E 189 -44.40 -12.10 -5.04
CA PRO E 190 -45.74 -11.15 -1.61
CA GLU E 191 -49.20 -12.17 -0.39
CA TYR E 192 -52.08 -9.86 -1.10
CA GLY E 193 -51.92 -7.41 1.76
CA ALA E 194 -48.36 -7.80 2.96
CA MET E 195 -46.67 -5.46 0.51
CA LYS E 196 -43.20 -3.98 0.61
CA PRO E 197 -42.70 -0.69 -1.26
CA GLY E 198 -40.41 -0.24 -4.26
CA ALA E 199 -40.34 -4.05 -4.57
CA PHE E 200 -42.70 -6.03 -6.82
CA GLY E 201 -46.29 -5.79 -5.73
CA ASP E 202 -45.91 -2.44 -4.00
CA ILE E 203 -49.51 -1.72 -4.99
CA GLN E 204 -52.14 -4.47 -5.30
CA ALA E 205 -55.64 -4.95 -6.69
CA THR E 206 -57.88 -7.98 -7.20
CA SER E 207 -58.89 -7.09 -10.76
CA LEU E 208 -58.07 -4.37 -13.28
CA THR E 209 -61.39 -2.69 -12.45
CA SER E 210 -59.44 -1.01 -9.65
CA LYS E 211 -61.11 -3.39 -6.97
CA ASP E 212 -60.28 -2.49 -3.21
CA LEU E 213 -56.63 -1.72 -4.10
CA ILE E 214 -54.10 -1.64 -1.28
CA ALA E 215 -50.77 0.13 -1.72
CA SER E 216 -47.65 0.72 0.39
CA THR E 217 -45.26 3.16 -1.31
CA ASP E 218 -43.20 4.77 1.51
CA ILE E 219 -44.57 8.25 0.90
CA ARG E 220 -42.96 10.85 3.09
CA LEU E 221 -44.36 14.33 3.65
CA LEU E 222 -42.07 17.28 4.13
CA LYS E 223 -42.61 20.50 6.05
CA PRO E 224 -43.26 23.05 3.27
CA SER E 225 -41.24 26.27 3.19
CA ALA E 226 -42.98 29.65 3.32
CA LYS E 227 -42.93 31.38 -0.05
CA ASN E 228 -45.60 29.29 -1.81
CA VAL E 229 -48.28 26.77 -0.98
CA HIS E 230 -46.54 23.71 -2.33
CA VAL E 231 -46.76 20.27 -0.76
CA PRO E 232 -43.40 18.44 -0.72
CA TYR E 233 -43.04 14.67 -0.49
CA THR E 234 -40.57 11.88 -1.10
CA GLN E 235 -41.74 8.42 -2.03
CA ALA E 236 -40.40 5.04 -2.96
CA SER E 237 -39.70 3.82 -6.48
CA SER E 238 -42.23 1.96 -8.64
CA GLY E 239 -41.79 -1.63 -7.48
CA PHE E 240 -43.24 -2.56 -10.85
CA GLU E 241 -40.97 -0.71 -13.24
CA MET E 242 -38.30 -1.82 -10.78
CA TRP E 243 -39.21 -5.44 -11.26
CA LYS E 244 -39.52 -4.94 -15.02
CA ASN E 245 -35.91 -3.65 -15.37
CA ASN E 246 -34.97 -6.70 -13.38
CA SER E 247 -37.36 -9.38 -14.56
CA GLY E 248 -35.34 -12.36 -15.60
CA ARG E 249 -35.33 -14.29 -18.76
CA PRO E 250 -38.92 -15.71 -19.06
CA LEU E 251 -39.74 -19.32 -18.28
CA GLN E 252 -40.53 -19.84 -21.95
CA GLU E 253 -36.75 -19.52 -22.16
CA THR E 254 -35.68 -21.43 -19.06
CA ALA E 255 -38.17 -24.31 -18.91
CA PRO E 256 -36.42 -27.47 -17.54
CA PHE E 257 -37.61 -29.97 -20.19
CA GLY E 258 -37.85 -28.03 -23.40
CA CYS E 259 -41.40 -27.06 -22.51
CA LYS E 260 -43.07 -24.35 -24.57
CA ILE E 261 -44.70 -22.17 -21.89
CA ALA E 262 -48.05 -20.62 -22.86
CA VAL E 263 -50.40 -17.91 -21.56
CA ASN E 264 -53.73 -17.62 -21.55
CA PRO E 265 -54.45 -20.93 -20.03
CA LEU E 266 -51.21 -21.27 -18.04
CA ARG E 267 -49.67 -24.29 -19.75
CA ALA E 268 -46.49 -26.19 -20.56
CA VAL E 269 -46.89 -27.25 -24.21
CA ASP E 270 -44.92 -30.24 -25.51
CA CYS E 271 -42.66 -31.04 -22.58
CA SER E 272 -40.70 -34.29 -22.77
CA TYR E 273 -40.14 -36.46 -19.71
CA GLY E 274 -41.08 -39.86 -18.35
CA ASN E 275 -43.31 -42.54 -19.82
CA ILE E 276 -47.10 -42.66 -20.03
CA PRO E 277 -48.87 -45.89 -19.17
CA ILE E 278 -51.61 -46.49 -21.75
CA SER E 279 -54.49 -48.95 -21.86
CA ILE E 280 -56.12 -49.53 -25.24
CA ASP E 281 -59.38 -51.28 -26.14
CA ILE E 282 -59.15 -52.60 -29.71
CA PRO E 283 -62.54 -53.40 -31.27
CA ASN E 284 -62.55 -57.07 -32.33
CA ALA E 285 -64.12 -55.73 -35.52
CA ALA E 286 -60.80 -55.24 -37.31
CA PHE E 287 -57.67 -56.84 -35.86
CA ILE E 288 -57.73 -60.12 -37.76
CA ARG E 289 -57.58 -63.73 -36.58
CA THR E 290 -55.24 -66.21 -38.30
CA SER E 291 -57.54 -67.38 -41.10
CA ASP E 292 -55.85 -65.24 -43.76
CA ALA E 293 -52.13 -65.62 -44.43
CA PRO E 294 -53.19 -68.48 -46.71
CA LEU E 295 -49.93 -70.27 -45.93
CA VAL E 296 -47.23 -67.59 -45.85
CA SER E 297 -43.96 -69.51 -45.48
CA THR E 298 -40.19 -69.06 -45.48
CA VAL E 299 -38.69 -65.72 -44.49
CA LYS E 300 -34.94 -65.02 -44.50
CA CYS E 301 -33.24 -61.69 -43.86
CA GLU E 302 -30.49 -59.96 -45.83
CA VAL E 303 -29.04 -56.52 -45.04
CA SER E 304 -27.86 -54.44 -47.99
CA GLU E 305 -26.49 -51.31 -46.28
CA CYS E 306 -26.30 -49.94 -42.75
CA THR E 307 -25.12 -46.90 -40.79
CA TYR E 308 -24.51 -46.85 -37.03
CA SER E 309 -26.59 -44.46 -34.87
CA ALA E 310 -28.35 -42.63 -37.69
CA ASP E 311 -31.99 -41.70 -38.21
CA PHE E 312 -32.69 -44.55 -40.65
CA GLY E 313 -29.43 -45.75 -42.20
CA GLY E 314 -30.45 -49.40 -42.11
CA MET E 315 -31.45 -51.22 -45.29
CA ALA E 316 -32.56 -54.87 -45.30
CA THR E 317 -34.51 -57.06 -47.71
CA LEU E 318 -36.66 -60.13 -47.08
CA GLN E 319 -36.98 -63.07 -49.48
CA TYR E 320 -39.86 -65.51 -49.01
CA VAL E 321 -42.74 -67.37 -50.65
CA SER E 322 -46.40 -66.36 -50.37
CA ASP E 323 -49.58 -68.07 -51.61
CA ARG E 324 -51.23 -64.78 -52.59
CA GLU E 325 -51.10 -61.01 -52.08
CA GLY E 326 -51.92 -59.22 -48.84
CA GLN E 327 -50.69 -56.75 -46.24
CA CYS E 328 -48.22 -57.74 -43.51
CA PRO E 329 -47.24 -55.81 -40.35
CA VAL E 330 -43.45 -55.78 -39.97
CA HIS E 331 -41.92 -55.29 -36.52
CA SER E 332 -38.77 -56.01 -34.50
CA HIS E 333 -38.81 -58.25 -31.42
CA SER E 334 -35.64 -56.74 -29.96
CA SER E 335 -34.94 -53.17 -28.87
CA THR E 336 -31.47 -53.36 -30.43
CA ALA E 337 -33.17 -52.13 -33.60
CA THR E 338 -36.43 -50.59 -34.79
CA LEU E 339 -38.14 -50.42 -38.19
CA GLN E 340 -39.14 -47.21 -39.98
CA GLU E 341 -42.30 -48.86 -41.27
CA SER E 342 -44.74 -51.21 -39.57
CA THR E 343 -46.66 -52.51 -42.59
CA VAL E 344 -45.65 -53.90 -45.98
CA HIS E 345 -47.45 -54.86 -49.20
CA VAL E 346 -46.51 -58.51 -49.64
CA LEU E 347 -46.49 -59.59 -53.27
CA GLU E 348 -45.88 -62.97 -54.89
CA LYS E 349 -42.40 -61.85 -56.00
CA GLY E 350 -40.96 -62.81 -52.63
CA ALA E 351 -38.97 -59.64 -52.06
CA VAL E 352 -39.60 -57.00 -49.39
CA THR E 353 -37.31 -54.02 -48.81
CA VAL E 354 -37.40 -52.36 -45.38
CA HIS E 355 -35.60 -49.49 -43.64
CA PHE E 356 -34.46 -49.62 -40.02
CA SER E 357 -32.54 -47.64 -37.40
CA THR E 358 -29.94 -48.81 -34.87
CA ALA E 359 -27.03 -47.68 -32.72
CA SER E 360 -24.62 -50.63 -32.72
CA PRO E 361 -21.74 -52.05 -34.80
CA GLN E 362 -22.79 -55.70 -35.15
CA ALA E 363 -26.42 -55.95 -34.08
CA ASN E 364 -28.64 -59.01 -33.73
CA PHE E 365 -32.41 -58.59 -34.07
CA ILE E 366 -35.43 -60.78 -34.81
CA VAL E 367 -37.60 -59.19 -37.50
CA SER E 368 -41.15 -60.46 -38.00
CA LEU E 369 -43.43 -60.49 -41.03
CA CYS E 370 -47.14 -61.29 -40.85
CA GLY E 371 -46.73 -64.43 -38.75
CA LYS E 372 -43.21 -65.56 -39.65
CA LYS E 373 -39.98 -64.57 -37.92
CA THR E 374 -36.29 -64.43 -38.88
CA THR E 375 -32.91 -63.04 -37.88
CA CYS E 376 -30.85 -60.27 -39.50
CA ASN E 377 -27.17 -59.30 -39.42
CA ALA E 378 -24.68 -56.72 -40.67
CA GLU E 379 -21.84 -54.39 -39.66
CA CYS E 380 -23.00 -50.83 -39.30
CA LYS E 381 -19.49 -50.15 -38.39
CA PRO E 382 -20.78 -46.86 -37.25
CA PRO E 383 -21.58 -43.44 -38.85
CA ALA E 384 -20.62 -42.10 -36.57
CA ASP E 385 -20.74 -38.39 -36.84
CA HIS E 386 -23.81 -36.77 -36.73
CA ILE E 387 -26.49 -33.39 -36.57
CA VAL E 388 -28.81 -32.12 -33.97
CA SER E 389 -32.27 -33.72 -32.89
CA THR E 390 -32.34 -37.57 -31.92
CA PRO E 391 -33.29 -40.83 -29.88
CA HIS E 392 -32.16 -44.70 -30.13
CA LYS E 393 -31.72 -47.05 -27.10
CA ASN E 394 -28.22 -48.09 -28.21
CA ASP E 395 -26.63 -51.33 -27.00
CA GLN E 396 -24.87 -52.92 -29.97
CA GLU E 397 -21.08 -52.58 -30.21
CA PHE E 398 -21.64 -54.39 -26.91
CA GLN E 399 -20.91 -57.79 -28.49
CA ALA E 400 -17.62 -56.57 -30.01
CA ALA E 401 -16.58 -54.80 -26.78
CA ILE E 402 -17.61 -57.78 -24.62
CA SER E 403 -15.96 -60.30 -26.98
CA LYS E 404 -12.80 -58.16 -27.33
CA THR E 405 -12.65 -57.47 -23.56
CA SER E 406 -13.37 -61.14 -22.68
CA TRP E 407 -12.15 -59.31 -19.46
CA SER E 408 -14.15 -61.35 -19.43
CA TRP E 409 -11.37 -63.48 -21.00
CA LEU E 410 -8.76 -62.22 -18.50
CA PHE E 411 -11.13 -62.65 -15.53
CA ALA E 412 -12.30 -66.09 -16.73
CA LEU E 413 -8.72 -67.21 -17.52
CA PHE E 414 -7.37 -65.80 -14.23
CA GLY E 415 -10.27 -67.26 -12.21
CA GLY E 416 -10.07 -70.63 -14.01
CA ALA E 417 -6.25 -70.74 -13.73
CA SER E 418 -6.32 -69.62 -10.06
CA SER E 419 -9.17 -72.02 -9.20
CA LEU E 420 -7.54 -74.91 -11.12
CA LEU E 421 -4.08 -74.17 -9.66
CA ILE E 422 -5.49 -73.72 -6.12
CA ILE E 423 -7.70 -76.82 -6.41
CA GLY E 424 -4.87 -78.90 -7.97
CA LEU E 425 -2.31 -77.62 -5.42
CA MET E 426 -4.73 -78.10 -2.48
CA ILE E 427 -5.83 -81.55 -3.73
CA PHE E 428 -2.22 -82.62 -4.48
CA ALA E 429 -0.94 -81.22 -1.15
CA CYS E 430 -3.86 -82.72 0.82
CA SER E 431 -3.58 -86.08 -1.00
CA MET E 432 0.24 -86.14 -0.66
CA MET E 433 0.09 -85.04 3.01
CA LEU E 434 -2.74 -87.49 3.81
CA THR E 435 -0.55 -90.43 4.21
CA SER E 436 2.82 -88.95 5.26
CA THR E 437 1.70 -88.55 8.91
CA ARG E 438 0.14 -92.04 8.99
CA ARG E 439 3.16 -93.62 7.24
CA TYR F 1 -14.96 28.28 49.75
CA GLU F 2 -12.42 27.05 47.20
CA HIS F 3 -13.33 23.65 45.73
CA ALA F 4 -11.21 21.40 43.53
CA THR F 5 -12.89 18.95 41.12
CA THR F 6 -12.10 17.50 37.70
CA VAL F 7 -14.85 17.69 35.10
CA PRO F 8 -14.70 15.48 31.99
CA ASN F 9 -14.61 17.57 28.82
CA VAL F 10 -17.85 16.63 27.07
CA PRO F 11 -20.44 19.14 25.85
CA GLN F 12 -23.93 19.25 27.41
CA ILE F 13 -23.31 16.50 29.95
CA PRO F 14 -23.79 17.84 33.52
CA TYR F 15 -21.46 16.82 36.35
CA LYS F 16 -23.04 16.35 39.77
CA ALA F 17 -20.81 16.69 42.83
CA LEU F 18 -21.13 17.41 46.56
CA VAL F 19 -19.48 20.22 48.44
CA GLU F 20 -18.43 18.85 51.84
CA ARG F 21 -17.65 21.44 54.52
CA ALA F 22 -17.27 20.93 58.27
CA GLY F 23 -20.50 21.78 60.06
CA TYR F 24 -21.92 23.22 56.85
CA ALA F 25 -24.64 21.43 54.87
CA PRO F 26 -23.75 19.83 51.50
CA LEU F 27 -24.08 21.99 48.39
CA ASN F 28 -25.94 21.67 45.12
CA LEU F 29 -23.18 21.57 42.50
CA GLU F 30 -23.70 20.82 38.82
CA ILE F 31 -21.31 21.94 36.08
CA THR F 32 -22.20 21.77 32.40
CA VAL F 33 -19.51 22.46 29.80
CA MET F 34 -21.90 24.03 27.33
CA SER F 35 -19.30 24.72 24.67
CA SER F 36 -15.61 24.07 24.18
CA GLU F 37 -13.46 25.87 21.60
CA VAL F 38 -9.89 25.02 20.72
CA LEU F 39 -8.27 28.12 19.23
CA PRO F 40 -4.77 27.72 17.80
CA SER F 41 -2.55 30.48 16.41
CA THR F 42 -2.77 31.13 12.69
CA ASN F 43 0.16 32.58 10.74
CA GLN F 44 -1.41 32.99 7.29
CA GLU F 45 1.44 32.39 4.86
CA TYR F 46 0.11 32.98 1.34
CA ILE F 47 -2.87 33.02 -0.95
CA THR F 48 -3.06 30.91 -4.08
CA CYS F 49 -5.45 30.37 -6.95
CA LYS F 50 -5.96 29.83 -10.67
CA PHE F 51 -3.26 31.93 -12.32
CA THR F 52 -3.58 33.53 -15.73
CA THR F 53 -0.70 33.68 -18.18
CA VAL F 54 -0.14 36.91 -20.06
CA VAL F 55 1.72 36.87 -23.34
CA PRO F 56 2.77 40.28 -24.73
CA SER F 57 3.29 40.55 -28.49
CA PRO F 58 6.84 39.36 -29.18
CA LYS F 59 9.44 42.04 -29.81
CA ILE F 60 11.23 41.26 -33.06
CA LYS F 61 13.94 43.52 -34.52
CA CYS F 62 14.55 42.66 -38.43
CA CYS F 63 18.33 42.33 -38.71
CA GLY F 64 19.13 42.69 -35.01
CA SER F 65 20.25 40.73 -31.97
CA LEU F 66 17.59 40.46 -29.26
CA GLU F 67 19.24 39.14 -26.07
CA CYS F 68 17.26 39.05 -22.82
CA GLN F 69 17.54 41.20 -19.72
CA PRO F 70 16.91 40.00 -16.16
CA ALA F 71 13.30 41.22 -16.20
CA ALA F 72 11.93 40.07 -12.84
CA HIS F 73 8.16 40.43 -12.51
CA ALA F 74 6.08 37.44 -11.42
CA ASP F 75 6.38 34.28 -13.50
CA TYR F 76 8.40 36.00 -16.21
CA THR F 77 10.19 33.87 -18.81
CA CYS F 78 12.02 35.01 -21.95
CA LYS F 79 13.77 33.01 -24.63
CA VAL F 80 15.87 34.28 -27.50
CA PHE F 81 15.01 32.53 -30.73
CA GLY F 82 17.37 33.08 -33.63
CA GLY F 83 16.96 32.81 -37.38
CA VAL F 84 13.19 33.18 -37.52
CA TYR F 85 11.22 34.85 -40.33
CA PRO F 86 12.73 35.66 -43.75
CA PHE F 87 11.99 38.60 -46.07
CA MET F 88 8.72 40.10 -47.29
CA TRP F 89 5.92 38.16 -45.56
CA GLY F 90 6.46 34.66 -44.17
CA GLY F 91 7.43 35.79 -40.81
CA ALA F 92 7.12 39.58 -40.58
CA GLN F 93 8.07 42.50 -42.79
CA CYS F 94 11.84 42.07 -42.78
CA PHE F 95 14.46 41.61 -45.52
CA CYS F 96 17.05 39.23 -44.06
CA ASP F 97 16.83 35.45 -43.64
CA SER F 98 19.23 33.93 -41.11
CA GLU F 99 19.96 37.16 -39.28
CA ASN F 100 16.63 37.34 -37.47
CA SER F 101 15.68 37.05 -33.81
CA GLN F 102 12.51 36.92 -31.73
CA MET F 103 12.19 37.27 -27.96
CA SER F 104 9.37 35.24 -26.47
CA GLU F 105 8.38 36.46 -23.04
CA ALA F 106 5.49 35.51 -20.76
CA TYR F 107 4.47 35.75 -17.11
CA VAL F 108 1.55 34.80 -14.85
CA GLU F 109 -1.03 36.89 -12.99
CA LEU F 110 -4.03 36.14 -10.79
CA SER F 111 -7.33 35.20 -12.35
CA ALA F 112 -9.99 37.82 -12.94
CA ASP F 113 -11.66 35.76 -10.26
CA CYS F 114 -8.71 34.74 -8.02
CA ALA F 115 -10.51 36.62 -5.30
CA SER F 116 -13.81 34.77 -5.42
CA ASP F 117 -12.12 31.33 -5.34
CA HIS F 118 -8.75 30.83 -3.67
CA ALA F 119 -7.17 29.01 -0.79
CA GLN F 120 -5.08 30.01 2.18
CA ALA F 121 -1.83 28.39 3.21
CA ILE F 122 -1.73 28.65 6.97
CA LYS F 123 0.72 27.63 9.67
CA VAL F 124 -0.81 26.47 12.94
CA HIS F 125 0.98 26.60 16.27
CA THR F 126 0.14 25.90 19.89
CA ALA F 127 -3.43 26.68 20.93
CA ALA F 128 -5.60 27.88 23.76
CA MET F 129 -9.11 26.66 24.62
CA LYS F 130 -12.07 28.55 26.04
CA VAL F 131 -14.96 26.74 27.70
CA GLY F 132 -18.56 27.88 28.13
CA LEU F 133 -19.29 26.63 31.62
CA ARG F 134 -22.58 26.68 33.48
CA ILE F 135 -22.36 26.09 37.20
CA VAL F 136 -25.30 25.88 39.57
CA TYR F 137 -24.98 26.17 43.34
CA GLY F 138 -27.97 26.02 45.66
CA ASN F 139 -30.80 28.28 44.50
CA THR F 140 -28.62 30.18 42.00
CA THR F 141 -27.15 29.26 38.60
CA SER F 142 -24.27 31.13 37.01
CA PHE F 143 -22.00 30.80 33.98
CA LEU F 144 -18.58 32.00 32.90
CA ASP F 145 -16.31 31.52 29.89
CA VAL F 146 -12.89 30.40 30.98
CA TYR F 147 -9.58 29.76 29.24
CA VAL F 148 -7.96 26.48 30.17
CA ASN F 149 -4.71 27.19 31.96
CA GLY F 150 -3.85 27.17 35.65
CA VAL F 151 -3.97 30.96 35.54
CA THR F 152 -6.71 33.08 33.92
CA PRO F 153 -9.89 33.35 36.01
CA GLY F 154 -13.14 34.04 34.18
CA THR F 155 -14.13 37.22 36.00
CA SER F 156 -17.73 36.06 36.47
CA LYS F 157 -18.75 39.00 38.66
CA ASP F 158 -19.21 36.82 41.74
CA LEU F 159 -17.44 33.47 41.60
CA LYS F 160 -13.78 32.92 40.70
CA VAL F 161 -13.44 29.91 38.40
CA ILE F 162 -9.94 29.13 37.13
CA ALA F 163 -9.85 26.11 34.84
CA GLY F 164 -6.62 24.17 35.30
CA PRO F 165 -4.52 22.95 32.36
CA ILE F 166 -6.30 20.38 30.23
CA SER F 167 -5.27 16.75 30.88
CA ALA F 168 -4.01 15.96 27.35
CA SER F 169 -2.84 18.47 24.77
CA PHE F 170 -4.72 17.44 21.64
CA THR F 171 -5.28 19.21 18.34
CA PRO F 172 -7.20 18.24 15.19
CA PHE F 173 -4.68 20.21 13.13
CA ASP F 174 -1.16 19.82 11.72
CA HIS F 175 1.49 22.54 11.71
CA LYS F 176 0.41 23.28 8.13
CA VAL F 177 -3.23 23.55 7.06
CA VAL F 178 -5.06 24.74 3.97
CA ILE F 179 -8.35 26.58 4.11
CA HIS F 180 -10.33 26.58 0.90
CA ARG F 181 -13.90 27.75 1.06
CA GLY F 182 -15.25 27.11 4.53
CA LEU F 183 -13.19 24.03 4.53
CA VAL F 184 -9.89 23.19 6.11
CA TYR F 185 -7.53 20.35 5.15
CA ASN F 186 -4.32 19.18 6.79
CA TYR F 187 -1.93 19.73 3.84
CA ASP F 188 1.86 20.22 3.91
CA PHE F 189 1.88 23.11 1.41
CA PRO F 190 5.36 24.32 0.50
CA GLU F 191 7.03 27.30 2.19
CA TYR F 192 6.49 30.72 0.71
CA GLY F 193 9.14 30.90 -1.97
CA ALA F 194 9.97 27.25 -2.54
CA MET F 195 7.20 26.43 -4.98
CA LYS F 196 6.82 23.42 -7.25
CA PRO F 197 4.69 23.92 -10.38
CA GLY F 198 1.43 22.09 -11.08
CA ALA F 199 1.37 21.13 -7.39
CA PHE F 200 -0.48 23.12 -4.71
CA GLY F 201 0.99 26.55 -4.19
CA ASP F 202 2.45 26.85 -7.67
CA ILE F 203 1.82 30.58 -7.42
CA GLN F 204 1.97 32.47 -4.11
CA ALA F 205 1.02 35.86 -2.69
CA THR F 206 0.95 37.32 0.82
CA SER F 207 -2.53 38.85 0.51
CA LEU F 208 -5.30 38.95 -2.08
CA THR F 209 -4.22 42.49 -2.99
CA SER F 210 -1.77 40.76 -5.33
CA LYS F 211 1.24 41.54 -2.89
CA ASP F 212 4.80 40.63 -4.29
CA LEU F 213 3.47 37.38 -5.81
CA ILE F 214 5.99 34.69 -6.75
CA ALA F 215 5.07 31.95 -9.21
CA SER F 216 6.78 28.89 -10.71
CA THR F 217 4.67 27.33 -13.49
CA ASP F 218 7.13 25.49 -15.79
CA ILE F 219 6.45 27.73 -18.78
CA ARG F 220 8.28 26.60 -21.87
CA LEU F 221 8.75 28.76 -24.95
CA LEU F 222 8.78 27.23 -28.40
CA LYS F 223 10.53 28.37 -31.55
CA PRO F 224 7.68 29.86 -33.61
CA SER F 225 7.18 28.72 -37.21
CA ALA F 226 7.27 31.22 -40.07
CA LYS F 227 3.80 31.90 -41.44
CA ASN F 228 2.48 34.12 -38.63
CA VAL F 229 3.78 36.02 -35.63
CA HIS F 230 2.44 33.70 -32.97
CA VAL F 231 4.25 32.93 -29.73
CA PRO F 232 4.04 29.24 -28.75
CA TYR F 233 4.48 27.94 -25.22
CA THR F 234 3.78 24.93 -23.05
CA GLN F 235 3.23 25.30 -19.34
CA ALA F 236 2.37 23.26 -16.31
CA SER F 237 -1.10 22.61 -14.98
CA SER F 238 -2.85 24.79 -12.38
CA GLY F 239 -1.52 23.38 -9.12
CA PHE F 240 -4.63 24.85 -7.57
CA GLU F 241 -7.37 23.34 -9.68
CA MET F 242 -5.16 20.27 -9.47
CA TRP F 243 -5.30 20.30 -5.70
CA LYS F 244 -9.02 21.06 -5.78
CA ASN F 245 -9.85 17.92 -7.85
CA ASN F 246 -7.78 16.08 -5.30
CA SER F 247 -8.51 17.86 -2.04
CA GLY F 248 -9.57 15.26 0.46
CA ARG F 249 -12.58 15.07 2.62
CA PRO F 250 -12.38 18.21 4.87
CA LEU F 251 -11.28 18.04 8.48
CA GLN F 252 -14.80 19.01 9.51
CA GLU F 253 -15.46 15.45 8.31
CA THR F 254 -12.36 13.68 9.62
CA ALA F 255 -11.75 15.35 12.99
CA PRO F 256 -10.38 12.77 15.51
CA PHE F 257 -12.72 13.54 18.45
CA GLY F 258 -16.01 14.55 16.93
CA CYS F 259 -14.79 18.13 16.75
CA LYS F 260 -16.83 20.59 14.70
CA ILE F 261 -14.13 22.46 12.73
CA ALA F 262 -14.83 26.16 12.13
CA VAL F 263 -13.47 28.97 9.95
CA ASN F 264 -13.10 32.26 10.46
CA PRO F 265 -11.29 32.00 13.69
CA LEU F 266 -9.66 28.61 13.06
CA ARG F 267 -11.32 26.54 15.77
CA ALA F 268 -12.36 23.08 16.94
CA VAL F 269 -15.85 23.53 18.39
CA ASP F 270 -17.17 21.02 20.94
CA CYS F 271 -14.46 18.37 20.90
CA SER F 272 -14.65 15.70 23.59
CA TYR F 273 -11.54 14.35 25.29
CA GLY F 274 -9.85 14.30 28.68
CA ASN F 275 -10.90 15.92 31.92
CA ILE F 276 -10.67 19.58 32.97
CA PRO F 277 -9.42 20.41 36.43
CA ILE F 278 -11.63 23.15 37.89
CA SER F 279 -11.25 25.34 40.97
CA ILE F 280 -14.40 27.06 42.21
CA ASP F 281 -14.82 29.87 44.76
CA ILE F 282 -18.30 29.65 46.32
CA PRO F 283 -19.41 32.87 48.03
CA ASN F 284 -20.23 32.07 51.66
CA ALA F 285 -23.30 34.22 51.04
CA ALA F 286 -25.48 31.29 49.95
CA PHE F 287 -24.27 27.75 50.61
CA ILE F 288 -25.94 27.17 53.97
CA ARG F 289 -24.56 26.02 57.33
CA THR F 290 -26.35 23.31 59.32
CA SER F 291 -28.79 25.50 61.25
CA ASP F 292 -31.76 24.64 59.03
CA ALA F 293 -32.81 21.02 58.57
CA PRO F 294 -34.33 22.23 61.75
CA LEU F 295 -34.19 18.79 62.90
CA VAL F 296 -34.86 17.32 59.54
CA SER F 297 -34.55 13.72 60.73
CA THR F 298 -34.87 10.12 59.55
CA VAL F 299 -34.34 9.29 55.87
CA LYS F 300 -34.70 5.77 54.45
CA CYS F 301 -34.52 4.76 50.79
CA GLU F 302 -36.86 2.53 48.78
CA VAL F 303 -36.52 1.78 45.07
CA SER F 304 -39.76 1.20 43.14
CA GLU F 305 -38.47 0.42 39.63
CA CYS F 306 -35.12 0.32 37.85
CA THR F 307 -33.56 -0.31 34.44
CA TYR F 308 -29.89 -1.08 33.84
CA SER F 309 -27.83 1.31 31.68
CA ALA F 310 -30.69 3.55 30.56
CA ASP F 311 -31.02 7.35 30.45
CA PHE F 312 -33.10 7.57 33.64
CA GLY F 313 -34.76 4.23 34.33
CA GLY F 314 -34.23 4.46 38.08
CA MET F 315 -37.12 5.24 40.42
CA ALA F 316 -36.68 5.56 44.18
CA THR F 317 -38.71 7.15 46.99
CA LEU F 318 -37.62 8.60 50.33
CA GLN F 319 -39.68 8.43 53.53
CA TYR F 320 -38.76 10.70 56.42
CA VAL F 321 -39.98 13.23 58.99
CA SER F 322 -39.53 17.00 58.70
CA ASP F 323 -40.34 19.82 61.13
CA ARG F 324 -41.54 22.16 58.36
CA GLU F 325 -41.41 22.79 54.62
CA GLY F 326 -38.31 23.78 52.67
CA GLN F 327 -36.08 22.94 49.72
CA CYS F 328 -33.46 20.18 49.89
CA PRO F 329 -30.58 19.45 47.46
CA VAL F 330 -30.50 15.74 46.64
CA HIS F 331 -27.23 14.16 45.46
CA SER F 332 -25.40 10.83 45.30
CA HIS F 333 -22.11 10.25 47.15
CA SER F 334 -21.05 7.39 44.88
CA SER F 335 -20.38 7.37 41.14
CA THR F 336 -22.16 4.02 40.81
CA ALA F 337 -25.30 6.11 40.32
CA THR F 338 -26.41 9.68 39.59
CA LEU F 339 -29.66 11.56 40.16
CA GLN F 340 -31.69 13.29 37.43
CA GLU F 341 -32.57 16.10 39.81
CA SER F 342 -30.46 17.92 42.39
CA THR F 343 -33.17 19.69 44.38
CA VAL F 344 -36.48 18.59 45.91
CA HIS F 345 -39.45 20.33 47.57
CA VAL F 346 -39.58 18.68 50.99
CA LEU F 347 -43.09 18.64 52.45
CA GLU F 348 -44.40 17.42 55.79
CA LYS F 349 -45.87 14.32 54.14
CA GLY F 350 -42.54 12.54 54.43
CA ALA F 351 -42.43 11.22 50.86
CA VAL F 352 -40.00 12.22 48.12
CA THR F 353 -39.90 10.56 44.70
CA VAL F 354 -36.65 10.81 42.72
CA HIS F 355 -35.36 9.56 39.37
CA PHE F 356 -31.82 8.22 38.86
CA SER F 357 -29.58 6.62 36.26
CA THR F 358 -27.14 3.71 36.59
CA ALA F 359 -25.34 0.97 34.67
CA SER F 360 -25.22 -1.98 37.06
CA PRO F 361 -27.37 -4.97 38.11
CA GLN F 362 -27.26 -4.69 41.90
CA ALA F 363 -25.91 -1.24 42.75
CA ASN F 364 -25.08 0.27 46.14
CA PHE F 365 -25.18 4.07 46.51
CA ILE F 366 -25.47 6.60 49.33
CA VAL F 367 -28.14 9.20 48.51
CA SER F 368 -28.23 12.43 50.51
CA LEU F 369 -31.08 14.81 51.34
CA CYS F 370 -30.54 18.26 52.82
CA GLY F 371 -28.18 17.11 55.56
CA LYS F 372 -29.22 13.48 56.08
CA LYS F 373 -27.84 10.43 54.27
CA THR F 374 -29.09 6.91 53.51
CA THR F 375 -28.48 3.83 51.37
CA CYS F 376 -30.52 2.48 48.45
CA ASN F 377 -30.80 -0.92 46.77
CA ALA F 378 -32.51 -2.76 43.89
CA GLU F 379 -31.94 -5.11 40.96
CA CYS F 380 -31.86 -3.25 37.68
CA LYS F 381 -31.28 -6.60 36.21
CA PRO F 382 -30.38 -4.72 33.13
CA PRO F 383 -32.25 -3.15 30.15
CA ALA F 384 -30.20 -3.95 28.40
CA ASP F 385 -30.83 -3.05 24.84
CA HIS F 386 -29.84 0.20 23.41
CA ILE F 387 -30.63 3.59 21.08
CA VAL F 388 -28.00 5.97 20.01
CA SER F 389 -26.52 8.97 22.15
CA THR F 390 -25.17 8.19 25.79
CA PRO F 391 -22.74 8.36 28.92
CA HIS F 392 -22.69 6.46 32.49
CA LYS F 393 -19.83 4.55 34.24
CA ASN F 394 -20.50 0.76 34.48
CA ASP F 395 -18.58 -0.74 37.39
CA GLN F 396 -21.31 -2.64 39.24
CA GLU F 397 -21.95 -6.20 37.86
CA PHE F 398 -18.64 -6.60 39.74
CA GLN F 399 -20.40 -7.55 43.00
CA ALA F 400 -22.81 -9.93 41.21
CA ALA F 401 -20.00 -11.46 39.11
CA ILE F 402 -17.66 -11.73 42.13
CA SER F 403 -20.42 -13.12 44.38
CA LYS F 404 -21.64 -15.54 41.66
CA THR F 405 -18.08 -16.62 40.77
CA SER F 406 -16.67 -17.37 43.89
CA TRP F 407 -15.98 -15.37 41.99
CA SER F 408 -13.63 -18.08 40.76
CA TRP F 409 -16.50 -20.08 42.25
CA LEU F 410 -13.96 -22.80 41.53
CA PHE F 411 -10.41 -21.36 41.75
CA ALA F 412 -10.79 -20.56 45.48
CA LEU F 413 -12.40 -23.95 46.22
CA PHE F 414 -9.83 -25.84 44.11
CA GLY F 415 -6.91 -23.84 45.58
CA GLY F 416 -8.25 -24.17 49.15
CA ALA F 417 -9.02 -27.90 48.69
CA SER F 418 -5.67 -28.56 46.98
CA SER F 419 -3.74 -26.49 49.57
CA LEU F 420 -5.65 -28.07 52.50
CA LEU F 421 -5.31 -31.60 51.05
CA ILE F 422 -1.62 -31.08 50.20
CA ILE F 423 -0.89 -29.45 53.59
CA GLY F 424 -2.88 -32.12 55.49
CA LEU F 425 -1.34 -34.97 53.46
CA MET F 426 2.18 -33.50 53.75
CA ILE F 427 1.75 -32.75 57.48
CA PHE F 428 0.17 -36.18 58.17
CA ALA F 429 2.80 -38.00 56.06
CA CYS F 430 5.66 -35.98 57.59
CA SER F 431 4.29 -36.39 61.14
CA MET F 432 3.56 -40.11 60.63
CA MET F 433 6.95 -40.71 58.95
CA LEU F 434 8.82 -38.65 61.58
CA THR F 435 6.89 -40.28 64.46
CA SER F 436 7.29 -43.80 62.99
CA THR F 437 10.99 -43.23 62.18
CA ARG F 438 11.66 -41.63 65.60
CA ARG F 439 9.67 -44.34 67.44
CA TYR G 1 48.55 -4.07 -52.09
CA GLU G 2 45.62 -6.32 -51.21
CA HIS G 3 44.60 -6.09 -47.54
CA ALA G 4 42.17 -8.28 -45.63
CA THR G 5 40.33 -6.89 -42.58
CA THR G 6 36.93 -7.40 -40.95
CA VAL G 7 34.94 -4.27 -40.18
CA PRO G 8 32.03 -4.42 -37.72
CA ASN G 9 28.77 -3.38 -39.38
CA VAL G 10 27.79 -0.24 -37.47
CA PRO G 11 26.96 3.09 -39.13
CA GLN G 12 29.20 6.14 -38.57
CA ILE G 13 31.75 4.38 -36.37
CA PRO G 14 35.24 4.53 -37.98
CA TYR G 15 37.59 1.55 -37.89
CA LYS G 16 41.28 2.30 -37.46
CA ALA G 17 43.78 -0.29 -38.69
CA LEU G 18 47.44 -0.46 -39.74
CA VAL G 19 48.75 -1.65 -43.07
CA GLU G 20 51.95 -3.60 -42.41
CA ARG G 21 54.22 -4.17 -45.41
CA ALA G 22 57.84 -5.33 -45.46
CA GLY G 23 60.21 -2.37 -45.71
CA TYR G 24 57.26 -0.07 -46.37
CA ALA G 25 56.00 2.40 -43.75
CA PRO G 26 52.64 1.75 -42.02
CA LEU G 27 49.53 3.20 -43.65
CA ASN G 28 46.73 5.47 -42.51
CA LEU G 29 43.62 3.29 -42.77
CA GLU G 30 40.18 4.27 -41.49
CA ILE G 31 36.94 2.78 -42.82
CA THR G 32 33.55 4.26 -42.02
CA VAL G 33 30.40 2.35 -43.01
CA MET G 34 28.38 5.48 -43.66
CA SER G 35 25.20 3.68 -44.64
CA SER G 36 24.01 0.09 -44.85
CA GLU G 37 20.93 -1.01 -46.80
CA VAL G 38 19.38 -4.45 -46.74
CA LEU G 39 17.39 -4.92 -49.94
CA PRO G 40 15.31 -8.07 -50.23
CA SER G 41 13.29 -9.21 -53.26
CA THR G 42 9.67 -8.15 -53.40
CA ASN G 43 7.06 -10.20 -55.26
CA GLN G 44 3.99 -7.99 -54.87
CA GLU G 45 1.07 -10.40 -54.69
CA TYR G 46 -2.14 -8.35 -54.53
CA ILE G 47 -3.75 -5.09 -53.58
CA THR G 48 -6.63 -4.90 -51.13
CA CYS G 49 -8.90 -2.25 -49.69
CA LYS G 50 -12.38 -1.23 -48.61
CA PHE G 51 -14.71 -2.95 -51.08
CA THR G 52 -18.08 -1.60 -52.15
CA THR G 53 -21.07 -3.86 -52.70
CA VAL G 54 -23.23 -3.21 -55.71
CA VAL G 55 -26.82 -4.38 -55.75
CA PRO G 56 -28.62 -4.24 -59.11
CA SER G 57 -32.43 -3.98 -59.06
CA PRO G 58 -33.74 -7.53 -58.69
CA LYS G 59 -35.08 -9.18 -61.83
CA ILE G 60 -38.57 -10.49 -61.12
CA LYS G 61 -40.71 -12.21 -63.78
CA CYS G 62 -44.59 -12.30 -62.63
CA CYS G 63 -45.61 -15.93 -63.20
CA GLY G 64 -42.19 -17.26 -64.18
CA SER G 65 -39.32 -19.39 -62.91
CA LEU G 66 -36.11 -17.43 -62.34
CA GLU G 67 -33.25 -19.90 -61.85
CA CYS G 68 -29.66 -18.65 -61.66
CA GLN G 69 -26.84 -18.92 -64.16
CA PRO G 70 -23.15 -19.27 -63.28
CA ALA G 71 -22.52 -15.52 -63.58
CA ALA G 72 -18.89 -15.13 -62.54
CA HIS G 73 -17.81 -11.52 -62.01
CA ALA G 74 -16.11 -10.53 -58.76
CA ASP G 75 -17.99 -11.26 -55.54
CA TYR G 76 -21.17 -12.24 -57.36
CA THR G 77 -23.94 -14.03 -55.44
CA CYS G 78 -27.46 -14.89 -56.61
CA LYS G 79 -30.30 -16.58 -54.80
CA VAL G 80 -33.61 -17.72 -56.19
CA PHE G 81 -36.48 -16.77 -53.90
CA GLY G 82 -39.83 -18.34 -54.67
CA GLY G 83 -43.39 -17.34 -53.85
CA VAL G 84 -42.78 -13.65 -53.29
CA TYR G 85 -45.22 -10.84 -54.09
CA PRO G 86 -48.92 -11.44 -54.83
CA PHE G 87 -51.24 -9.54 -57.20
CA MET G 88 -51.86 -5.84 -57.72
CA TRP G 89 -49.46 -4.00 -55.38
CA GLY G 90 -47.98 -5.67 -52.30
CA GLY G 91 -44.97 -6.91 -54.02
CA ALA G 92 -44.94 -5.67 -57.63
CA GLN G 93 -47.50 -5.41 -60.40
CA CYS G 94 -48.24 -9.10 -60.89
CA PHE G 95 -51.41 -11.20 -60.77
CA CYS G 96 -50.37 -14.55 -59.28
CA ASP G 97 -49.64 -15.40 -55.64
CA SER G 98 -47.57 -18.53 -55.06
CA GLU G 99 -46.16 -18.72 -58.54
CA ASN G 100 -43.71 -15.83 -58.14
CA SER G 101 -39.92 -15.67 -58.05
CA GLN G 102 -37.23 -13.08 -57.41
CA MET G 103 -33.51 -13.37 -58.11
CA SER G 104 -31.34 -11.50 -55.65
CA GLU G 105 -27.86 -10.86 -57.00
CA ALA G 106 -24.99 -8.77 -55.66
CA TYR G 107 -21.23 -8.42 -56.06
CA VAL G 108 -18.36 -6.31 -54.71
CA GLU G 109 -16.15 -3.65 -56.33
CA LEU G 110 -13.34 -1.41 -55.14
CA SER G 111 -14.12 1.78 -53.25
CA ALA G 112 -14.33 5.09 -55.06
CA ASP G 113 -11.22 5.64 -52.98
CA CYS G 114 -9.59 2.17 -52.98
CA ALA G 115 -6.67 3.87 -54.68
CA SER G 116 -5.99 6.55 -52.09
CA ASP G 117 -6.03 4.04 -49.19
CA HIS G 118 -5.06 0.41 -49.72
CA ALA G 119 -2.44 -2.08 -48.70
CA GLN G 120 -0.04 -4.35 -50.52
CA ALA G 121 0.41 -8.05 -49.87
CA ILE G 122 4.04 -8.75 -50.58
CA LYS G 123 6.24 -11.83 -50.50
CA VAL G 124 9.82 -11.28 -49.40
CA HIS G 125 12.70 -13.53 -50.37
CA THR G 126 16.46 -13.58 -49.92
CA ALA G 127 18.15 -10.18 -49.93
CA ALA G 128 21.28 -8.33 -50.88
CA MET G 129 22.92 -5.49 -48.97
CA LYS G 130 24.78 -2.44 -50.24
CA VAL G 131 27.14 -0.46 -47.99
CA GLY G 132 28.21 3.17 -48.27
CA LEU G 133 31.85 2.90 -47.32
CA ARG G 134 34.33 5.70 -46.78
CA ILE G 135 37.96 4.66 -46.70
CA VAL G 136 40.90 6.96 -46.07
CA TYR G 137 44.49 6.05 -46.88
CA GLY G 138 47.39 8.43 -46.28
CA ASN G 139 46.68 11.91 -47.63
CA THR G 140 43.66 10.79 -49.69
CA THR G 141 40.10 9.78 -48.76
CA SER G 142 37.83 7.81 -51.07
CA PHE G 143 34.42 6.13 -50.94
CA LEU G 144 32.59 3.39 -52.80
CA ASP G 145 29.21 1.67 -52.53
CA VAL G 146 29.66 -2.07 -52.40
CA TYR G 147 27.32 -5.06 -52.38
CA VAL G 148 28.12 -7.61 -49.73
CA ASN G 149 29.15 -10.86 -51.41
CA GLY G 150 32.57 -12.33 -52.04
CA VAL G 151 32.23 -11.20 -55.64
CA THR G 152 31.08 -7.78 -56.83
CA PRO G 153 33.75 -5.07 -56.57
CA GLY G 154 32.58 -1.47 -56.23
CA THR G 155 34.35 -0.03 -59.27
CA SER G 156 35.62 2.99 -57.34
CA LYS G 157 37.77 4.33 -60.18
CA ASP G 158 41.02 3.65 -58.33
CA LEU G 159 40.75 1.12 -55.52
CA LYS G 160 39.16 -2.33 -55.78
CA VAL G 161 37.05 -3.03 -52.68
CA ILE G 162 35.14 -6.31 -52.63
CA ALA G 163 33.10 -6.77 -49.46
CA GLY G 164 33.02 -10.42 -48.44
CA PRO G 165 29.80 -12.20 -47.43
CA ILE G 166 28.25 -10.79 -44.26
CA SER G 167 28.92 -12.84 -41.09
CA ALA G 168 25.27 -13.59 -40.22
CA SER G 169 22.34 -13.58 -42.60
CA PHE G 170 19.75 -11.50 -40.80
CA THR G 171 16.51 -9.90 -41.98
CA PRO G 172 13.90 -7.77 -40.21
CA PHE G 173 11.23 -9.27 -42.47
CA ASP G 174 9.17 -12.46 -42.78
CA HIS G 175 8.42 -14.25 -46.03
CA LYS G 176 5.10 -12.39 -46.06
CA VAL G 177 4.78 -8.68 -45.32
CA VAL G 178 2.07 -6.06 -45.65
CA ILE G 179 2.75 -2.50 -46.65
CA HIS G 180 0.02 -0.03 -45.80
CA ARG G 181 0.85 3.63 -46.08
CA GLY G 182 4.54 4.12 -45.54
CA LEU G 183 4.33 1.35 -43.07
CA VAL G 184 5.24 -2.28 -43.25
CA TYR G 185 4.02 -5.08 -40.96
CA ASN G 186 5.03 -8.73 -40.81
CA TYR G 187 1.63 -10.32 -41.57
CA ASP G 188 0.89 -13.79 -42.96
CA PHE G 189 -1.76 -12.61 -45.46
CA PRO G 190 -3.44 -15.43 -47.36
CA GLU G 191 -2.33 -16.54 -50.83
CA TYR G 192 -3.90 -14.87 -53.81
CA GLY G 193 -7.07 -16.86 -54.32
CA ALA G 194 -7.56 -18.48 -50.93
CA MET G 195 -9.31 -15.63 -49.19
CA LYS G 196 -11.24 -15.63 -45.93
CA PRO G 197 -13.89 -12.91 -45.53
CA GLY G 198 -13.78 -10.19 -42.90
CA ALA G 199 -10.10 -11.04 -42.38
CA PHE G 200 -7.24 -9.27 -44.17
CA GLY G 201 -7.27 -9.85 -47.89
CA ASP G 202 -10.98 -10.53 -48.12
CA ILE G 203 -10.86 -9.00 -51.59
CA GLN G 204 -7.80 -9.26 -53.85
CA ALA G 205 -6.45 -7.72 -57.04
CA THR G 206 -3.11 -7.92 -58.84
CA SER G 207 -2.79 -4.18 -59.44
CA LEU G 208 -4.77 -1.04 -58.57
CA THR G 209 -6.12 -0.99 -62.12
CA SER G 210 -8.80 -3.33 -60.78
CA LYS G 211 -7.07 -6.42 -62.55
CA ASP G 212 -9.12 -9.79 -62.36
CA LEU G 213 -10.10 -9.10 -58.72
CA ILE G 214 -11.35 -12.01 -56.64
CA ALA G 215 -13.39 -11.40 -53.48
CA SER G 216 -14.99 -13.55 -50.78
CA THR G 217 -17.17 -11.45 -48.44
CA ASP G 218 -19.79 -13.84 -46.98
CA ILE G 219 -22.71 -12.08 -48.62
CA ARG G 220 -26.04 -13.54 -47.61
CA LEU G 221 -29.29 -12.87 -49.45
CA LEU G 222 -32.55 -12.67 -47.57
CA LYS G 223 -36.07 -13.45 -48.71
CA PRO G 224 -37.59 -10.00 -49.23
CA SER G 225 -40.92 -9.16 -47.58
CA ALA G 226 -43.91 -8.08 -49.67
CA LYS G 227 -44.59 -4.37 -49.33
CA ASN G 228 -41.73 -3.05 -51.48
CA VAL G 229 -39.19 -4.32 -53.97
CA HIS G 230 -36.16 -4.15 -51.73
CA VAL G 231 -33.32 -6.65 -51.82
CA PRO G 232 -32.06 -7.59 -48.32
CA TYR G 233 -28.62 -8.99 -47.59
CA THR G 234 -26.15 -9.50 -44.79
CA GLN G 235 -22.44 -9.55 -45.44
CA ALA G 236 -19.17 -9.82 -43.62
CA SER G 237 -17.11 -6.93 -42.31
CA SER G 238 -14.36 -5.18 -44.30
CA GLY G 239 -11.34 -7.41 -43.64
CA PHE G 240 -9.30 -4.35 -44.50
CA GLU G 241 -10.70 -1.76 -42.13
CA MET G 242 -10.73 -4.70 -39.73
CA TRP G 243 -7.03 -5.24 -40.17
CA LYS G 244 -6.38 -1.50 -40.00
CA ASN G 245 -8.02 -1.16 -36.53
CA ASN G 246 -5.83 -4.06 -35.56
CA SER G 247 -2.63 -3.49 -37.47
CA GLY G 248 0.21 -3.62 -35.01
CA ARG G 249 2.95 -1.21 -34.36
CA PRO G 250 4.89 -0.99 -37.70
CA LEU G 251 8.20 -2.73 -38.23
CA GLN G 252 9.85 0.67 -38.44
CA GLU G 253 9.07 0.58 -34.71
CA THR G 254 9.84 -3.05 -33.90
CA ALA G 255 12.89 -3.80 -36.07
CA PRO G 256 15.24 -6.23 -34.20
CA PHE G 257 18.54 -4.36 -34.72
CA GLY G 258 17.66 -0.70 -34.73
CA CYS G 259 16.99 -0.88 -38.44
CA LYS G 260 15.24 2.07 -40.08
CA ILE G 261 12.64 0.35 -42.30
CA ALA G 262 11.94 2.09 -45.63
CA VAL G 263 9.34 1.92 -48.41
CA ASN G 264 9.52 2.34 -51.72
CA PRO G 265 12.34 -0.03 -52.28
CA LEU G 266 11.62 -2.35 -49.35
CA ARG G 267 14.75 -1.80 -47.27
CA ALA G 268 16.34 -1.94 -43.82
CA VAL G 269 18.44 1.23 -43.58
CA ASP G 270 21.37 1.36 -41.15
CA CYS G 271 20.96 -1.88 -39.25
CA SER G 272 23.81 -2.89 -36.96
CA TYR G 273 24.91 -6.50 -36.60
CA GLY G 274 27.89 -8.72 -37.37
CA ASN G 275 31.15 -7.90 -39.06
CA ILE G 276 31.88 -7.35 -42.75
CA PRO G 277 34.94 -8.95 -44.27
CA ILE G 278 36.63 -6.41 -46.54
CA SER G 279 39.41 -6.75 -49.11
CA ILE G 280 41.15 -3.55 -50.16
CA ASP G 281 43.54 -2.88 -53.06
CA ILE G 282 45.79 0.08 -52.20
CA PRO G 283 47.47 1.67 -55.22
CA ASN G 284 51.25 1.57 -54.69
CA ALA G 285 51.12 5.16 -55.94
CA ALA G 286 50.70 6.66 -52.46
CA PHE G 287 51.34 4.47 -49.41
CA ILE G 288 55.01 5.29 -48.86
CA ARG G 289 58.07 3.06 -48.49
CA THR G 290 60.58 3.70 -45.68
CA SER G 291 62.81 6.24 -47.42
CA ASP G 292 61.31 9.23 -45.62
CA ALA G 293 61.33 9.36 -41.82
CA PRO G 294 64.75 10.75 -42.61
CA LEU G 295 66.15 8.47 -40.09
CA VAL G 296 63.31 9.56 -37.89
CA SER G 297 64.57 8.11 -34.60
CA THR G 298 63.67 7.76 -30.93
CA VAL G 299 60.01 7.80 -29.87
CA LYS G 300 58.89 7.55 -26.24
CA CYS G 301 55.35 7.89 -24.92
CA GLU G 302 54.03 9.96 -22.00
CA VAL G 303 50.37 10.23 -20.98
CA SER G 304 49.26 13.53 -19.46
CA GLU G 305 45.60 12.86 -18.64
CA CYS G 306 43.11 10.03 -19.15
CA THR G 307 39.47 9.11 -18.55
CA TYR G 308 38.09 5.57 -18.60
CA SER G 309 35.41 4.67 -21.18
CA ALA G 310 34.86 8.17 -22.56
CA ASP G 311 34.63 9.46 -26.13
CA PHE G 312 38.20 10.82 -26.18
CA GLY G 313 39.41 11.40 -22.64
CA GLY G 314 42.93 10.18 -23.38
CA MET G 315 45.81 12.63 -23.69
CA ALA G 316 49.36 11.51 -24.50
CA THR G 317 52.47 13.25 -25.85
CA LEU G 318 55.41 11.88 -27.85
CA GLN G 319 58.98 13.13 -27.54
CA TYR G 320 61.47 12.23 -30.26
CA VAL G 321 64.13 13.48 -32.69
CA SER G 322 63.56 14.08 -36.40
CA ASP G 323 65.97 15.05 -39.19
CA ARG G 324 63.44 17.33 -40.88
CA GLU G 325 59.74 18.15 -41.12
CA GLY G 326 57.09 15.88 -42.61
CA GLN G 327 53.75 14.16 -42.02
CA CYS G 328 53.45 10.95 -39.99
CA PRO G 329 50.48 8.56 -39.70
CA VAL G 330 49.84 7.72 -36.05
CA HIS G 331 48.03 4.48 -35.17
CA SER G 332 47.63 1.94 -32.35
CA HIS G 333 48.70 -1.70 -32.76
CA SER G 334 46.41 -2.95 -30.00
CA SER G 335 42.60 -2.81 -29.76
CA THR G 336 42.87 -1.89 -26.07
CA ALA G 337 43.00 1.69 -27.30
CA THR G 338 42.36 3.79 -30.41
CA LEU G 339 43.56 7.23 -31.53
CA GLN G 340 41.28 10.14 -32.44
CA GLU G 341 43.65 11.18 -35.20
CA SER G 342 45.59 9.11 -37.72
CA THR G 343 48.06 11.71 -39.00
CA VAL G 344 50.36 14.24 -37.32
CA HIS G 345 52.55 17.14 -38.48
CA VAL G 346 55.99 16.14 -37.21
CA LEU G 347 58.21 19.14 -36.50
CA GLU G 348 61.82 19.38 -35.37
CA LYS G 349 60.70 20.33 -31.84
CA GLY G 350 60.30 16.67 -30.93
CA ALA G 351 56.89 16.98 -29.31
CA VAL G 352 53.62 15.51 -30.57
CA THR G 353 50.35 15.70 -28.63
CA VAL G 354 47.67 13.12 -29.44
CA HIS G 355 44.18 12.26 -28.17
CA PHE G 356 42.95 8.69 -27.66
CA SER G 357 39.98 6.71 -26.36
CA THR G 358 39.89 3.61 -24.16
CA ALA G 359 37.76 1.61 -21.74
CA SER G 360 40.21 0.26 -19.16
CA PRO G 361 41.86 1.31 -15.87
CA GLN G 362 45.51 0.51 -16.57
CA ALA G 363 45.87 -0.09 -20.31
CA ASN G 364 48.89 -1.19 -22.32
CA PHE G 365 49.08 -0.21 -26.00
CA ILE G 366 51.77 0.11 -28.68
CA VAL G 367 51.45 3.45 -30.47
CA SER G 368 53.26 3.95 -33.78
CA LEU G 369 54.59 7.06 -35.50
CA CYS G 370 55.75 7.11 -39.11
CA GLY G 371 57.93 4.02 -38.84
CA LYS G 372 58.84 3.98 -35.15
CA LYS G 373 56.92 2.28 -32.33
CA THR G 374 56.64 2.73 -28.56
CA THR G 375 54.57 1.83 -25.50
CA CYS G 376 52.27 4.03 -23.41
CA ASN G 377 50.87 3.79 -19.88
CA ALA G 378 48.54 5.53 -17.41
CA GLU G 379 45.68 5.02 -14.97
CA CYS G 380 42.38 6.08 -16.44
CA LYS G 381 40.99 5.00 -13.19
CA PRO G 382 37.70 5.27 -14.88
CA PRO G 383 35.14 8.04 -15.65
CA ALA G 384 33.01 6.27 -15.19
CA ASP G 385 29.65 7.83 -15.54
CA HIS G 386 27.87 8.02 -18.77
CA ILE G 387 25.62 10.10 -21.62
CA VAL G 388 23.87 8.43 -24.42
CA SER G 389 25.44 7.34 -27.89
CA THR G 390 28.73 5.11 -27.84
CA PRO G 391 31.20 2.21 -28.89
CA HIS G 392 34.77 0.95 -27.43
CA LYS G 393 35.91 -2.61 -26.45
CA ASN G 394 36.66 -3.21 -22.43
CA ASP G 395 39.21 -5.95 -21.80
CA GLN G 396 41.70 -4.19 -19.52
CA GLU G 397 40.58 -3.36 -15.58
CA PHE G 398 41.22 -5.10 -15.97
CA GLN G 399 44.89 -4.87 -14.87
CA ALA G 400 43.94 -3.75 -11.33
CA ALA G 401 41.18 -6.39 -11.05
CA ILE G 402 43.42 -9.13 -12.52
CA SER G 403 46.40 -8.09 -10.36
CA LYS G 404 44.23 -7.76 -7.22
CA THR G 405 42.40 -11.05 -7.92
CA SER G 406 43.10 -12.83 -6.96
CA TRP G 407 40.86 -13.41 -5.44
CA SER G 408 41.57 -15.02 -8.81
CA TRP G 409 45.05 -14.38 -7.43
CA LEU G 410 44.37 -15.17 -3.75
CA PHE G 411 42.47 -18.37 -4.61
CA ALA G 412 45.11 -19.46 -7.17
CA LEU G 413 48.00 -18.56 -4.82
CA PHE G 414 46.29 -20.21 -1.81
CA GLY G 415 45.31 -23.31 -3.85
CA GLY G 416 48.77 -23.54 -5.47
CA ALA G 417 50.57 -22.95 -2.15
CA SER G 418 48.27 -25.38 -0.28
CA SER G 419 48.51 -28.00 -3.05
CA LEU G 420 52.30 -27.56 -3.38
CA LEU G 421 52.81 -27.58 0.42
CA ILE G 422 50.47 -30.57 0.89
CA ILE G 423 52.01 -32.47 -2.06
CA GLY G 424 55.58 -31.62 -0.96
CA LEU G 425 54.83 -32.45 2.70
CA MET G 426 52.97 -35.67 1.77
CA ILE G 427 55.65 -36.70 -0.75
CA PHE G 428 58.50 -35.81 1.66
CA ALA G 429 56.75 -37.52 4.62
CA CYS G 430 55.83 -40.59 2.54
CA SER G 431 59.32 -40.79 0.97
CA MET G 432 61.05 -40.21 4.33
CA MET G 433 58.74 -42.68 6.14
CA LEU G 434 59.05 -45.28 3.34
CA THR G 435 62.84 -44.81 3.08
CA SER G 436 63.28 -44.86 6.88
CA THR G 437 60.95 -47.87 7.28
CA ARG G 438 62.55 -49.72 4.34
CA ARG G 439 66.10 -48.87 5.51
CA TYR H 1 28.34 20.10 -11.89
CA GLU H 2 26.63 19.59 -8.52
CA HIS H 3 29.04 19.86 -5.59
CA ALA H 4 28.39 19.02 -1.94
CA THR H 5 30.41 20.76 0.80
CA THR H 6 29.76 21.89 4.38
CA VAL H 7 30.69 25.47 5.22
CA PRO H 8 31.09 26.54 8.87
CA ASN H 9 28.66 29.32 9.75
CA VAL H 10 30.94 32.23 10.58
CA PRO H 11 30.66 35.70 9.01
CA GLN H 12 33.47 37.04 6.77
CA ILE H 13 35.66 33.94 6.97
CA PRO H 14 36.21 32.47 3.46
CA TYR H 15 36.17 28.72 2.87
CA LYS H 16 38.63 27.37 0.30
CA ALA H 17 37.83 24.04 -1.36
CA LEU H 18 38.75 22.13 -4.53
CA VAL H 19 36.34 20.88 -7.14
CA GLU H 20 37.60 17.48 -8.31
CA ARG H 21 36.18 16.21 -11.60
CA ALA H 22 37.43 13.36 -13.78
CA GLY H 23 39.63 14.65 -16.58
CA TYR H 24 38.65 18.22 -15.70
CA ALA H 25 41.08 20.62 -14.00
CA PRO H 26 40.47 21.59 -10.34
CA LEU H 27 38.30 24.64 -9.68
CA ASN H 28 38.77 27.86 -7.76
CA LEU H 29 36.12 27.69 -5.02
CA GLU H 30 35.83 30.13 -2.13
CA ILE H 31 32.60 30.72 -0.20
CA THR H 32 32.17 33.63 2.19
CA VAL H 33 29.07 33.79 4.39
CA MET H 34 28.90 37.56 4.35
CA SER H 35 25.83 37.82 6.57
CA SER H 36 23.58 35.43 8.47
CA GLU H 37 20.13 36.36 9.76
CA VAL H 38 17.97 34.25 12.03
CA LEU H 39 14.36 35.31 11.56
CA PRO H 40 11.79 33.76 13.90
CA SER H 41 8.02 34.24 13.77
CA THR H 42 6.58 37.03 15.86
CA ASN H 43 3.02 36.89 17.20
CA GLN H 44 2.73 40.31 18.85
CA GLU H 45 0.43 39.77 21.82
CA TYR H 46 -0.17 43.14 23.47
CA ILE H 47 1.14 46.61 24.12
CA THR H 48 1.69 47.96 27.62
CA CYS H 49 2.77 51.19 29.23
CA LYS H 50 2.32 53.72 32.01
CA PHE H 51 -1.42 53.80 32.64
CA THR H 52 -3.32 56.82 33.88
CA THR H 53 -6.16 56.54 36.38
CA VAL H 54 -9.25 58.61 35.77
CA VAL H 55 -11.52 59.49 38.66
CA PRO H 56 -14.92 60.98 37.74
CA SER H 57 -16.63 63.16 40.35
CA PRO H 58 -18.48 60.80 42.69
CA LYS H 59 -22.22 60.50 42.20
CA ILE H 60 -23.95 61.12 45.53
CA LYS H 61 -27.74 61.13 45.91
CA CYS H 62 -28.81 62.91 49.39
CA CYS H 63 -31.26 60.47 50.95
CA GLY H 64 -30.89 57.68 48.39
CA SER H 65 -29.41 54.23 47.89
CA LEU H 66 -26.58 54.15 45.36
CA GLU H 67 -25.83 50.50 44.49
CA CYS H 68 -23.41 49.67 41.68
CA GLN H 69 -24.05 48.30 38.21
CA PRO H 70 -21.71 45.97 36.31
CA ALA H 71 -20.07 48.84 34.43
CA ALA H 72 -17.32 47.15 32.42
CA HIS H 73 -14.89 49.58 30.79
CA ALA H 74 -11.15 49.11 31.31
CA ASP H 75 -9.92 49.06 34.90
CA TYR H 76 -13.27 50.12 36.31
CA THR H 77 -13.91 49.80 40.05
CA CYS H 78 -16.90 51.05 42.07
CA LYS H 79 -17.60 50.87 45.77
CA VAL H 80 -20.77 51.81 47.60
CA PHE H 81 -20.02 53.80 50.72
CA GLY H 82 -22.91 54.31 53.11
CA GLY H 83 -23.61 56.90 55.77
CA VAL H 84 -21.34 59.64 54.47
CA TYR H 85 -21.97 63.39 54.74
CA PRO H 86 -24.61 64.89 57.05
CA PHE H 87 -26.77 68.00 56.54
CA MET H 88 -25.91 71.52 55.43
CA TRP H 89 -22.18 71.53 54.61
CA GLY H 90 -19.79 68.95 56.06
CA GLY H 91 -20.15 66.56 53.30
CA ALA H 92 -22.38 68.05 50.58
CA GLN H 93 -25.65 69.96 50.52
CA CYS H 94 -27.93 67.29 51.97
CA PHE H 95 -30.26 67.16 54.98
CA CYS H 96 -30.01 63.59 56.31
CA ASP H 97 -27.23 62.03 58.37
CA SER H 98 -27.08 58.22 58.35
CA GLU H 99 -29.13 57.78 55.22
CA ASN H 100 -26.41 58.90 52.79
CA SER H 101 -24.42 57.05 50.14
CA GLN H 102 -21.54 57.76 47.80
CA MET H 103 -20.37 55.68 44.85
CA SER H 104 -16.64 55.81 44.25
CA GLU H 105 -15.69 54.72 40.76
CA ALA H 106 -12.39 54.82 38.90
CA TYR H 107 -10.71 53.21 35.89
CA VAL H 108 -7.39 53.33 34.03
CA GLU H 109 -6.43 54.63 30.58
CA LEU H 110 -3.21 54.91 28.61
CA SER H 111 -0.81 57.76 29.29
CA ALA H 112 -0.92 60.89 27.17
CA ASP H 113 2.42 59.48 26.13
CA CYS H 114 1.78 55.71 26.14
CA ALA H 115 2.62 55.84 22.46
CA SER H 116 6.06 57.42 22.73
CA ASP H 117 7.20 54.94 25.43
CA HIS H 118 5.75 51.44 25.63
CA ALA H 119 6.77 47.84 25.28
CA GLN H 120 5.61 44.92 23.20
CA ALA H 121 4.79 41.48 24.53
CA ILE H 122 5.73 39.08 21.78
CA LYS H 123 5.57 35.34 21.32
CA VAL H 124 8.40 33.80 19.32
CA HIS H 125 8.13 30.52 17.46
CA THR H 126 10.30 28.46 15.13
CA ALA H 127 12.54 30.46 12.80
CA ALA H 128 14.12 30.52 9.39
CA MET H 129 17.57 31.82 8.50
CA LYS H 130 18.78 33.59 5.37
CA VAL H 131 22.49 33.75 4.48
CA GLY H 132 24.32 36.30 2.34
CA LEU H 133 26.72 34.05 0.48
CA ARG H 134 29.52 35.05 -1.85
CA ILE H 135 30.92 32.27 -4.00
CA VAL H 136 33.81 32.61 -6.42
CA TYR H 137 34.57 30.07 -9.14
CA GLY H 138 37.43 30.51 -11.58
CA ASN H 139 37.51 33.99 -13.10
CA THR H 140 33.99 34.88 -11.92
CA THR H 141 32.53 35.75 -8.50
CA SER H 142 28.83 35.58 -7.71
CA PHE H 143 26.56 35.91 -4.69
CA LEU H 144 23.08 34.79 -3.66
CA ASP H 145 20.93 35.05 -0.55
CA VAL H 146 19.68 31.65 0.46
CA TYR H 147 17.30 30.33 3.11
CA VAL H 148 18.65 27.42 5.08
CA ASN H 149 16.52 24.37 4.39
CA GLY H 150 17.09 21.42 2.10
CA VAL H 151 14.64 23.02 -0.32
CA THR H 152 14.60 26.66 -1.41
CA PRO H 153 17.23 27.53 -4.02
CA GLY H 154 18.43 31.13 -4.20
CA THR H 155 17.58 31.83 -7.83
CA SER H 156 20.94 33.46 -8.52
CA LYS H 157 20.38 33.84 -12.26
CA ASP H 158 23.09 31.33 -13.14
CA LEU H 159 24.06 28.98 -10.33
CA LYS H 160 21.64 26.92 -8.22
CA VAL H 161 22.69 27.04 -4.56
CA ILE H 162 20.42 25.24 -2.09
CA ALA H 163 21.63 25.51 1.49
CA GLY H 164 20.86 22.35 3.42
CA PRO H 165 19.32 22.38 6.90
CA ILE H 166 21.57 23.96 9.51
CA SER H 167 23.46 21.48 11.73
CA ALA H 168 22.03 22.62 15.08
CA SER H 169 18.77 24.47 15.63
CA PHE H 170 19.76 27.35 17.89
CA THR H 171 17.93 30.53 18.87
CA PRO H 172 18.89 33.46 21.10
CA PHE H 173 15.23 33.86 22.05
CA ASP H 174 12.66 32.29 24.36
CA HIS H 175 9.05 31.58 23.42
CA LYS H 176 8.17 34.87 25.10
CA VAL H 177 10.15 38.08 24.56
CA VAL H 178 9.65 41.75 25.37
CA ILE H 179 10.72 44.53 23.08
CA HIS H 180 11.06 47.92 24.70
CA ARG H 181 12.78 50.63 22.72
CA GLY H 182 15.21 49.05 20.31
CA LEU H 183 15.83 46.49 22.94
CA VAL H 184 14.63 42.98 23.40
CA TYR H 185 14.60 40.96 26.63
CA ASN H 186 13.69 37.33 27.24
CA TYR H 187 10.78 37.85 29.68
CA ASP H 188 7.89 35.49 30.47
CA PHE H 189 5.19 38.18 30.36
CA PRO H 190 1.73 36.92 31.28
CA GLU H 191 -0.85 35.85 28.69
CA TYR H 192 -3.21 38.46 27.35
CA GLY H 193 -5.97 38.49 29.91
CA ALA H 194 -4.30 36.93 32.92
CA MET H 195 -2.63 40.03 34.30
CA LYS H 196 -1.10 40.62 37.71
CA PRO H 197 -0.95 44.24 38.92
CA GLY H 198 2.27 46.14 39.58
CA ALA H 199 4.10 43.44 37.62
CA PHE H 200 4.88 43.69 33.89
CA GLY H 201 1.77 43.69 31.77
CA ASP H 202 -0.50 45.08 34.44
CA ILE H 203 -2.46 46.75 31.66
CA GLN H 204 -2.79 45.24 28.18
CA ALA H 205 -3.93 46.24 24.70
CA THR H 206 -3.75 44.57 21.29
CA SER H 207 -2.49 47.64 19.43
CA LEU H 208 -1.48 51.20 20.33
CA THR H 209 -4.83 52.41 19.00
CA SER H 210 -6.10 51.65 22.51
CA LYS H 211 -7.90 48.37 21.21
CA ASP H 212 -10.16 46.57 23.89
CA LEU H 213 -7.58 47.19 26.65
CA ILE H 214 -7.82 45.12 29.82
CA ALA H 215 -6.14 46.28 33.03
CA SER H 216 -5.76 44.95 36.58
CA THR H 217 -4.15 47.56 38.88
CA ASP H 218 -5.33 46.70 42.43
CA ILE H 219 -7.28 49.93 42.85
CA ARG H 220 -8.75 50.30 46.30
CA LEU H 221 -11.47 52.78 47.19
CA LEU H 222 -11.55 54.40 50.60
CA LYS H 223 -14.47 55.72 52.60
CA PRO H 224 -14.16 59.49 52.19
CA SER H 225 -14.19 61.72 55.28
CA ALA H 226 -16.79 64.46 55.69
CA LYS H 227 -15.31 67.90 55.14
CA ASN H 228 -15.00 67.81 51.33
CA VAL H 229 -16.20 65.73 48.42
CA HIS H 230 -12.93 64.02 47.64
CA VAL H 231 -12.64 60.43 46.44
CA PRO H 232 -9.75 58.54 48.09
CA TYR H 233 -8.09 55.48 46.60
CA THR H 234 -4.95 53.40 46.82
CA GLN H 235 -3.66 51.52 43.83
CA ALA H 236 -0.78 49.35 42.77
CA SER H 237 2.44 50.55 41.19
CA SER H 238 3.00 50.86 37.43
CA GLY H 239 4.05 47.33 36.47
CA PHE H 240 5.68 48.96 33.48
CA GLU H 241 7.90 51.56 35.09
CA MET H 242 8.48 48.79 37.61
CA TRP H 243 9.73 46.45 34.92
CA LYS H 244 11.74 49.27 33.33
CA ASN H 245 13.73 49.96 36.55
CA ASN H 246 14.33 46.25 36.60
CA SER H 247 14.68 45.30 32.96
CA GLY H 248 17.90 43.41 32.57
CA ARG H 249 20.74 43.93 30.26
CA PRO H 250 19.23 43.54 26.73
CA LEU H 251 19.74 40.42 24.65
CA GLN H 252 21.80 42.46 22.23
CA GLU H 253 24.23 42.31 25.15
CA THR H 254 23.71 38.74 26.34
CA ALA H 255 23.23 36.80 23.10
CA PRO H 256 24.79 33.28 23.45
CA PHE H 257 26.79 33.22 20.17
CA GLY H 258 27.89 36.77 19.56
CA CYS H 259 24.64 37.45 17.75
CA LYS H 260 23.76 41.05 16.95
CA ILE H 261 20.08 41.24 17.94
CA ALA H 262 17.92 43.50 15.75
CA VAL H 263 14.45 45.06 15.88
CA ASN H 264 12.18 45.74 13.51
CA PRO H 265 12.13 42.36 11.98
CA LEU H 266 13.06 40.40 15.11
CA ARG H 267 16.41 38.96 14.05
CA ALA H 268 19.77 37.58 15.17
CA VAL H 269 22.31 39.14 12.78
CA ASP H 270 25.66 37.40 12.23
CA CYS H 271 25.55 34.63 14.79
CA SER H 272 28.28 32.01 14.59
CA TYR H 273 27.58 28.34 15.25
CA GLY H 274 27.52 25.01 13.43
CA ASN H 275 28.17 24.22 9.80
CA ILE H 276 25.94 24.80 6.77
CA PRO H 277 25.61 22.05 4.21
CA ILE H 278 25.77 23.61 0.73
CA SER H 279 25.02 22.20 -2.72
CA ILE H 280 26.41 24.14 -5.67
CA ASP H 281 25.64 23.83 -9.39
CA ILE H 282 28.64 25.05 -11.40
CA PRO H 283 27.81 25.91 -15.04
CA ASN H 284 30.03 23.79 -17.30
CA ALA H 285 30.52 27.06 -19.20
CA ALA H 286 33.59 28.09 -17.22
CA PHE H 287 35.32 25.51 -15.01
CA ILE H 288 37.89 24.23 -17.49
CA ARG H 289 38.74 20.71 -18.67
CA THR H 290 42.38 19.59 -18.85
CA SER H 291 43.20 20.80 -22.36
CA ASP H 292 45.09 23.87 -21.18
CA ALA H 293 48.06 23.48 -18.84
CA PRO H 294 50.09 23.08 -22.03
CA LEU H 295 50.50 19.83 -20.25
CA VAL H 296 51.84 21.97 -17.44
CA SER H 297 54.28 19.58 -15.79
CA THR H 298 56.55 19.20 -12.76
CA VAL H 299 55.75 21.08 -9.55
CA LYS H 300 57.92 20.91 -6.43
CA CYS H 301 57.49 22.93 -3.24
CA GLU H 302 60.07 24.90 -1.25
CA VAL H 303 59.33 26.96 1.87
CA SER H 304 61.48 30.05 2.43
CA GLU H 305 60.16 31.36 5.75
CA CYS H 306 57.38 30.49 8.18
CA THR H 307 55.78 31.64 11.42
CA TYR H 308 53.52 29.49 13.61
CA SER H 309 49.92 30.63 14.23
CA ALA H 310 50.18 34.02 12.54
CA ASP H 311 47.91 35.77 10.03
CA PHE H 312 50.09 34.94 7.02
CA GLY H 313 53.63 34.20 8.14
CA GLY H 314 54.10 31.38 5.65
CA MET H 315 56.27 31.85 2.55
CA ALA H 316 56.73 29.12 -0.05
CA THR H 317 57.88 29.06 -3.68
CA LEU H 318 57.05 26.64 -6.50
CA GLN H 319 59.46 25.64 -9.26
CA TYR H 320 58.09 23.97 -12.38
CA VAL H 321 57.98 23.93 -16.18
CA SER H 322 55.12 25.31 -18.29
CA ASP H 323 54.50 25.22 -22.04
CA ARG H 324 53.08 28.76 -22.11
CA GLU H 325 51.59 31.50 -19.94
CA GLY H 326 48.22 31.32 -18.20
CA GLN H 327 46.40 31.65 -14.88
CA CYS H 328 46.39 28.86 -12.29
CA PRO H 329 44.20 28.48 -9.18
CA VAL H 330 46.34 27.55 -6.18
CA HIS H 331 44.75 25.75 -3.23
CA SER H 332 45.60 23.45 -0.31
CA HIS H 333 44.14 19.94 -0.04
CA SER H 334 44.66 19.73 3.73
CA SER H 335 43.19 21.90 6.49
CA THR H 336 46.56 21.92 8.27
CA ALA H 337 47.30 25.00 6.15
CA THR H 338 45.55 27.55 3.95
CA LEU H 339 46.77 29.90 1.21
CA GLN H 340 46.35 33.68 1.22
CA GLU H 341 45.76 33.67 -2.52
CA SER H 342 43.77 31.31 -4.71
CA THR H 343 45.06 32.28 -8.16
CA VAL H 344 48.54 32.83 -9.63
CA HIS H 345 49.93 34.19 -12.90
CA VAL H 346 52.02 31.28 -14.19
CA LEU H 347 54.91 32.43 -16.36
CA GLU H 348 57.53 30.46 -18.29
CA LYS H 349 60.16 31.30 -15.66
CA GLY H 350 59.04 28.36 -13.53
CA ALA H 351 58.89 30.24 -10.24
CA VAL H 352 55.77 31.02 -8.20
CA THR H 353 55.88 32.67 -4.77
CA VAL H 354 52.89 32.15 -2.46
CA HIS H 355 51.90 33.16 1.07
CA PHE H 356 50.14 30.82 3.50
CA SER H 357 48.91 30.61 7.09
CA THR H 358 49.17 27.76 9.60
CA ALA H 359 49.18 26.92 13.31
CA SER H 360 51.66 24.07 13.65
CA PRO H 361 55.41 23.50 14.15
CA GLN H 362 56.17 20.94 11.43
CA ALA H 363 53.17 20.85 9.08
CA ASN H 364 52.50 18.60 6.10
CA PHE H 365 50.19 19.87 3.36
CA ILE H 366 49.48 19.10 -0.31
CA VAL H 367 49.46 22.30 -2.37
CA SER H 368 47.94 22.23 -5.85
CA LEU H 369 48.62 24.32 -8.94
CA CYS H 370 46.38 24.30 -12.01
CA GLY H 371 46.19 20.52 -12.29
CA LYS H 372 49.41 19.41 -10.64
CA LYS H 373 49.97 18.62 -6.96
CA THR H 374 52.95 18.56 -4.59
CA THR H 375 53.97 18.47 -0.93
CA CYS H 376 55.52 21.21 1.22
CA ASN H 377 57.51 21.23 4.46
CA ALA H 378 59.14 23.54 7.00
CA GLU H 379 59.50 24.30 10.72
CA CYS H 380 57.36 27.22 11.76
CA LYS H 381 58.75 26.59 15.12
CA PRO H 382 56.08 28.87 16.30
CA PRO H 383 55.57 32.68 16.64
CA ALA H 384 54.17 32.32 19.04
CA ASP H 385 53.08 35.50 20.65
CA HIS H 386 49.89 37.13 19.85
CA ILE H 387 47.60 40.53 18.94
CA VAL H 388 43.91 40.57 19.03
CA SER H 389 41.45 39.35 16.15
CA THR H 390 41.97 35.70 14.67
CA PRO H 391 40.98 32.13 13.29
CA HIS H 392 43.13 28.91 12.13
CA LYS H 393 42.82 25.20 13.18
CA ASN H 394 45.55 23.19 14.87
CA ASP H 395 46.15 19.47 14.40
CA GLN H 396 49.84 19.37 13.50
CA GLU H 397 52.93 17.76 14.20
CA PHE H 398 56.08 18.84 16.09
CA GLN H 399 54.71 17.59 19.45
CA ALA H 400 53.30 14.32 18.01
CA ALA H 401 56.64 13.45 16.32
CA ILE H 402 58.66 14.39 19.44
CA SER H 403 56.24 12.57 21.77
CA LYS H 404 56.06 9.50 19.48
CA THR H 405 59.84 9.47 18.94
CA SER H 406 61.08 9.65 22.21
CA TRP H 407 59.52 11.99 22.40
CA SER H 408 58.49 8.40 23.13
CA TRP H 409 57.93 7.26 26.71
CA LEU H 410 54.73 5.18 26.35
CA PHE H 411 56.06 3.36 23.26
CA ALA H 412 59.49 2.79 24.87
CA LEU H 413 57.94 1.70 28.21
CA PHE H 414 55.35 -0.52 26.48
CA GLY H 415 57.96 -1.99 24.11
CA GLY H 416 60.50 -2.49 26.93
CA ALA H 417 57.86 -3.94 29.29
CA SER H 418 56.39 -6.17 26.56
CA SER H 419 59.84 -7.28 25.36
CA LEU H 420 61.10 -7.84 28.94
CA LEU H 421 57.89 -9.65 29.98
CA ILE H 422 57.82 -11.73 26.77
CA ILE H 423 61.56 -12.51 27.01
CA GLY H 424 61.34 -13.29 30.75
CA LEU H 425 58.16 -15.38 30.31
CA MET H 426 59.56 -17.18 27.25
CA ILE H 427 62.95 -17.74 28.92
CA PHE H 428 61.35 -18.85 32.22
CA ALA H 429 58.80 -21.08 30.44
CA CYS H 430 61.45 -22.53 28.11
CA SER H 431 63.95 -23.02 30.98
CA MET H 432 61.27 -24.49 33.29
CA MET H 433 59.86 -26.72 30.52
CA LEU H 434 63.34 -27.81 29.38
CA THR H 435 64.53 -28.38 32.98
CA SER H 436 61.30 -30.20 33.94
CA THR H 437 61.31 -32.27 30.73
CA ARG H 438 65.19 -32.10 30.54
CA ARG H 439 64.94 -33.59 34.04
CA PHE I 6 -66.68 20.05 -26.86
CA THR I 7 -65.75 22.17 -24.31
CA LEU I 8 -67.13 22.67 -20.83
CA THR I 9 -63.82 23.64 -19.23
CA SER I 10 -61.06 26.15 -20.01
CA PRO I 11 -57.22 26.35 -19.71
CA TYR I 12 -55.84 27.20 -16.27
CA LEU I 13 -52.54 28.45 -14.79
CA GLY I 14 -50.12 26.45 -12.69
CA THR I 15 -46.96 27.06 -10.71
CA CYS I 16 -43.89 25.86 -12.59
CA SER I 17 -40.24 25.44 -11.60
CA TYR I 18 -38.53 26.67 -14.79
CA CYS I 19 -39.95 28.99 -17.46
CA HIS I 20 -37.48 30.11 -20.16
CA HIS I 21 -35.74 31.73 -17.21
CA THR I 22 -34.55 29.17 -14.66
CA VAL I 23 -36.65 30.99 -12.04
CA PRO I 24 -39.91 29.20 -11.09
CA CYS I 25 -42.93 31.02 -12.49
CA PHE I 26 -46.73 30.90 -12.61
CA SER I 27 -47.44 30.28 -16.26
CA PRO I 28 -49.83 28.34 -18.53
CA VAL I 29 -48.71 25.07 -20.11
CA LYS I 30 -47.97 23.89 -16.56
CA ILE I 31 -46.95 20.24 -16.66
CA GLU I 32 -48.64 18.16 -13.97
CA GLN I 33 -47.84 14.58 -15.01
CA VAL I 34 -46.13 12.57 -17.74
CA TRP I 35 -46.35 8.95 -18.84
CA ASP I 36 -43.32 6.98 -19.93
CA GLU I 37 -44.80 3.50 -19.87
CA ALA I 38 -45.07 2.39 -23.48
CA ASP I 39 -42.74 -0.13 -25.10
CA ASP I 40 -42.73 2.26 -28.02
CA ASN I 41 -40.60 5.37 -27.61
CA THR I 42 -43.69 7.54 -27.17
CA ILE I 43 -44.67 9.95 -24.39
CA ARG I 44 -47.95 11.22 -22.95
CA ILE I 45 -47.88 14.74 -21.49
CA GLN I 46 -50.48 16.52 -19.33
CA THR I 47 -50.55 20.32 -19.58
CA SER I 48 -52.82 23.12 -18.36
CA ALA I 49 -53.50 24.67 -21.75
CA GLN I 50 -56.34 23.52 -24.00
CA PHE I 51 -56.06 22.55 -27.67
CA GLY I 52 -58.33 21.71 -30.60
CA TYR I 53 -60.45 24.79 -29.89
CA ASP I 54 -60.25 28.58 -29.86
CA GLN I 55 -60.98 30.98 -27.00
CA SER I 56 -64.36 29.36 -26.39
CA GLY I 57 -66.37 26.30 -27.42
CA ALA I 58 -64.81 23.45 -29.41
CA ALA I 59 -63.26 24.56 -32.71
CA SER I 60 -61.24 21.77 -34.29
CA ALA I 61 -58.29 21.37 -36.67
CA ASN I 62 -55.23 23.24 -35.41
CA LYS I 63 -56.11 25.74 -32.67
CA TYR I 64 -55.38 26.02 -28.95
CA ARG I 65 -56.29 28.41 -26.14
CA TYR I 66 -54.81 29.34 -22.78
CA MET I 67 -54.90 31.91 -19.99
CA SER I 68 -53.11 35.24 -20.23
CA LEU I 69 -49.76 36.55 -19.09
CA LYS I 70 -51.80 38.40 -16.49
CA GLN I 71 -54.71 37.15 -14.37
CA ASP I 72 -57.40 38.96 -16.40
CA HIS I 73 -58.90 35.54 -17.01
CA THR I 74 -58.58 36.60 -20.62
CA VAL I 75 -58.66 33.38 -22.59
CA LYS I 76 -56.76 34.29 -25.77
CA GLU I 77 -56.04 31.79 -28.54
CA GLY I 78 -53.43 31.08 -31.17
CA THR I 79 -52.72 28.49 -33.83
CA MET I 80 -51.82 24.85 -33.04
CA ASP I 81 -48.88 25.46 -35.27
CA ASP I 82 -46.49 27.36 -33.03
CA ILE I 83 -46.62 24.91 -30.11
CA LYS I 84 -43.56 22.69 -29.97
CA ILE I 85 -42.27 20.09 -27.51
CA SER I 86 -38.68 19.44 -26.52
CA THR I 87 -36.66 17.49 -23.99
CA SER I 88 -33.01 17.69 -24.96
CA GLY I 89 -33.60 18.24 -28.66
CA PRO I 90 -36.44 18.19 -31.17
CA CYS I 91 -39.79 16.52 -30.53
CA ARG I 92 -42.64 16.06 -32.95
CA ARG I 93 -46.12 15.81 -31.53
CA LEU I 94 -48.65 13.38 -32.94
CA SER I 95 -52.12 13.99 -31.52
CA TYR I 96 -53.81 16.72 -29.47
CA LYS I 97 -56.38 15.74 -26.86
CA GLY I 98 -57.54 18.99 -25.27
CA TYR I 99 -55.33 19.14 -22.18
CA PHE I 100 -53.02 16.33 -23.26
CA LEU I 101 -50.05 15.95 -25.59
CA LEU I 102 -48.34 12.93 -27.11
CA ALA I 103 -45.07 12.78 -29.02
CA LYS I 104 -41.81 10.87 -29.46
CA CYS I 105 -39.39 12.74 -27.58
CA PRO I 106 -35.37 11.95 -28.08
CA PRO I 107 -33.18 11.39 -25.00
CA GLY I 108 -34.75 12.56 -21.75
CA ASP I 109 -33.57 14.27 -18.58
CA SER I 110 -36.34 16.85 -18.42
CA VAL I 111 -39.35 17.95 -20.46
CA THR I 112 -40.25 21.38 -21.81
CA VAL I 113 -43.48 22.46 -23.46
CA SER I 114 -43.84 25.96 -24.85
CA ILE I 115 -45.17 28.38 -27.46
CA VAL I 116 -42.79 30.35 -29.67
CA SER I 117 -45.03 32.78 -31.54
CA SER I 118 -42.14 35.04 -32.24
CA ASN I 119 -39.73 37.01 -30.05
CA SER I 120 -41.85 36.66 -26.91
CA ALA I 121 -43.08 33.35 -25.47
CA THR I 122 -43.32 31.23 -22.33
CA SER I 123 -42.44 27.63 -21.45
CA CYS I 124 -42.84 25.31 -18.47
CA THR I 125 -40.40 22.43 -18.03
CA LEU I 126 -40.60 19.35 -15.85
CA ALA I 127 -37.91 17.45 -14.05
CA ARG I 128 -38.82 13.97 -15.32
CA LYS I 129 -36.34 11.33 -16.51
CA ILE I 130 -37.07 9.45 -19.74
CA LYS I 131 -35.13 6.44 -20.96
CA PRO I 132 -34.16 4.82 -24.26
CA LYS I 133 -36.77 2.17 -24.91
CA PHE I 134 -36.17 -0.68 -27.32
CA VAL I 135 -38.46 -3.68 -27.14
CA GLY I 136 -36.97 -6.57 -29.08
CA ARG I 137 -33.80 -8.43 -28.17
CA GLU I 138 -32.06 -6.22 -30.68
CA LYS I 139 -30.91 -2.71 -29.95
CA TYR I 140 -32.34 -0.10 -32.30
CA ASP I 141 -32.84 3.65 -32.25
CA LEU I 142 -35.40 3.71 -35.02
CA PRO I 143 -37.91 1.12 -36.26
CA PRO I 144 -36.31 -0.62 -39.26
CA VAL I 145 -37.93 -0.24 -42.68
CA HIS I 146 -38.13 -4.01 -42.74
CA GLY I 147 -37.95 -6.21 -39.68
CA LYS I 148 -40.24 -8.46 -37.71
CA LYS I 149 -43.58 -7.76 -36.08
CA ILE I 150 -43.58 -8.26 -32.32
CA PRO I 151 -46.14 -7.88 -29.53
CA CYS I 152 -45.70 -4.55 -27.77
CA THR I 153 -47.90 -1.96 -26.09
CA VAL I 154 -48.17 1.70 -27.16
CA TYR I 155 -50.31 4.86 -26.87
CA ASP I 156 -53.36 5.41 -29.10
CA ARG I 157 -53.86 8.21 -31.63
CA LEU I 158 -57.42 9.39 -32.25
CA LYS I 159 -58.59 12.19 -29.97
CA GLU I 160 -62.26 12.78 -29.14
CA THR I 161 -63.79 11.05 -26.12
CA THR I 162 -62.25 7.78 -24.93
CA ALA I 163 -60.14 6.34 -22.12
CA GLY I 164 -58.38 8.67 -19.67
CA TYR I 165 -59.73 10.32 -17.02
CA ILE I 166 -59.89 13.52 -14.83
CA THR I 167 -61.86 16.60 -13.42
CA MET I 168 -62.12 20.36 -12.35
CA HIS I 169 -63.61 23.07 -10.08
CA ARG I 170 -63.61 26.80 -9.42
CA PRO I 171 -60.35 28.60 -9.10
CA ARG I 172 -58.90 29.90 -5.83
CA PRO I 173 -58.94 33.53 -4.99
CA HIS I 174 -56.24 34.93 -7.18
CA ALA I 175 -54.12 37.45 -5.33
CA TYR I 176 -53.05 40.85 -6.66
CA THR I 177 -51.28 43.57 -4.71
CA SER I 178 -52.41 46.40 -6.97
CA TYR I 179 -55.90 46.47 -5.55
CA LEU I 180 -54.78 47.97 -2.22
CA GLU I 181 -53.54 51.51 -1.94
CA GLU I 182 -52.19 53.32 1.07
CA SER I 183 -54.08 56.50 1.44
CA SER I 184 -52.45 58.36 4.23
CA GLY I 185 -53.67 56.60 7.31
CA LYS I 186 -56.21 54.49 5.48
CA VAL I 187 -56.12 51.70 2.97
CA TYR I 188 -58.46 51.80 0.06
CA ALA I 189 -59.35 48.87 -2.14
CA LYS I 190 -59.99 49.65 -5.75
CA PRO I 191 -62.17 46.98 -7.28
CA PRO I 192 -63.13 48.47 -10.72
CA SER I 193 -63.73 45.58 -13.05
CA GLY I 194 -67.04 44.76 -11.53
CA LYS I 195 -65.15 41.86 -10.11
CA ASN I 196 -65.70 40.71 -6.61
CA ILE I 197 -62.72 41.17 -4.37
CA THR I 198 -62.09 39.43 -1.12
CA TYR I 199 -60.16 41.30 1.54
CA GLU I 200 -58.65 40.52 4.93
CA CYS I 201 -56.67 42.82 7.20
CA LYS I 202 -55.05 42.80 10.63
CA CYS I 203 -56.55 46.10 11.79
CA GLY I 204 -59.87 46.41 13.62
CA ASP I 205 -63.27 47.33 12.26
CA TYR I 206 -64.21 45.16 9.33
CA LYS I 207 -61.44 42.75 8.68
CA THR I 208 -62.99 40.73 5.90
CA GLY I 209 -65.83 40.35 3.45
CA THR I 210 -66.43 40.03 -0.24
CA VAL I 211 -66.98 43.37 -1.81
CA SER I 212 -68.38 44.39 -5.18
CA THR I 213 -67.57 48.04 -4.73
CA ARG I 214 -64.61 50.10 -3.62
CA THR I 215 -64.06 50.06 0.09
CA GLU I 216 -61.87 51.78 2.62
CA ILE I 217 -60.38 50.56 5.86
CA THR I 218 -59.66 53.33 8.29
CA GLY I 219 -56.84 53.49 10.73
CA CYS I 220 -55.17 50.76 8.89
CA THR I 221 -51.52 50.87 8.29
CA ALA I 222 -49.17 49.04 6.01
CA ILE I 223 -50.58 47.73 2.82
CA LYS I 224 -48.80 44.60 3.90
CA GLN I 225 -51.17 44.53 6.83
CA CYS I 226 -54.00 43.81 4.41
CA VAL I 227 -54.39 41.20 1.67
CA ALA I 228 -56.85 41.01 -1.18
CA TYR I 229 -57.73 39.69 -4.57
CA LYS I 230 -60.16 38.54 -7.25
CA SER I 231 -62.65 35.81 -6.70
CA ASP I 232 -63.24 33.85 -9.87
CA GLN I 233 -66.66 32.18 -9.78
CA THR I 234 -67.29 32.33 -13.54
CA LYS I 235 -64.87 29.91 -15.14
CA TRP I 236 -63.76 26.39 -14.40
CA VAL I 237 -60.25 25.14 -13.65
CA PHE I 238 -58.60 21.70 -13.34
CA ASN I 239 -58.55 19.84 -10.04
CA SER I 240 -54.82 20.14 -9.49
CA PRO I 241 -52.62 19.34 -6.57
CA ASP I 242 -50.36 22.33 -7.01
CA LEU I 243 -53.30 24.67 -7.03
CA ILE I 244 -55.09 25.34 -3.75
CA ARG I 245 -58.69 24.42 -3.06
CA HIS I 246 -61.19 27.23 -2.96
CA ASP I 247 -62.33 28.44 0.41
CA ASP I 248 -65.99 28.27 -0.46
CA HIS I 249 -65.63 24.62 -0.96
CA THR I 250 -68.41 23.03 -2.91
CA ALA I 251 -68.88 20.54 -5.65
CA GLN I 252 -66.59 19.92 -8.54
CA GLY I 253 -67.70 19.46 -12.09
CA LYS I 254 -66.44 17.10 -14.83
CA LEU I 255 -64.37 15.90 -16.58
CA HIS I 256 -61.30 14.53 -18.51
CA LEU I 257 -59.52 11.90 -20.73
CA PRO I 258 -56.23 10.68 -22.35
CA PHE I 259 -54.55 8.42 -24.99
CA LYS I 260 -55.22 4.88 -23.75
CA LEU I 261 -52.53 2.18 -23.77
CA ILE I 262 -53.28 -0.60 -26.25
CA PRO I 263 -51.23 -3.73 -27.04
CA SER I 264 -50.23 -4.02 -30.71
CA THR I 265 -47.24 -4.53 -33.02
CA CYS I 266 -43.84 -2.88 -33.05
CA MET I 267 -41.26 -3.61 -35.70
CA VAL I 268 -38.02 -4.88 -34.23
CA PRO I 269 -34.97 -5.49 -36.44
CA VAL I 270 -33.76 -9.01 -37.13
CA ALA I 271 -30.09 -9.88 -36.78
CA HIS I 272 -27.56 -11.18 -39.30
CA ALA I 273 -27.88 -14.96 -39.13
CA PRO I 274 -24.82 -16.39 -37.36
CA ASN I 275 -22.58 -18.47 -39.55
CA VAL I 276 -22.76 -21.71 -37.60
CA ILE I 277 -20.22 -24.48 -37.55
CA HIS I 278 -21.16 -27.94 -36.32
CA GLY I 279 -18.39 -30.16 -34.96
CA PHE I 280 -17.69 -32.95 -32.48
CA LYS I 281 -20.12 -32.12 -29.69
CA HIS I 282 -19.46 -28.56 -30.78
CA ILE I 283 -21.04 -25.40 -32.13
CA SER I 284 -18.88 -22.38 -32.82
CA LEU I 285 -21.16 -19.43 -33.53
CA GLN I 286 -19.58 -16.86 -35.83
CA LEU I 287 -21.51 -13.63 -35.18
CA ASP I 288 -21.30 -10.22 -36.83
CA THR I 289 -23.84 -7.58 -35.82
CA ASP I 290 -24.04 -3.86 -36.40
CA HIS I 291 -25.77 -3.46 -33.05
CA LEU I 292 -26.60 -5.07 -29.72
CA THR I 293 -28.15 -8.51 -29.94
CA LEU I 294 -28.97 -10.80 -27.04
CA LEU I 295 -27.70 -14.34 -27.27
CA THR I 296 -29.28 -17.05 -25.18
CA THR I 297 -28.59 -20.72 -24.68
CA ARG I 298 -29.68 -23.66 -22.58
CA ARG I 299 -29.21 -27.39 -22.77
CA LEU I 300 -32.09 -29.68 -23.64
CA GLY I 301 -31.31 -32.17 -20.88
CA ALA I 302 -31.35 -31.58 -17.14
CA ASN I 303 -28.62 -29.18 -16.14
CA PRO I 304 -29.29 -26.61 -18.90
CA GLU I 305 -26.67 -24.22 -17.53
CA PRO I 306 -28.58 -21.39 -19.24
CA THR I 307 -26.43 -18.60 -20.68
CA THR I 308 -27.34 -15.06 -21.65
CA GLU I 309 -25.01 -12.43 -23.13
CA TRP I 310 -25.34 -9.30 -25.23
CA ILE I 311 -22.98 -9.15 -28.15
CA VAL I 312 -21.79 -6.54 -30.62
CA GLY I 313 -19.74 -6.59 -33.73
CA LYS I 314 -17.54 -9.56 -34.42
CA THR I 315 -16.85 -12.57 -32.30
CA VAL I 316 -17.10 -16.31 -32.17
CA ARG I 317 -18.71 -18.36 -29.43
CA ASN I 318 -18.53 -22.12 -29.22
CA PHE I 319 -20.81 -24.20 -26.96
CA THR I 320 -20.88 -27.56 -25.70
CA VAL I 321 -23.50 -30.17 -27.36
CA ASP I 322 -24.22 -32.33 -24.32
CA ARG I 323 -25.50 -35.17 -26.47
CA ASP I 324 -29.02 -33.92 -25.77
CA GLY I 325 -28.27 -30.95 -27.99
CA LEU I 326 -29.15 -27.40 -27.01
CA GLU I 327 -31.28 -24.45 -28.00
CA TYR I 328 -30.01 -20.99 -28.86
CA ILE I 329 -32.06 -17.86 -29.40
CA TRP I 330 -30.13 -15.06 -31.02
CA GLY I 331 -31.48 -11.51 -31.05
CA ASN I 332 -35.26 -11.99 -31.48
CA HIS I 333 -34.59 -14.62 -34.09
CA GLU I 334 -36.33 -17.70 -33.73
CA PRO I 335 -35.08 -20.04 -31.47
CA VAL I 336 -33.16 -22.81 -33.21
CA ARG I 337 -31.76 -25.81 -31.43
CA VAL I 338 -28.93 -28.06 -32.51
CA TYR I 339 -28.13 -31.68 -31.71
CA ALA I 340 -25.07 -33.93 -31.95
CA GLN I 341 -25.28 -36.84 -34.38
CA GLU I 342 -22.78 -35.83 -33.75
CA SER I 343 -19.00 -35.44 -33.69
CA ALA I 344 -18.93 -38.11 -32.96
CA PRO I 345 -16.95 -40.00 -30.26
CA GLY I 346 -15.82 -43.29 -28.37
CA ASP I 347 -16.04 -45.01 -31.75
CA PRO I 348 -12.62 -43.57 -32.58
CA HIS I 349 -11.14 -44.37 -29.14
CA GLY I 350 -12.61 -47.90 -29.12
CA TRP I 351 -11.49 -48.58 -32.70
CA PRO I 352 -8.72 -49.95 -30.47
CA HIS I 353 -8.16 -49.77 -26.71
CA GLU I 354 -10.77 -47.41 -24.93
CA ILE I 355 -12.37 -45.51 -22.04
CA VAL I 356 -14.03 -42.18 -21.25
CA GLN I 357 -15.73 -43.43 -21.34
CA HIS I 358 -13.06 -42.39 -18.82
CA TYR I 359 -14.92 -44.04 -15.90
CA TYR I 360 -15.64 -47.21 -17.93
CA HIS I 361 -12.07 -47.36 -19.30
CA ARG I 362 -10.55 -46.64 -15.86
CA HIS I 363 -12.89 -49.11 -14.10
CA PRO I 364 -12.36 -51.78 -16.81
CA VAL I 365 -8.57 -51.21 -16.87
CA TYR I 366 -8.44 -51.71 -14.37
CA THR I 367 -10.75 -54.68 -13.83
CA ILE I 368 -8.90 -56.83 -16.40
CA LEU I 369 -5.47 -55.82 -15.02
CA ALA I 370 -6.60 -56.31 -11.40
CA VAL I 371 -8.32 -59.63 -12.20
CA ALA I 372 -5.37 -60.85 -14.32
CA SER I 373 -2.80 -59.69 -11.72
CA ALA I 374 -4.84 -61.13 -8.82
CA THR I 375 -5.51 -64.41 -10.69
CA VAL I 376 -1.88 -64.68 -11.86
CA ALA I 377 -0.51 -63.77 -8.39
CA MET I 378 -2.98 -66.10 -6.62
CA MET I 379 -2.36 -68.95 -9.11
CA ILE I 380 1.44 -68.43 -9.01
CA GLY I 381 1.47 -68.12 -5.20
CA VAL I 382 -0.86 -71.12 -4.76
CA THR I 383 1.06 -73.21 -7.33
CA VAL I 384 4.45 -72.19 -5.89
CA ALA I 385 3.28 -72.72 -2.28
CA VAL I 386 1.59 -76.06 -3.14
CA LEU I 387 4.58 -77.23 -5.23
CA CYS I 388 7.10 -76.07 -2.58
CA ALA I 389 5.03 -77.56 0.28
CA CYS I 390 4.41 -80.82 -1.63
CA LYS I 391 8.07 -81.06 -2.74
CA ALA I 392 9.37 -80.16 0.75
CA ARG I 393 6.90 -82.54 2.46
CA ARG I 394 7.59 -85.35 -0.05
CA GLU I 395 11.38 -84.80 0.11
CA CYS I 396 11.34 -84.52 3.93
CA LEU I 397 9.02 -87.56 4.30
CA THR I 398 11.01 -89.60 1.75
CA PRO I 399 14.37 -88.56 3.25
CA TYR I 400 13.11 -89.06 6.82
CA ALA I 401 14.38 -92.56 6.03
CA LEU I 402 17.14 -92.77 6.21
CA ALA I 403 18.31 -90.36 5.50
CA PRO I 404 17.76 -90.03 1.76
CA ASN I 405 14.52 -91.91 1.11
CA ALA I 406 13.36 -89.29 -1.41
CA VAL I 407 14.20 -90.14 -5.01
CA ILE I 408 13.09 -93.76 -5.24
CA PRO I 409 9.38 -93.46 -4.37
CA THR I 410 8.31 -91.40 -7.39
CA SER I 411 11.22 -93.14 -9.14
CA LEU I 412 10.45 -90.19 -11.43
CA ALA I 413 7.47 -88.21 -10.06
CA LEU I 414 9.34 -87.29 -6.84
CA LEU I 415 12.54 -86.41 -8.75
CA CYS I 416 10.61 -84.45 -11.42
CA CYS I 417 8.44 -82.68 -8.80
CA VAL I 418 10.97 -81.70 -6.27
CA ARG I 419 13.12 -80.96 -9.32
CA SER I 420 11.25 -77.80 -10.30
CA ALA I 421 11.02 -76.20 -6.87
CA ASN I 422 13.64 -74.19 -4.98
CA ALA I 423 15.07 -73.80 -8.48
CA PHE J 6 -18.12 55.89 -21.44
CA THR J 7 -15.92 55.21 -24.01
CA LEU J 8 -12.28 56.16 -24.50
CA THR J 9 -11.34 53.04 -26.45
CA SER J 10 -12.73 51.21 -29.49
CA PRO J 11 -13.12 47.57 -30.71
CA TYR J 12 -10.01 45.98 -32.26
CA LEU J 13 -9.21 42.98 -34.47
CA GLY J 14 -7.41 39.82 -33.40
CA THR J 15 -6.05 36.69 -35.02
CA CYS J 16 -8.35 33.72 -34.45
CA SER J 17 -7.97 29.99 -35.11
CA TYR J 18 -11.47 29.17 -36.40
CA CYS J 19 -14.00 31.54 -37.96
CA HIS J 20 -17.15 29.89 -39.39
CA HIS J 21 -14.65 28.24 -41.70
CA THR J 22 -12.18 26.05 -39.83
CA VAL J 23 -9.37 28.15 -41.32
CA PRO J 24 -7.76 30.63 -38.85
CA CYS J 25 -8.74 34.21 -39.67
CA PHE J 26 -8.21 37.79 -38.56
CA SER J 27 -11.64 38.83 -37.38
CA PRO J 28 -13.34 40.92 -34.66
CA VAL J 29 -14.86 39.18 -31.64
CA LYS J 30 -11.42 37.64 -31.08
CA ILE J 31 -11.46 35.69 -27.84
CA GLU J 32 -8.40 36.33 -25.69
CA GLN J 33 -9.32 34.75 -22.35
CA VAL J 34 -12.16 32.99 -20.57
CA TRP J 35 -12.98 32.36 -16.92
CA ASP J 36 -14.44 29.10 -15.70
CA GLU J 37 -13.91 29.55 -11.98
CA ALA J 38 -17.33 30.04 -10.44
CA ASP J 39 -19.16 27.38 -8.46
CA ASP J 40 -22.18 28.43 -10.45
CA ASN J 41 -22.35 27.20 -14.03
CA THR J 42 -21.53 30.67 -15.36
CA ILE J 43 -18.78 31.85 -17.71
CA ARG J 44 -16.89 35.11 -18.25
CA ILE J 45 -15.70 35.78 -21.80
CA GLN J 46 -13.25 38.42 -23.06
CA THR J 47 -13.72 39.56 -26.66
CA SER J 48 -12.32 42.30 -28.90
CA ALA J 49 -15.64 43.86 -29.84
CA GLN J 50 -17.31 46.59 -27.76
CA PHE J 51 -20.88 46.60 -26.50
CA GLY J 52 -23.33 48.96 -24.80
CA TYR J 53 -22.47 51.70 -27.28
CA ASP J 54 -22.72 52.55 -30.98
CA GLN J 55 -19.93 53.47 -33.40
CA SER J 56 -18.66 56.16 -31.02
CA GLY J 57 -19.13 57.39 -27.47
CA ALA J 58 -21.17 55.42 -24.92
CA ALA J 59 -24.74 54.73 -26.03
CA SER J 60 -26.45 52.27 -23.70
CA ALA J 61 -29.27 49.72 -23.83
CA ASN J 62 -28.68 47.13 -26.55
CA LYS J 63 -26.01 48.25 -29.01
CA TYR J 64 -22.48 47.08 -29.87
CA ARG J 65 -19.73 48.19 -32.23
CA TYR J 66 -16.73 46.54 -33.88
CA MET J 67 -14.14 46.93 -36.62
CA SER J 68 -14.90 46.17 -40.26
CA LEU J 69 -14.43 43.17 -42.49
CA LYS J 70 -11.64 45.24 -44.03
CA GLN J 71 -8.98 47.35 -42.30
CA ASP J 72 -10.63 50.70 -43.13
CA HIS J 73 -10.75 51.28 -39.39
CA THR J 74 -14.43 51.80 -40.11
CA VAL J 75 -16.16 51.27 -36.78
CA LYS J 76 -19.65 50.19 -37.80
CA GLU J 77 -22.34 49.23 -35.30
CA GLY J 78 -25.32 46.94 -35.00
CA THR J 79 -27.90 45.94 -32.40
CA MET J 80 -27.03 43.98 -29.23
CA ASP J 81 -29.77 41.67 -30.34
CA ASP J 82 -28.10 39.60 -33.01
CA ILE J 83 -25.05 38.62 -30.96
CA LYS J 84 -25.28 35.09 -29.62
CA ILE J 85 -22.92 32.80 -27.72
CA SER J 86 -22.52 29.06 -28.14
CA THR J 87 -20.23 26.23 -27.07
CA SER J 88 -21.82 22.96 -28.10
CA GLY J 89 -25.40 24.22 -28.08
CA PRO J 90 -27.39 27.27 -27.03
CA CYS J 91 -26.09 29.90 -24.62
CA ARG J 92 -27.95 32.84 -23.18
CA ARG J 93 -25.93 35.87 -22.19
CA LEU J 94 -26.74 37.82 -19.05
CA SER J 95 -24.79 41.08 -18.90
CA TYR J 96 -22.66 43.13 -21.30
CA LYS J 97 -19.59 44.93 -19.98
CA GLY J 98 -18.05 46.68 -22.97
CA TYR J 99 -15.39 44.17 -24.01
CA PHE J 100 -16.66 41.36 -21.80
CA LEU J 101 -19.45 38.78 -21.95
CA LEU J 102 -21.03 36.55 -19.33
CA ALA J 103 -23.45 33.68 -19.83
CA LYS J 104 -24.32 30.12 -18.78
CA CYS J 105 -23.00 28.06 -21.41
CA PRO J 106 -24.13 24.09 -21.64
CA PRO J 107 -21.44 21.40 -22.01
CA GLY J 108 -18.04 22.74 -23.07
CA ASP J 109 -15.23 21.62 -25.36
CA SER J 110 -14.78 24.94 -27.14
CA VAL J 111 -16.35 28.39 -27.20
CA THR J 112 -17.74 30.39 -30.11
CA VAL J 113 -18.89 34.00 -30.12
CA SER J 114 -20.42 35.50 -33.25
CA ILE J 115 -22.91 37.80 -34.94
CA VAL J 116 -25.62 36.41 -37.22
CA SER J 117 -27.23 39.47 -38.77
CA SER J 118 -28.57 37.44 -41.61
CA ASN J 119 -26.93 35.37 -44.36
CA SER J 120 -23.46 36.82 -43.81
CA ALA J 121 -21.63 36.88 -40.47
CA THR J 122 -18.37 36.07 -38.71
CA SER J 123 -17.41 34.13 -35.57
CA CYS J 124 -14.27 33.43 -33.56
CA THR J 125 -14.07 30.26 -31.48
CA LEU J 126 -11.69 29.29 -28.71
CA ALA J 127 -10.25 25.95 -27.78
CA ARG J 128 -11.12 26.05 -24.07
CA LYS J 129 -12.55 23.15 -22.05
CA ILE J 130 -15.47 23.79 -19.70
CA LYS J 131 -16.82 21.31 -17.18
CA PRO J 132 -20.12 20.43 -15.53
CA LYS J 133 -20.14 22.29 -12.23
CA PHE J 134 -22.42 21.29 -9.40
CA VAL J 135 -21.67 22.63 -5.94
CA GLY J 136 -23.64 20.70 -3.34
CA ARG J 137 -23.16 17.05 -2.48
CA GLU J 138 -26.08 16.36 -4.78
CA LYS J 139 -25.77 16.13 -8.52
CA TYR J 140 -28.01 18.54 -10.40
CA ASP J 141 -28.12 20.03 -13.88
CA LEU J 142 -30.41 22.88 -12.97
CA PRO J 143 -31.04 24.76 -9.71
CA PRO J 144 -34.14 23.19 -8.14
CA VAL J 145 -37.26 25.34 -7.70
CA HIS J 146 -37.05 24.51 -4.03
CA GLY J 147 -33.92 23.28 -2.29
CA LYS J 148 -31.45 24.56 0.25
CA LYS J 149 -29.32 27.70 0.27
CA ILE J 150 -25.60 27.01 0.33
CA PRO J 151 -22.44 29.13 0.35
CA CYS J 152 -21.00 29.36 -3.16
CA THR J 153 -19.14 31.92 -5.26
CA VAL J 154 -20.39 33.34 -8.59
CA TYR J 155 -19.94 36.18 -11.10
CA ASP J 156 -21.64 39.56 -10.60
CA ARG J 157 -24.22 41.17 -12.88
CA LEU J 158 -24.30 44.97 -13.02
CA LYS J 159 -22.04 46.51 -15.66
CA GLU J 160 -20.64 50.04 -15.36
CA THR J 161 -17.30 50.58 -13.63
CA THR J 162 -16.19 48.05 -11.02
CA ALA J 163 -13.68 45.23 -10.50
CA GLY J 164 -11.73 43.85 -13.45
CA TYR J 165 -8.99 45.19 -14.96
CA ILE J 166 -7.03 45.89 -18.23
CA THR J 167 -5.50 48.40 -20.83
CA MET J 168 -4.66 49.52 -24.48
CA HIS J 169 -2.33 51.34 -26.96
CA ARG J 170 -1.93 52.26 -30.60
CA PRO J 171 -2.30 49.60 -33.21
CA ARG J 172 0.59 48.10 -35.19
CA PRO J 173 1.20 49.01 -38.75
CA HIS J 174 -1.50 47.14 -40.56
CA ALA J 175 -0.22 45.54 -43.72
CA TYR J 176 -1.92 45.65 -47.12
CA THR J 177 -0.48 44.42 -50.40
CA SER J 178 -2.70 46.60 -52.58
CA TYR J 179 -0.71 49.73 -51.89
CA LEU J 180 2.28 48.59 -53.99
CA GLU J 181 2.11 48.34 -57.74
CA GLU J 182 4.73 47.11 -60.15
CA SER J 183 5.21 49.72 -62.75
CA SER J 184 7.55 48.25 -65.26
CA GLY J 185 10.90 48.49 -63.58
CA LYS J 186 9.67 50.59 -60.71
CA VAL J 187 7.37 50.12 -57.77
CA TYR J 188 4.91 52.80 -56.95
CA ALA J 189 3.08 53.16 -53.68
CA LYS J 190 -0.42 54.52 -53.87
CA PRO J 191 -1.38 56.09 -50.58
CA PRO J 192 -4.69 57.91 -51.39
CA SER J 193 -6.70 58.04 -48.21
CA GLY J 194 -4.59 60.73 -46.73
CA LYS J 195 -3.32 57.94 -44.58
CA ASN J 196 0.29 57.63 -43.72
CA ILE J 197 1.95 54.60 -45.17
CA THR J 198 5.16 53.05 -44.01
CA TYR J 199 7.32 51.34 -46.59
CA GLU J 200 10.44 49.18 -46.60
CA CYS J 201 12.19 47.60 -49.57
CA LYS J 202 15.30 45.55 -50.33
CA CYS J 203 16.46 47.71 -53.24
CA GLY J 204 18.81 50.67 -52.87
CA ASP J 205 18.00 54.36 -52.73
CA TYR J 206 15.42 55.10 -50.09
CA LYS J 207 14.47 51.90 -48.42
CA THR J 208 12.13 53.23 -45.80
CA GLY J 209 10.23 56.18 -44.43
CA THR J 210 6.72 57.20 -43.56
CA VAL J 211 5.05 58.87 -46.46
CA SER J 212 1.91 60.98 -46.70
CA THR J 213 1.98 61.14 -50.47
CA ARG J 214 2.43 58.72 -53.33
CA THR J 215 5.99 57.63 -53.83
CA GLU J 216 7.99 55.66 -56.33
CA ILE J 217 11.01 53.44 -55.90
CA THR J 218 13.09 53.15 -59.00
CA GLY J 219 14.99 50.15 -60.15
CA CYS J 220 13.09 48.08 -57.76
CA THR J 221 11.86 44.74 -58.75
CA ALA J 222 9.35 42.33 -57.35
CA ILE J 223 6.53 43.79 -55.38
CA LYS J 224 7.50 41.08 -52.96
CA GLN J 225 10.78 42.90 -52.59
CA CYS J 226 8.93 45.74 -50.91
CA VAL J 227 6.47 45.80 -48.01
CA ALA J 228 4.10 48.50 -46.88
CA TYR J 229 1.00 49.47 -45.02
CA LYS J 230 -1.14 51.86 -42.99
CA SER J 231 0.00 53.41 -39.80
CA ASP J 232 -2.90 53.90 -37.41
CA GLN J 233 -2.12 56.68 -34.94
CA THR J 234 -5.71 57.87 -34.52
CA LYS J 235 -7.55 55.14 -32.65
CA TRP J 236 -6.78 53.02 -29.63
CA VAL J 237 -6.56 49.23 -29.43
CA PHE J 238 -6.31 46.68 -26.58
CA ASN J 239 -2.95 45.64 -25.16
CA SER J 240 -3.07 42.08 -26.47
CA PRO J 241 -0.52 39.37 -26.59
CA ASP J 242 -1.53 38.09 -30.00
CA LEU J 243 -1.20 41.53 -31.48
CA ILE J 244 2.28 42.92 -32.02
CA ARG J 245 3.64 46.00 -30.29
CA HIS J 246 3.98 49.14 -32.33
CA ASP J 247 7.41 50.05 -33.56
CA ASP J 248 7.20 53.61 -32.36
CA HIS J 249 6.87 52.35 -28.89
CA THR J 250 5.53 54.84 -26.45
CA ALA J 251 3.08 55.01 -23.63
CA GLN J 252 -0.11 53.09 -23.31
CA GLY J 253 -3.39 54.53 -22.20
CA LYS J 254 -6.14 53.10 -19.98
CA LEU J 255 -8.14 51.06 -19.17
CA HIS J 256 -10.47 48.05 -18.44
CA LEU J 257 -12.78 45.97 -16.14
CA PRO J 258 -14.86 42.74 -15.64
CA PHE J 259 -17.60 40.92 -13.63
CA LYS J 260 -16.04 40.40 -10.19
CA LEU J 261 -16.34 37.12 -8.29
CA ILE J 262 -18.48 37.43 -5.16
CA PRO J 263 -19.39 34.74 -2.61
CA SER J 264 -23.16 34.25 -2.19
CA THR J 265 -25.89 31.61 -2.22
CA CYS J 266 -26.61 28.83 -4.68
CA MET J 267 -29.62 26.57 -4.36
CA VAL J 268 -28.63 22.92 -4.14
CA PRO J 269 -31.30 20.18 -4.10
CA VAL J 270 -31.94 18.17 -0.97
CA ALA J 271 -32.16 14.39 -1.11
CA HIS J 272 -34.99 12.01 -0.25
CA ALA J 273 -34.53 11.26 3.44
CA PRO J 274 -33.22 7.69 3.83
CA ASN J 275 -35.62 5.31 5.49
CA VAL J 276 -33.44 4.31 8.43
CA ILE J 277 -33.66 1.13 10.42
CA HIS J 278 -32.06 0.90 13.86
CA GLY J 279 -31.06 -2.54 15.13
CA PHE J 280 -28.56 -4.32 17.34
CA LYS J 281 -25.45 -2.19 16.89
CA HIS J 282 -26.87 -1.70 13.42
CA ILE J 283 -28.13 0.87 10.95
CA SER J 284 -29.37 -0.26 7.56
CA LEU J 285 -29.88 2.82 5.38
CA GLN J 286 -32.58 2.36 2.76
CA LEU J 287 -31.81 4.97 0.10
CA ASP J 288 -33.69 5.95 -3.06
CA THR J 289 -32.43 8.94 -5.05
CA ASP J 290 -33.21 10.23 -8.50
CA HIS J 291 -29.65 11.49 -8.79
CA LEU J 292 -26.13 11.35 -7.40
CA THR J 293 -25.86 11.92 -3.67
CA LEU J 294 -22.72 11.65 -1.58
CA LEU J 295 -22.94 9.51 1.53
CA THR J 296 -20.43 9.96 4.31
CA THR J 297 -19.82 8.23 7.59
CA ARG J 298 -17.38 8.15 10.48
CA ARG J 299 -17.41 6.72 13.96
CA LEU J 300 -17.62 8.96 16.99
CA GLY J 301 -14.88 7.13 18.88
CA ALA J 302 -11.24 6.79 17.92
CA ASN J 303 -10.87 4.70 14.80
CA PRO J 304 -13.65 6.45 12.80
CA GLU J 305 -12.90 4.41 9.69
CA PRO J 306 -14.43 7.24 7.65
CA THR J 307 -16.40 6.17 4.57
CA THR J 308 -17.42 8.14 1.51
CA GLU J 309 -19.44 6.87 -1.46
CA TRP J 310 -21.66 8.34 -4.15
CA ILE J 311 -24.93 6.56 -4.59
CA VAL J 312 -27.74 6.51 -7.14
CA GLY J 313 -31.14 5.00 -7.29
CA LYS J 314 -32.00 2.20 -4.93
CA THR J 315 -29.84 0.41 -2.44
CA VAL J 316 -29.44 -0.39 1.21
CA ARG J 317 -26.33 0.18 3.28
CA ASN J 318 -25.90 -1.05 6.82
CA PHE J 319 -23.17 0.22 9.17
CA THR J 320 -21.69 -0.81 12.27
CA VAL J 321 -22.71 1.21 15.63
CA ASP J 322 -19.46 0.85 17.56
CA ARG J 323 -21.17 1.62 20.85
CA ASP J 324 -19.96 5.20 20.49
CA GLY J 325 -22.48 5.62 17.69
CA LEU J 326 -21.58 7.29 14.41
CA GLU J 327 -22.39 10.26 12.23
CA TYR J 328 -23.68 10.12 8.68
CA ILE J 329 -24.07 13.00 6.25
CA TRP J 330 -26.16 12.18 3.24
CA GLY J 331 -26.19 14.43 0.19
CA ASN J 332 -25.94 17.95 1.67
CA HIS J 333 -28.45 16.99 4.31
CA GLU J 334 -27.60 17.75 7.69
CA PRO J 335 -25.44 15.58 9.35
CA VAL J 336 -27.30 13.25 11.72
CA ARG J 337 -25.59 10.84 14.04
CA VAL J 338 -26.99 7.70 15.58
CA TYR J 339 -25.83 5.72 18.60
CA ALA J 340 -26.97 2.50 20.37
CA GLN J 341 -28.24 0.38 20.75
CA GLU J 342 -30.95 -2.13 19.47
CA SER J 343 -29.63 -4.29 21.98
CA ALA J 344 -26.80 -6.31 23.62
CA PRO J 345 -24.46 -9.82 24.57
CA GLY J 346 -22.68 -10.83 27.38
CA ASP J 347 -26.10 -10.05 28.81
CA PRO J 348 -27.49 -12.99 26.81
CA HIS J 349 -24.56 -15.30 27.66
CA GLY J 350 -24.65 -14.34 31.37
CA TRP J 351 -28.42 -14.68 31.57
CA PRO J 352 -27.14 -18.10 32.68
CA HIS J 353 -23.64 -19.27 31.78
CA GLU J 354 -21.14 -17.93 32.03
CA ILE J 355 -19.18 -16.33 29.99
CA VAL J 356 -18.44 -12.76 27.85
CA GLN J 357 -17.77 -11.31 25.27
CA HIS J 358 -15.78 -13.16 23.30
CA TYR J 359 -12.58 -11.83 24.95
CA TYR J 360 -14.23 -11.67 28.40
CA HIS J 361 -15.84 -15.12 27.99
CA ARG J 362 -12.61 -16.64 26.59
CA HIS J 363 -10.45 -14.95 29.26
CA PRO J 364 -12.90 -15.88 32.07
CA VAL J 365 -13.38 -19.74 30.55
CA TYR J 366 -11.14 -18.51 29.43
CA THR J 367 -10.79 -18.29 33.21
CA ILE J 368 -13.70 -20.42 34.43
CA LEU J 369 -12.79 -23.62 32.57
CA ALA J 370 -9.22 -22.79 33.67
CA VAL J 371 -10.27 -22.30 37.33
CA ALA J 372 -12.44 -25.45 37.31
CA SER J 373 -9.75 -27.51 35.52
CA ALA J 374 -6.97 -26.15 37.77
CA THR J 375 -9.08 -26.61 40.94
CA VAL J 376 -10.24 -30.10 39.87
CA ALA J 377 -6.72 -31.13 38.78
CA MET J 378 -5.12 -29.64 41.93
CA MET J 379 -7.81 -31.17 44.21
CA ILE J 380 -7.65 -34.55 42.43
CA GLY J 381 -3.82 -34.54 42.39
CA VAL J 382 -3.61 -33.39 46.03
CA THR J 383 -6.32 -35.86 47.15
CA VAL J 384 -4.78 -38.72 45.13
CA ALA J 385 -1.22 -37.87 46.28
CA VAL J 386 -2.34 -37.41 49.92
CA LEU J 387 -4.47 -40.59 49.84
CA CYS J 388 -1.73 -42.60 48.08
CA ALA J 389 1.00 -41.22 50.39
CA CYS J 390 -1.15 -41.73 53.52
CA LYS J 391 -2.25 -45.24 52.40
CA ALA J 392 1.31 -46.20 51.37
CA ARG J 393 2.83 -44.73 54.56
CA ARG J 394 0.13 -46.29 56.77
CA GLU J 395 0.36 -49.67 54.96
CA CYS J 396 4.19 -49.61 54.99
CA LEU J 397 4.33 -48.48 58.64
CA THR J 398 1.64 -51.01 59.70
CA PRO J 399 3.25 -53.83 57.67
CA TYR J 400 6.76 -52.89 58.83
CA ALA J 401 5.73 -55.26 61.61
CA LEU J 402 5.92 -57.94 60.87
CA ALA J 403 4.15 -59.03 62.13
CA PRO J 404 0.55 -57.76 62.24
CA ASN J 405 0.68 -54.74 64.56
CA ALA J 406 -1.75 -52.80 62.34
CA VAL J 407 -5.38 -53.08 63.44
CA ILE J 408 -5.10 -52.44 67.18
CA PRO J 409 -3.56 -48.96 67.23
CA THR J 410 -6.47 -47.09 65.62
CA SER J 411 -8.61 -49.83 67.16
CA LEU J 412 -10.92 -48.26 64.57
CA ALA J 413 -9.15 -45.34 62.83
CA LEU J 414 -6.43 -47.62 61.38
CA LEU J 415 -8.99 -50.27 60.32
CA CYS J 416 -11.37 -47.65 58.87
CA CYS J 417 -8.52 -45.77 57.13
CA VAL J 418 -6.06 -48.75 55.17
CA ARG J 419 -9.66 -49.84 54.57
CA SER J 420 -10.24 -47.50 51.63
CA ALA J 421 -7.01 -48.16 49.75
CA ASN J 422 -6.13 -51.03 47.42
CA ALA J 423 -9.91 -51.33 47.26
CA PHE K 6 -23.24 19.17 -68.83
CA THR K 7 -26.05 17.21 -68.49
CA LEU K 8 -27.19 14.11 -70.34
CA THR K 9 -29.00 12.56 -67.39
CA SER K 10 -31.62 13.74 -64.88
CA PRO K 11 -32.47 13.17 -61.15
CA TYR K 12 -34.35 9.97 -60.31
CA LEU K 13 -36.40 8.61 -57.40
CA GLY K 14 -35.38 5.84 -55.02
CA THR K 15 -36.93 3.83 -52.23
CA CYS K 16 -35.76 5.08 -48.82
CA SER K 17 -36.15 3.70 -45.31
CA TYR K 18 -36.79 6.93 -43.38
CA CYS K 19 -38.12 10.24 -44.74
CA HIS K 20 -38.89 12.92 -42.11
CA HIS K 21 -41.44 10.35 -40.94
CA THR K 22 -39.80 7.13 -39.78
CA VAL K 23 -41.89 5.28 -42.38
CA PRO K 24 -39.92 4.17 -45.49
CA CYS K 25 -40.87 6.26 -48.53
CA PHE K 26 -40.15 6.66 -52.23
CA SER K 27 -38.54 10.07 -52.41
CA PRO K 28 -35.77 11.94 -54.26
CA VAL K 29 -32.41 12.49 -52.56
CA LYS K 30 -32.27 8.70 -52.13
CA ILE K 31 -28.91 7.75 -50.67
CA GLU K 32 -27.34 4.76 -52.39
CA GLN K 33 -23.77 4.74 -51.05
CA VAL K 34 -21.43 6.69 -48.80
CA TRP K 35 -17.66 6.81 -48.43
CA ASP K 36 -15.95 7.08 -45.07
CA GLU K 37 -12.41 6.22 -46.12
CA ALA K 38 -10.41 9.41 -45.82
CA ASP K 39 -7.94 10.11 -43.02
CA ASP K 40 -9.51 13.54 -42.95
CA ASN K 41 -12.88 13.79 -41.27
CA THR K 42 -14.62 14.20 -44.64
CA ILE K 43 -17.47 12.26 -46.23
CA ARG K 44 -18.56 11.48 -49.79
CA ILE K 45 -22.31 11.01 -50.32
CA GLN K 46 -24.16 9.63 -53.36
CA THR K 47 -27.72 10.88 -53.86
CA SER K 48 -30.37 10.63 -56.59
CA ALA K 49 -30.90 14.37 -57.03
CA GLN K 50 -28.81 16.47 -59.43
CA PHE K 51 -27.00 19.71 -58.59
CA GLY K 52 -25.14 22.49 -60.37
CA TYR K 53 -27.94 22.82 -62.91
CA ASP K 54 -31.61 23.78 -63.19
CA GLN K 55 -34.50 21.71 -64.54
CA SER K 56 -32.59 20.99 -67.75
CA GLY K 57 -29.12 21.34 -69.23
CA ALA K 58 -26.13 22.37 -67.11
CA ALA K 59 -26.60 25.69 -65.32
CA SER K 60 -23.83 26.30 -62.79
CA ALA K 61 -23.30 28.23 -59.56
CA ASN K 62 -25.86 27.26 -56.92
CA LYS K 63 -28.79 25.36 -58.42
CA TYR K 64 -30.10 21.79 -58.19
CA ARG K 65 -32.96 19.82 -59.71
CA TYR K 66 -34.92 16.71 -58.78
CA MET K 67 -38.05 14.71 -59.52
CA SER K 68 -41.45 15.68 -58.13
CA LEU K 69 -43.48 14.64 -55.12
CA LYS K 70 -45.60 12.80 -57.68
CA GLN K 71 -44.50 10.68 -60.65
CA ASP K 72 -45.33 13.34 -63.28
CA HIS K 73 -41.67 13.14 -64.26
CA THR K 74 -41.84 16.87 -63.65
CA VAL K 75 -38.25 17.92 -63.07
CA LYS K 76 -38.61 21.05 -60.94
CA GLU K 77 -35.64 22.99 -59.60
CA GLY K 78 -34.68 25.11 -56.62
CA THR K 79 -31.64 26.91 -55.28
CA MET K 80 -28.50 25.11 -54.04
CA ASP K 81 -28.96 27.17 -50.95
CA ASP K 82 -31.68 25.32 -49.10
CA ILE K 83 -30.07 21.88 -49.28
CA LYS K 84 -28.43 20.89 -46.02
CA ILE K 85 -26.75 17.73 -44.73
CA SER K 86 -26.91 16.31 -41.23
CA THR K 87 -25.98 13.18 -39.30
CA SER K 88 -26.47 13.85 -35.62
CA GLY K 89 -25.98 17.60 -35.82
CA PRO K 90 -24.89 20.24 -38.31
CA CYS K 91 -22.95 19.48 -41.47
CA ARG K 92 -21.48 21.92 -43.94
CA ARG K 93 -21.07 20.79 -47.51
CA LEU K 94 -18.02 21.71 -49.54
CA SER K 95 -18.44 20.81 -53.20
CA TYR K 96 -21.30 19.70 -55.44
CA LYS K 97 -20.65 17.16 -58.18
CA GLY K 98 -23.98 16.60 -59.91
CA TYR K 99 -25.22 13.48 -58.12
CA PHE K 100 -22.62 13.56 -55.36
CA LEU K 101 -22.10 15.46 -52.11
CA LEU K 102 -19.09 15.97 -49.88
CA ALA K 103 -18.95 17.49 -46.40
CA LYS K 104 -17.50 17.13 -42.91
CA CYS K 105 -20.12 15.61 -40.98
CA PRO K 106 -19.84 15.53 -36.87
CA PRO K 107 -20.41 12.25 -35.01
CA GLY K 108 -22.11 9.57 -37.09
CA ASP K 109 -24.71 6.87 -36.52
CA SER K 110 -26.82 7.64 -39.58
CA VAL K 111 -26.90 10.15 -42.44
CA THR K 112 -29.71 12.43 -43.58
CA VAL K 113 -29.85 14.58 -46.70
CA SER K 114 -32.79 16.87 -47.31
CA ILE K 115 -34.25 20.12 -48.60
CA VAL K 116 -35.96 22.57 -46.23
CA SER K 117 -37.47 25.20 -48.50
CA SER K 118 -39.89 26.22 -45.83
CA ASN K 119 -42.68 24.43 -43.97
CA SER K 120 -42.81 21.49 -46.39
CA ALA K 121 -39.82 19.36 -47.38
CA THR K 122 -38.55 15.80 -47.74
CA SER K 123 -35.45 13.92 -46.54
CA CYS K 124 -33.92 10.47 -47.00
CA THR K 125 -31.64 9.08 -44.31
CA LEU K 126 -29.21 6.19 -44.39
CA ALA K 127 -28.25 3.73 -41.74
CA ARG K 128 -24.46 4.11 -42.04
CA LYS K 129 -22.01 4.34 -39.15
CA ILE K 130 -19.29 7.01 -39.24
CA LYS K 131 -16.39 7.22 -36.81
CA PRO K 132 -14.17 9.88 -35.26
CA LYS K 133 -11.07 10.02 -37.44
CA PHE K 134 -7.83 11.53 -36.21
CA VAL K 135 -4.67 10.77 -38.12
CA GLY K 136 -1.65 11.73 -36.06
CA ARG K 137 -0.57 10.09 -32.82
CA GLU K 138 -2.30 12.95 -31.08
CA LYS K 139 -6.02 13.08 -30.47
CA TYR K 140 -7.71 16.15 -31.90
CA ASP K 141 -11.25 17.14 -32.86
CA LEU K 142 -10.22 20.02 -35.05
CA PRO K 143 -7.06 20.75 -37.06
CA PRO K 144 -4.89 23.03 -34.90
CA VAL K 145 -4.15 26.55 -36.13
CA HIS K 146 -0.49 25.64 -35.87
CA GLY K 147 0.82 22.10 -35.79
CA LYS K 148 2.82 19.81 -38.01
CA LYS K 149 2.24 18.70 -41.59
CA ILE K 150 1.77 14.97 -41.98
CA PRO K 151 1.09 12.60 -44.88
CA CYS K 152 -2.60 11.74 -45.06
CA THR K 153 -5.17 11.01 -47.76
CA VAL K 154 -8.36 13.04 -48.34
CA TYR K 155 -11.14 13.78 -50.86
CA ASP K 156 -10.65 16.32 -53.67
CA ARG K 157 -12.62 19.53 -54.19
CA LEU K 158 -13.07 20.74 -57.77
CA LYS K 159 -16.15 19.39 -59.55
CA GLU K 160 -16.36 19.06 -63.33
CA THR K 161 -15.24 15.84 -64.99
CA THR K 162 -12.63 13.70 -63.21
CA ALA K 163 -12.29 10.44 -61.30
CA GLY K 164 -15.40 8.55 -60.15
CA TYR K 165 -17.42 6.56 -62.01
CA ILE K 166 -21.01 5.32 -62.82
CA THR K 167 -24.02 4.94 -65.30
CA MET K 168 -27.84 4.93 -66.14
CA HIS K 169 -30.78 3.59 -68.22
CA ARG K 170 -34.50 3.95 -68.74
CA PRO K 171 -36.81 3.84 -65.79
CA ARG K 172 -39.08 0.91 -64.92
CA PRO K 173 -42.76 1.08 -65.51
CA HIS K 174 -43.95 3.32 -62.75
CA ALA K 175 -47.15 2.03 -61.19
CA TYR K 176 -50.22 4.11 -60.40
CA THR K 177 -53.58 2.81 -59.21
CA SER K 178 -55.55 5.82 -60.40
CA TYR K 179 -55.45 4.78 -64.02
CA LEU K 180 -57.89 1.88 -63.51
CA GLU K 181 -61.54 2.45 -62.75
CA GLU K 182 -64.21 -0.08 -62.00
CA SER K 183 -67.07 0.56 -64.29
CA SER K 184 -69.79 -1.76 -63.25
CA GLY K 185 -68.69 -5.08 -64.61
CA LYS K 186 -65.83 -3.66 -66.63
CA VAL K 187 -62.55 -2.00 -65.91
CA TYR K 188 -61.58 1.01 -67.87
CA ALA K 189 -58.09 2.43 -68.12
CA LYS K 190 -57.83 6.16 -68.42
CA PRO K 191 -54.57 7.11 -70.05
CA PRO K 192 -55.00 10.89 -70.76
CA SER K 193 -51.56 12.42 -70.73
CA GLY K 194 -50.66 11.03 -74.06
CA LYS K 195 -48.51 8.72 -72.02
CA ASN K 196 -48.21 5.11 -72.85
CA ILE K 197 -49.66 2.83 -70.24
CA THR K 198 -48.90 -0.82 -69.80
CA TYR K 199 -51.64 -3.04 -68.45
CA GLU K 200 -51.98 -6.63 -67.26
CA CYS K 201 -55.03 -8.36 -65.88
CA LYS K 202 -56.12 -11.81 -64.69
CA CYS K 203 -59.33 -11.91 -66.71
CA GLY K 204 -59.60 -13.31 -70.23
CA ASP K 205 -59.63 -11.47 -73.54
CA TYR K 206 -56.68 -9.15 -73.86
CA LYS K 207 -54.63 -9.40 -70.74
CA THR K 208 -51.78 -7.14 -71.69
CA GLY K 209 -50.38 -4.65 -74.15
CA THR K 210 -49.05 -1.13 -74.25
CA VAL K 211 -51.77 1.32 -75.01
CA SER K 212 -51.69 4.94 -76.11
CA THR K 213 -55.41 5.39 -75.81
CA ARG K 214 -58.10 4.63 -73.28
CA THR K 215 -59.08 1.01 -73.17
CA GLU K 216 -61.68 -1.15 -71.53
CA ILE K 217 -61.55 -4.72 -70.32
CA THR K 218 -64.92 -6.38 -70.23
CA GLY K 219 -66.10 -8.92 -67.76
CA CYS K 220 -63.28 -8.02 -65.56
CA THR K 221 -63.78 -7.72 -61.91
CA ALA K 222 -61.80 -6.23 -59.10
CA ILE K 223 -59.54 -3.39 -59.95
CA LYS K 224 -57.10 -5.39 -57.93
CA GLN K 225 -57.40 -8.03 -60.63
CA CYS K 226 -55.68 -5.65 -63.03
CA VAL K 227 -52.44 -3.67 -62.76
CA ALA K 228 -51.19 -0.79 -64.82
CA TYR K 229 -48.93 2.20 -65.12
CA LYS K 230 -46.81 4.68 -67.04
CA SER K 231 -43.97 3.64 -69.24
CA ASP K 232 -41.20 6.21 -69.19
CA GLN K 233 -39.13 5.98 -72.37
CA THR K 234 -38.23 9.68 -72.55
CA LYS K 235 -35.88 10.38 -69.68
CA TRP K 236 -32.86 8.64 -68.25
CA VAL K 237 -32.38 7.29 -64.72
CA PHE K 238 -29.40 5.94 -62.72
CA ASN K 239 -28.46 2.27 -62.84
CA SER K 240 -29.44 1.50 -59.27
CA PRO K 241 -29.74 -1.69 -57.37
CA ASP K 242 -32.81 -0.67 -55.44
CA LEU K 243 -34.61 0.21 -58.63
CA ILE K 244 -35.82 -2.61 -60.86
CA ARG K 245 -34.57 -3.21 -64.38
CA HIS K 246 -36.90 -2.35 -67.20
CA ASP K 247 -38.74 -5.18 -68.88
CA ASP K 248 -37.81 -4.08 -72.35
CA HIS K 249 -34.24 -4.59 -71.50
CA THR K 250 -31.83 -2.90 -73.81
CA ALA K 251 -28.68 -0.88 -73.64
CA GLN K 252 -27.71 1.53 -70.96
CA GLY K 253 -26.22 4.92 -71.56
CA LYS K 254 -23.47 6.81 -69.71
CA LEU K 255 -22.18 8.01 -67.31
CA HIS K 256 -20.85 9.24 -63.89
CA LEU K 257 -18.04 10.51 -61.54
CA PRO K 258 -16.95 11.47 -57.96
CA PHE K 259 -14.38 13.27 -55.71
CA LYS K 260 -11.21 11.19 -56.08
CA LEU K 261 -9.02 10.28 -53.10
CA ILE K 262 -5.63 11.99 -53.19
CA PRO K 263 -2.75 11.74 -50.70
CA SER K 264 -1.71 15.11 -49.24
CA THR K 265 -1.08 16.92 -45.95
CA CYS K 266 -3.15 17.11 -42.80
CA MET K 267 -2.18 19.24 -39.86
CA VAL K 268 -1.81 17.21 -36.68
CA PRO K 269 -1.13 18.93 -33.34
CA VAL K 270 2.23 18.56 -31.64
CA ALA K 271 2.43 17.67 -27.96
CA HIS K 272 3.92 19.52 -25.01
CA ALA K 273 7.55 18.40 -24.88
CA PRO K 274 8.02 16.06 -21.90
CA ASN K 275 10.23 17.42 -19.18
CA VAL K 276 12.86 14.69 -19.19
CA ILE K 277 15.12 13.70 -16.35
CA HIS K 278 18.27 11.68 -17.01
CA GLY K 279 19.64 9.56 -14.18
CA PHE K 280 21.57 6.38 -13.45
CA LYS K 281 20.44 4.12 -16.28
CA HIS K 282 17.22 6.06 -15.93
CA ILE K 283 14.77 8.33 -17.71
CA SER K 284 11.72 9.60 -15.86
CA LEU K 285 9.41 11.26 -18.38
CA GLN K 286 7.30 14.02 -16.87
CA LEU K 287 4.34 14.40 -19.24
CA ASP K 288 1.46 16.87 -19.25
CA THR K 289 -0.95 16.82 -22.20
CA ASP K 290 -4.33 18.38 -22.78
CA HIS K 291 -5.29 15.41 -24.93
CA LEU K 292 -4.46 11.86 -25.95
CA THR K 293 -0.89 11.29 -27.03
CA LEU K 294 0.70 7.97 -27.92
CA LEU K 295 3.96 7.15 -26.21
CA THR K 296 6.26 4.56 -27.67
CA THR K 297 9.54 3.04 -26.62
CA ARG K 298 12.00 0.35 -27.58
CA ARG K 299 15.55 -0.50 -26.64
CA LEU K 300 18.37 -0.04 -29.10
CA GLY K 301 19.95 -3.42 -28.36
CA ALA K 302 18.46 -6.83 -28.93
CA ASN K 303 15.50 -7.39 -26.65
CA PRO K 304 13.83 -4.00 -27.29
CA GLU K 305 10.82 -4.90 -25.16
CA PRO K 306 8.82 -2.36 -27.18
CA THR K 307 6.20 -0.41 -25.23
CA THR K 308 3.19 1.52 -26.44
CA GLU K 309 0.69 3.44 -24.29
CA TRP K 310 -1.72 6.33 -24.74
CA ILE K 311 -1.49 8.96 -22.08
CA VAL K 312 -3.55 11.93 -20.93
CA GLY K 313 -3.03 14.72 -18.52
CA LYS K 314 -0.34 14.42 -15.92
CA THR K 315 1.91 11.52 -15.12
CA VAL K 316 5.49 10.43 -14.93
CA ARG K 317 7.01 7.40 -16.60
CA ASN K 318 10.52 6.17 -15.99
CA PHE K 319 12.29 3.66 -18.25
CA THR K 320 15.20 1.56 -18.06
CA VAL K 321 18.49 2.68 -20.13
CA ASP K 322 19.90 -0.75 -20.94
CA ARG K 323 23.36 0.67 -21.59
CA ASP K 324 22.50 0.64 -25.31
CA GLY K 325 20.12 3.50 -24.65
CA LEU K 326 16.60 3.56 -26.08
CA GLU K 327 14.35 5.48 -28.41
CA TYR K 328 11.07 7.11 -27.47
CA ILE K 329 8.51 8.64 -29.80
CA TRP K 330 5.94 10.78 -28.06
CA GLY K 331 2.76 11.85 -29.82
CA ASN K 332 3.88 12.45 -33.43
CA HIS K 333 6.96 14.21 -32.15
CA GLU K 334 10.08 13.20 -33.52
CA PRO K 335 11.56 10.30 -32.27
CA VAL K 336 14.37 11.07 -29.83
CA ARG K 337 16.47 7.91 -28.47
CA VAL K 338 18.51 7.70 -25.31
CA TYR K 339 21.48 5.57 -24.35
CA ALA K 340 23.60 6.64 -21.99
CA GLN K 341 24.52 7.80 -19.25
CA GLU K 342 25.53 8.69 -17.04
CA SER K 343 27.62 6.88 -14.65
CA ALA K 344 28.74 4.71 -13.21
CA PRO K 345 29.53 1.20 -11.47
CA GLY K 346 30.78 -2.39 -11.79
CA ASP K 347 33.53 0.17 -11.31
CA PRO K 348 32.03 0.98 -7.91
CA HIS K 349 31.43 -2.68 -6.98
CA GLY K 350 34.93 -3.73 -8.16
CA TRP K 351 36.61 -0.81 -6.41
CA PRO K 352 36.79 -3.73 -3.95
CA HIS K 353 35.31 -7.23 -4.07
CA GLU K 354 32.83 -7.69 -7.11
CA ILE K 355 32.54 -6.86 -9.42
CA VAL K 356 28.78 -7.36 -9.72
CA GLN K 357 27.23 -5.76 -12.22
CA HIS K 358 24.86 -7.92 -9.43
CA TYR K 359 25.68 -10.95 -11.63
CA TYR K 360 29.40 -10.06 -11.76
CA HIS K 361 29.54 -9.34 -8.00
CA ARG K 362 27.52 -12.48 -7.14
CA HIS K 363 29.55 -14.65 -9.56
CA PRO K 364 32.87 -13.16 -8.38
CA VAL K 365 31.55 -12.71 -4.76
CA TYR K 366 29.80 -14.58 -6.52
CA THR K 367 33.40 -15.82 -6.30
CA ILE K 368 36.81 -15.31 -4.69
CA LEU K 369 35.00 -16.56 -1.56
CA ALA K 370 34.54 -20.07 -3.03
CA VAL K 371 38.15 -20.19 -4.30
CA ALA K 372 39.53 -18.79 -1.01
CA SER K 373 37.32 -21.08 1.10
CA ALA K 374 38.10 -24.13 -1.08
CA THR K 375 41.84 -23.32 -1.19
CA VAL K 376 41.95 -22.57 2.56
CA ALA K 377 39.89 -25.67 3.42
CA MET K 378 41.90 -27.89 1.03
CA MET K 379 45.24 -26.44 2.23
CA ILE K 380 44.21 -26.66 5.92
CA GLY K 381 42.78 -30.19 5.48
CA VAL K 382 45.81 -31.35 3.44
CA THR K 383 48.28 -29.70 5.85
CA VAL K 384 46.43 -31.01 8.93
CA ALA K 385 46.03 -34.52 7.42
CA VAL K 386 49.67 -34.58 6.20
CA LEU K 387 50.99 -33.20 9.53
CA CYS K 388 48.76 -35.55 11.58
CA ALA K 389 49.62 -38.56 9.38
CA CYS K 390 53.34 -37.70 9.33
CA LYS K 391 53.40 -37.00 13.09
CA ALA K 392 51.35 -40.14 13.89
CA ARG K 393 53.42 -42.30 11.50
CA ARG K 394 56.73 -40.83 12.76
CA GLU K 395 55.65 -41.11 16.43
CA CYS K 396 54.27 -44.65 15.94
CA LEU K 397 57.33 -45.75 13.92
CA THR K 398 59.75 -44.11 16.39
CA PRO K 399 57.87 -45.47 19.43
CA TYR K 400 57.46 -48.92 17.84
CA ALA K 401 60.82 -49.34 19.56
CA LEU K 402 60.61 -49.78 22.28
CA ALA K 403 61.14 -48.54 24.84
CA PRO K 404 62.40 -45.00 24.20
CA ASN K 405 63.39 -45.00 20.52
CA ALA K 406 61.98 -41.49 20.03
CA VAL K 407 64.56 -38.73 20.40
CA ILE K 408 67.43 -40.07 18.27
CA PRO K 409 65.74 -40.40 14.86
CA THR K 410 65.07 -36.69 14.28
CA SER K 411 68.15 -36.15 16.45
CA LEU K 412 66.47 -32.74 16.43
CA ALA K 413 63.34 -32.81 14.23
CA LEU K 414 61.63 -35.42 16.46
CA LEU K 415 62.64 -33.59 19.66
CA CYS K 416 61.65 -30.17 18.24
CA CYS K 417 58.37 -31.53 16.81
CA VAL K 418 57.08 -33.12 19.65
CA ARG K 419 58.65 -30.28 21.63
CA SER K 420 56.07 -27.68 20.60
CA ALA K 421 52.94 -29.77 21.13
CA ASN K 422 51.06 -30.51 24.35
CA ALA K 423 52.93 -27.42 25.50
CA PHE L 6 -10.49 78.52 19.04
CA THR L 7 -12.38 78.40 21.92
CA LEU L 8 -15.63 76.62 22.72
CA THR L 9 -14.83 76.04 26.39
CA SER L 10 -13.67 78.22 29.30
CA PRO L 11 -11.42 77.87 32.41
CA TYR L 12 -12.98 76.16 35.44
CA LEU L 13 -12.26 75.88 39.17
CA GLY L 14 -11.04 72.81 41.01
CA THR L 15 -10.43 71.72 44.57
CA CYS L 16 -6.73 71.79 45.43
CA SER L 17 -4.74 70.55 48.42
CA TYR L 18 -2.24 73.40 48.82
CA CYS L 19 -2.59 77.00 47.63
CA HIS L 20 0.16 79.40 48.77
CA HIS L 21 -1.21 78.56 52.20
CA THR L 22 -0.82 74.88 53.04
CA VAL L 23 -4.60 74.73 53.56
CA PRO L 24 -6.52 73.02 50.70
CA CYS L 25 -8.48 75.55 48.66
CA PHE L 26 -10.84 75.84 45.71
CA SER L 27 -8.82 77.80 43.19
CA PRO L 28 -8.16 78.01 39.44
CA VAL L 29 -5.00 76.46 37.99
CA LYS L 30 -6.13 73.20 39.61
CA ILE L 31 -3.76 70.43 38.59
CA GLU L 32 -5.56 67.25 37.57
CA GLN L 33 -2.81 65.16 36.00
CA VAL L 34 0.86 65.28 35.04
CA TRP L 35 3.01 63.27 32.66
CA ASP L 36 6.55 62.23 33.49
CA GLU L 37 7.10 59.69 30.74
CA ALA L 38 9.60 61.21 28.34
CA ASP L 39 13.25 60.17 28.14
CA ASP L 40 13.94 63.87 27.95
CA ASN L 41 13.71 65.79 31.21
CA THR L 42 10.43 67.40 30.14
CA ILE L 43 7.02 67.49 31.83
CA ARG L 44 3.42 67.78 30.64
CA ILE L 45 1.01 69.49 33.05
CA GLN L 46 -2.80 69.64 32.95
CA THR L 47 -4.40 72.68 34.59
CA SER L 48 -7.89 74.18 34.79
CA ALA L 49 -6.97 77.63 33.45
CA GLN L 50 -6.98 78.46 29.74
CA PHE L 51 -4.14 80.06 27.79
CA GLY L 52 -3.49 81.53 24.35
CA TYR L 53 -6.68 83.56 24.55
CA ASP L 54 -8.28 86.40 26.52
CA GLN L 55 -11.56 86.40 28.45
CA SER L 56 -13.43 85.05 25.41
CA GLY L 57 -12.76 83.58 21.98
CA ALA L 58 -9.25 82.60 20.87
CA ALA L 59 -6.74 85.44 21.04
CA SER L 60 -3.19 84.19 20.50
CA ALA L 61 0.35 85.20 21.41
CA ASN L 62 0.77 85.55 25.18
CA LYS L 63 -2.58 85.73 26.96
CA TYR L 64 -4.47 83.46 29.36
CA ARG L 65 -7.85 83.52 31.12
CA TYR L 66 -9.32 81.93 34.22
CA MET L 67 -12.22 82.07 36.66
CA SER L 68 -12.39 84.60 39.48
CA LEU L 69 -11.46 84.56 43.13
CA LYS L 70 -15.21 84.45 43.68
CA GLN L 71 -17.84 82.36 41.90
CA ASP L 72 -19.21 85.27 39.81
CA HIS L 73 -18.28 83.19 36.77
CA THR L 74 -16.37 86.32 35.85
CA VAL L 75 -13.77 85.17 33.35
CA LYS L 76 -11.02 87.77 33.74
CA GLU L 77 -7.76 87.62 31.81
CA GLY L 78 -4.13 88.58 32.20
CA THR L 79 -0.88 88.29 30.28
CA MET L 80 0.86 84.95 29.59
CA ASP L 81 3.87 86.62 31.05
CA ASP L 82 3.24 86.41 34.77
CA ILE L 83 2.49 82.68 34.86
CA LYS L 84 5.41 80.65 36.16
CA ILE L 85 5.94 76.99 37.01
CA SER L 86 8.01 75.56 39.85
CA THR L 87 8.67 72.27 41.60
CA SER L 88 11.57 72.76 43.98
CA GLY L 89 13.17 75.63 42.09
CA PRO L 90 12.83 77.46 38.79
CA CYS L 91 11.01 76.05 35.78
CA ARG L 92 10.79 77.50 32.31
CA ARG L 93 7.75 76.66 30.23
CA LEU L 94 8.04 75.96 26.54
CA SER L 95 4.62 75.78 24.89
CA TYR L 96 1.04 76.64 25.87
CA LYS L 97 -1.79 74.42 24.68
CA GLY L 98 -4.96 75.94 26.09
CA TYR L 99 -5.44 73.86 29.24
CA PHE L 100 -2.01 72.26 29.15
CA LEU L 101 1.52 73.25 30.09
CA LEU L 102 4.92 71.81 29.24
CA ALA L 103 8.30 72.67 30.74
CA LYS L 104 11.56 71.24 32.06
CA CYS L 105 11.17 71.24 35.64
CA PRO L 106 14.48 70.65 38.04
CA PRO L 107 14.32 68.05 40.84
CA GLY L 108 10.80 66.94 41.71
CA ASP L 109 8.88 66.08 44.87
CA SER L 110 5.80 68.16 44.11
CA VAL L 111 4.56 70.55 41.43
CA THR L 112 3.24 74.10 41.78
CA VAL L 113 1.63 76.25 39.10
CA SER L 114 0.67 79.83 39.86
CA ILE L 115 0.29 83.45 38.81
CA VAL L 116 2.30 86.20 40.52
CA SER L 117 0.87 89.43 39.13
CA SER L 118 2.19 91.36 42.06
CA ASN L 119 1.55 91.22 45.80
CA SER L 120 -1.57 89.08 45.51
CA ALA L 121 -1.77 85.76 43.66
CA THR L 122 -2.88 82.13 43.93
CA SER L 123 -1.21 78.76 43.28
CA CYS L 124 -2.24 75.10 43.25
CA THR L 125 0.40 72.45 43.91
CA LEU L 126 0.32 68.72 43.29
CA ALA L 127 1.86 65.90 45.23
CA ARG L 128 3.59 64.17 42.32
CA LYS L 129 7.12 62.74 42.36
CA ILE L 130 9.45 63.47 39.43
CA LYS L 131 12.81 61.83 38.88
CA PRO L 132 16.17 62.67 37.31
CA LYS L 133 16.03 61.30 33.79
CA PHE L 134 19.16 60.66 31.77
CA VAL L 135 18.89 58.47 28.71
CA GLY L 136 22.34 57.42 27.56
CA ARG L 137 24.71 55.16 29.46
CA GLU L 138 26.39 58.33 30.66
CA LYS L 139 25.11 60.41 33.53
CA TYR L 140 24.44 64.03 32.63
CA ASP L 141 22.39 66.88 34.05
CA LEU L 142 22.36 68.92 30.89
CA PRO L 143 22.61 67.97 27.21
CA PRO L 144 26.26 68.48 26.20
CA VAL L 145 27.09 71.11 23.58
CA HIS L 146 28.69 68.33 21.61
CA GLY L 147 27.95 64.66 22.10
CA LYS L 148 26.26 61.86 20.23
CA LYS L 149 22.75 61.59 18.81
CA ILE L 150 20.72 58.79 20.31
CA PRO L 151 17.17 57.46 19.86
CA CYS L 152 14.90 58.80 22.59
CA THR L 153 11.27 59.85 22.95
CA VAL L 154 10.10 63.33 24.00
CA TYR L 155 7.11 65.72 24.04
CA ASP L 156 6.19 67.82 20.98
CA ARG L 157 6.14 71.62 20.78
CA LEU L 158 3.64 73.20 18.39
CA LYS L 159 0.22 73.93 19.91
CA GLU L 160 -2.95 74.13 17.83
CA THR L 161 -5.01 70.99 17.24
CA THR L 162 -3.24 67.62 17.38
CA ALA L 163 -2.90 64.54 19.58
CA GLY L 164 -4.28 64.58 23.14
CA TYR L 165 -7.51 64.20 24.13
CA ILE L 166 -10.38 65.22 26.54
CA THR L 167 -13.91 66.78 27.19
CA MET L 168 -16.41 68.95 29.27
CA HIS L 169 -19.98 69.65 30.51
CA ARG L 170 -22.04 72.03 32.58
CA PRO L 171 -20.91 72.94 36.03
CA ARG L 172 -22.51 71.67 39.24
CA PRO L 173 -24.68 73.88 41.33
CA HIS L 174 -22.20 76.13 43.01
CA ALA L 175 -23.05 76.67 46.65
CA TYR L 176 -23.08 80.01 48.45
CA THR L 177 -24.31 80.66 51.99
CA SER L 178 -24.95 84.37 51.44
CA TYR L 179 -28.14 83.78 49.52
CA LEU L 180 -30.09 82.66 52.60
CA GLU L 181 -31.04 85.06 55.35
CA GLU L 182 -32.77 84.36 58.61
CA SER L 183 -35.67 86.67 58.88
CA SER L 184 -37.11 86.13 62.27
CA GLY L 185 -39.00 82.91 61.93
CA LYS L 186 -38.61 82.71 58.19
CA VAL L 187 -35.79 82.22 55.76
CA TYR L 188 -35.61 84.37 52.72
CA ALA L 189 -33.55 83.66 49.65
CA LYS L 190 -32.14 86.64 47.88
CA PRO L 191 -31.46 85.80 44.27
CA PRO L 192 -30.67 89.23 42.68
CA SER L 193 -28.36 88.62 39.76
CA GLY L 194 -31.09 87.28 37.60
CA LYS L 195 -29.40 84.00 38.29
CA ASN L 196 -31.37 80.91 38.94
CA ILE L 197 -30.97 79.56 42.42
CA THR L 198 -31.74 76.08 43.57
CA TYR L 199 -32.92 75.61 47.13
CA GLU L 200 -33.61 72.70 49.46
CA CYS L 201 -34.72 72.81 53.07
CA LYS L 202 -35.72 70.43 55.86
CA CYS L 203 -38.88 72.30 56.84
CA GLY L 204 -42.31 71.60 55.35
CA ASP L 205 -44.15 73.46 52.62
CA TYR L 206 -42.03 73.80 49.52
CA LYS L 207 -38.73 72.17 50.15
CA THR L 208 -37.16 72.58 46.76
CA GLY L 209 -37.38 74.12 43.32
CA THR L 210 -35.39 76.31 41.02
CA VAL L 211 -36.31 79.91 41.47
CA SER L 212 -35.64 82.97 39.35
CA THR L 213 -37.02 85.37 41.90
CA ARG L 214 -36.67 85.98 45.61
CA THR L 215 -38.53 83.49 47.72
CA GLU L 216 -39.39 82.97 51.34
CA ILE L 217 -39.83 79.83 53.37
CA THR L 218 -42.06 80.28 56.36
CA GLY L 219 -41.74 78.59 59.67
CA CYS L 220 -38.31 77.58 58.77
CA THR L 221 -35.60 77.77 61.28
CA ALA L 222 -31.86 77.65 61.11
CA ILE L 223 -30.26 78.87 57.95
CA LYS L 224 -28.34 75.66 58.30
CA GLN L 225 -31.64 73.88 57.84
CA CYS L 226 -31.71 75.15 54.26
CA VAL L 227 -29.14 74.99 51.46
CA ALA L 228 -28.96 76.89 48.22
CA TYR L 229 -26.89 78.17 45.36
CA LYS L 230 -26.36 79.23 41.76
CA SER L 231 -27.11 77.01 38.85
CA ASP L 232 -24.69 77.63 36.02
CA GLN L 233 -26.26 76.60 32.70
CA THR L 234 -24.46 79.20 30.57
CA LYS L 235 -20.82 78.22 30.49
CA TRP L 236 -18.95 74.98 29.98
CA VAL L 237 -16.54 73.27 32.36
CA PHE L 238 -14.10 70.33 32.10
CA ASN L 239 -15.22 66.77 32.78
CA SER L 240 -13.23 66.33 35.96
CA PRO L 241 -13.20 63.67 38.57
CA ASP L 242 -12.78 66.03 41.48
CA LEU L 243 -15.76 68.05 40.39
CA ILE L 244 -19.21 66.56 40.88
CA ARG L 245 -21.59 65.72 38.08
CA HIS L 246 -24.55 67.97 37.57
CA ASP L 247 -27.89 66.80 38.86
CA ASP L 248 -29.70 67.52 35.64
CA HIS L 249 -27.51 65.06 33.94
CA THR L 250 -27.46 65.36 30.20
CA ALA L 251 -24.99 65.28 27.39
CA GLN L 252 -21.46 66.50 27.48
CA GLY L 253 -19.83 68.56 24.79
CA LYS L 254 -16.29 68.45 23.35
CA LEU L 255 -13.33 68.51 23.52
CA HIS L 256 -9.54 68.49 24.28
CA LEU L 257 -5.85 67.79 23.34
CA PRO L 258 -2.14 67.65 24.47
CA PHE L 259 1.57 67.53 23.43
CA LYS L 260 1.98 64.10 21.81
CA LEU L 261 4.96 61.85 22.53
CA ILE L 262 7.23 61.43 19.50
CA PRO L 263 10.45 59.41 19.18
CA SER L 264 13.45 61.48 18.10
CA THR L 265 17.04 62.35 19.02
CA CYS L 266 18.57 63.34 22.34
CA MET L 267 22.19 64.31 22.70
CA VAL L 268 24.00 62.12 25.19
CA PRO L 269 27.63 62.86 26.16
CA VAL L 270 30.42 60.54 25.08
CA ALA L 271 33.01 59.35 27.58
CA HIS L 272 36.78 59.81 27.68
CA ALA L 273 38.17 56.87 25.72
CA PRO L 274 39.75 54.39 28.15
CA ASN L 275 43.48 54.06 27.82
CA VAL L 276 43.64 50.34 27.05
CA ILE L 277 46.53 48.02 27.65
CA HIS L 278 46.71 44.67 25.87
CA GLY L 279 48.71 41.89 27.50
CA PHE L 280 48.92 38.13 27.85
CA LYS L 281 45.26 37.13 27.72
CA HIS L 282 44.76 40.47 29.40
CA ILE L 283 43.11 43.87 29.10
CA SER L 284 43.60 46.43 31.84
CA LEU L 285 41.21 49.31 31.21
CA GLN L 286 42.48 52.62 32.56
CA LEU L 287 39.37 54.78 32.95
CA ASP L 288 38.97 58.42 33.97
CA THR L 289 35.50 59.97 33.79
CA ASP L 290 34.07 63.17 35.15
CA HIS L 291 30.72 61.44 35.59
CA LEU L 292 28.88 58.13 35.74
CA THR L 293 29.53 55.79 32.84
CA LEU L 294 28.26 52.24 32.47
CA LEU L 295 30.83 49.62 31.62
CA THR L 296 29.75 46.33 30.12
CA THR L 297 31.54 43.18 29.12
CA ARG L 298 30.88 39.68 27.86
CA ARG L 299 32.98 36.94 26.35
CA LEU L 300 32.63 36.01 22.71
CA GLY L 301 32.59 32.27 23.38
CA ALA L 302 30.04 30.30 25.36
CA ASN L 303 30.16 31.24 29.00
CA PRO L 304 30.23 35.04 28.45
CA GLU L 305 30.06 35.74 32.19
CA PRO L 306 28.57 39.14 31.32
CA THR L 307 29.61 42.01 33.58
CA THR L 308 28.00 45.38 34.16
CA GLU L 309 29.23 48.15 36.46
CA TRP L 310 28.90 51.92 36.73
CA ILE L 311 32.15 53.72 37.22
CA VAL L 312 33.25 57.21 38.22
CA GLY L 313 36.50 59.02 38.31
CA LYS L 314 39.70 57.05 38.21
CA THR L 315 40.23 53.34 38.27
CA VAL L 316 41.66 50.45 36.35
CA ARG L 317 39.86 47.25 35.45
CA ASN L 318 41.53 44.25 33.89
CA PHE L 319 39.60 41.40 32.23
CA THR L 320 40.30 38.05 31.15
CA VAL L 321 40.75 37.36 27.19
CA ASP L 322 39.40 33.82 27.03
CA ARG L 323 41.14 33.16 23.72
CA ASP L 324 37.84 33.95 22.00
CA GLY L 325 38.35 37.57 22.96
CA LEU L 326 35.58 39.69 24.44
CA GLU L 327 33.46 42.74 23.80
CA TYR L 328 33.26 45.80 26.00
CA ILE L 329 30.84 48.69 25.71
CA TRP L 330 31.83 51.71 27.74
CA GLY L 331 29.36 54.52 28.39
CA ASN L 332 27.35 54.73 25.15
CA HIS L 333 30.54 54.40 23.19
CA GLU L 334 30.57 51.97 20.58
CA PRO L 335 31.07 48.63 21.45
CA VAL L 336 34.63 47.50 20.77
CA ARG L 337 35.82 43.97 21.20
CA VAL L 338 39.34 42.74 21.75
CA TYR L 339 41.02 39.42 21.00
CA ALA L 340 44.32 37.72 21.79
CA GLN L 341 46.99 36.69 19.29
CA GLU L 342 47.92 38.92 20.85
CA SER L 343 49.29 37.30 23.01
CA ALA L 344 51.31 33.42 23.92
CA PRO L 345 51.43 29.82 25.68
CA GLY L 346 51.89 25.90 25.77
CA ASP L 347 54.66 26.41 23.23
CA PRO L 348 56.98 27.37 26.10
CA HIS L 349 55.77 24.54 28.38
CA GLY L 350 55.96 21.95 25.55
CA TRP L 351 59.39 23.15 24.43
CA PRO L 352 60.04 20.27 26.84
CA HIS L 353 57.72 18.22 29.05
CA GLU L 354 54.04 19.67 29.07
CA ILE L 355 52.37 21.59 29.69
CA VAL L 356 49.68 24.17 30.44
CA GLN L 357 48.46 23.23 29.14
CA HIS L 358 48.30 22.23 32.84
CA TYR L 359 45.87 19.35 32.12
CA TYR L 360 47.89 18.17 29.09
CA HIS L 361 51.22 18.52 30.96
CA ARG L 362 49.82 16.84 34.11
CA HIS L 363 48.13 14.06 32.08
CA PRO L 364 51.21 13.55 29.87
CA VAL L 365 53.59 13.64 32.88
CA TYR L 366 53.11 11.93 33.66
CA THR L 367 52.23 9.35 30.98
CA ILE L 368 55.86 9.07 29.81
CA LEU L 369 57.19 8.91 33.40
CA ALA L 370 54.48 6.42 34.47
CA VAL L 371 54.94 4.30 31.31
CA ALA L 372 58.76 4.43 31.58
CA SER L 373 58.71 3.71 35.33
CA ALA L 374 56.11 0.92 34.94
CA THR L 375 57.93 -0.57 31.92
CA VAL L 376 61.35 -0.27 33.62
CA ALA L 377 60.02 -1.64 36.94
CA MET L 378 58.09 -4.46 35.19
CA MET L 379 61.05 -5.30 32.90
CA ILE L 380 63.56 -5.11 35.79
CA GLY L 381 61.28 -7.12 38.13
CA VAL L 382 60.46 -9.69 35.41
CA THR L 383 64.12 -9.94 34.32
CA VAL L 384 65.38 -10.14 37.93
CA ALA L 385 62.66 -12.65 38.92
CA VAL L 386 63.20 -14.73 35.76
CA LEU L 387 67.01 -14.59 36.09
CA CYS L 388 66.88 -15.33 39.85
CA ALA L 389 64.30 -18.13 39.37
CA CYS L 390 66.20 -19.59 36.38
CA LYS L 391 69.58 -19.29 38.15
CA ALA L 392 68.18 -20.70 41.43
CA ARG L 393 66.31 -23.52 39.63
CA ARG L 394 69.31 -24.32 37.39
CA GLU L 395 71.77 -24.15 40.33
CA CYS L 396 69.45 -26.18 42.61
CA LEU L 397 68.70 -28.73 39.85
CA THR L 398 72.38 -28.96 38.81
CA PRO L 399 73.56 -29.17 42.46
CA TYR L 400 70.80 -31.62 43.39
CA ALA L 401 73.50 -34.04 42.22
CA LEU L 402 75.49 -34.44 44.12
CA ALA L 403 75.83 -32.13 45.61
CA PRO L 404 77.45 -29.62 43.25
CA ASN L 405 76.18 -30.61 39.81
CA ALA L 406 75.78 -26.96 38.78
CA VAL L 407 78.78 -25.54 36.92
CA ILE L 408 79.47 -28.28 34.37
CA PRO L 409 76.17 -28.38 32.47
CA THR L 410 76.34 -24.89 30.96
CA SER L 411 80.11 -25.38 31.16
CA LEU L 412 79.73 -21.62 30.68
CA ALA L 413 76.03 -20.70 30.32
CA LEU L 414 75.20 -21.95 33.85
CA LEU L 415 78.29 -20.25 35.36
CA CYS L 416 77.67 -17.01 33.41
CA CYS L 417 73.93 -17.04 34.21
CA VAL L 418 74.00 -17.76 37.64
CA ARG L 419 77.15 -15.64 37.83
CA SER L 420 75.33 -12.32 37.38
CA ALA L 421 72.48 -12.91 39.81
CA ASN L 422 72.43 -12.55 43.60
CA ALA L 423 75.48 -10.39 42.87
#